data_361D
# 
_entry.id   361D 
# 
_audit_conform.dict_name       mmcif_pdbx.dic 
_audit_conform.dict_version    5.389 
_audit_conform.dict_location   http://mmcif.pdb.org/dictionaries/ascii/mmcif_pdbx.dic 
# 
loop_
_database_2.database_id 
_database_2.database_code 
_database_2.pdbx_database_accession 
_database_2.pdbx_DOI 
PDB   361D         pdb_0000361d 10.2210/pdb361d/pdb 
RCSB  URT068       ?            ?                   
WWPDB D_1000178831 ?            ?                   
# 
loop_
_pdbx_audit_revision_history.ordinal 
_pdbx_audit_revision_history.data_content_type 
_pdbx_audit_revision_history.major_revision 
_pdbx_audit_revision_history.minor_revision 
_pdbx_audit_revision_history.revision_date 
1 'Structure model' 1 0 1998-07-01 
2 'Structure model' 1 1 2008-05-22 
3 'Structure model' 1 2 2011-07-13 
4 'Structure model' 1 3 2024-02-21 
5 'Structure model' 1 4 2024-04-03 
# 
_pdbx_audit_revision_details.ordinal             1 
_pdbx_audit_revision_details.revision_ordinal    1 
_pdbx_audit_revision_details.data_content_type   'Structure model' 
_pdbx_audit_revision_details.provider            repository 
_pdbx_audit_revision_details.type                'Initial release' 
_pdbx_audit_revision_details.description         ? 
_pdbx_audit_revision_details.details             ? 
# 
loop_
_pdbx_audit_revision_group.ordinal 
_pdbx_audit_revision_group.revision_ordinal 
_pdbx_audit_revision_group.data_content_type 
_pdbx_audit_revision_group.group 
1 2 'Structure model' 'Version format compliance' 
2 3 'Structure model' 'Version format compliance' 
3 4 'Structure model' 'Data collection'           
4 4 'Structure model' 'Database references'       
5 5 'Structure model' 'Refinement description'    
# 
loop_
_pdbx_audit_revision_category.ordinal 
_pdbx_audit_revision_category.revision_ordinal 
_pdbx_audit_revision_category.data_content_type 
_pdbx_audit_revision_category.category 
1 4 'Structure model' chem_comp_atom                
2 4 'Structure model' chem_comp_bond                
3 4 'Structure model' database_2                    
4 4 'Structure model' diffrn_source                 
5 5 'Structure model' pdbx_initial_refinement_model 
# 
loop_
_pdbx_audit_revision_item.ordinal 
_pdbx_audit_revision_item.revision_ordinal 
_pdbx_audit_revision_item.data_content_type 
_pdbx_audit_revision_item.item 
1 4 'Structure model' '_database_2.pdbx_DOI'                 
2 4 'Structure model' '_database_2.pdbx_database_accession'  
3 4 'Structure model' '_diffrn_source.pdbx_synchrotron_site' 
# 
_pdbx_database_status.status_code                     REL 
_pdbx_database_status.entry_id                        361D 
_pdbx_database_status.recvd_initial_deposition_date   1997-11-10 
_pdbx_database_status.deposit_site                    NDB 
_pdbx_database_status.process_site                    NDB 
_pdbx_database_status.SG_entry                        . 
_pdbx_database_status.pdb_format_compatible           Y 
_pdbx_database_status.status_code_mr                  ? 
_pdbx_database_status.status_code_sf                  ? 
_pdbx_database_status.status_code_cs                  ? 
_pdbx_database_status.status_code_nmr_data            ? 
_pdbx_database_status.methods_development_category    ? 
# 
loop_
_audit_author.name 
_audit_author.pdbx_ordinal 
'Perbandt, M.'  1 
'Nolte, A.'     2 
'Lorenz, S.'    3 
'Erdmann, V.A.' 4 
'Betzel, C.'    5 
# 
_citation.id                        primary 
_citation.title                     
'Crystal structure of domain E of Thermus flavus 5S rRNA: a helical RNA structure including a hairpin loop.' 
_citation.journal_abbrev            'FEBS Lett.' 
_citation.journal_volume            429 
_citation.page_first                211 
_citation.page_last                 215 
_citation.year                      1998 
_citation.journal_id_ASTM           FEBLAL 
_citation.country                   NE 
_citation.journal_id_ISSN           0014-5793 
_citation.journal_id_CSD            0165 
_citation.book_publisher            ? 
_citation.pdbx_database_id_PubMed   9650592 
_citation.pdbx_database_id_DOI      '10.1016/S0014-5793(98)00436-0' 
# 
loop_
_citation_author.citation_id 
_citation_author.name 
_citation_author.ordinal 
_citation_author.identifier_ORCID 
primary 'Perbandt, M.'  1 ? 
primary 'Nolte, A.'     2 ? 
primary 'Lorenz, S.'    3 ? 
primary 'Bald, R.'      4 ? 
primary 'Betzel, C.'    5 ? 
primary 'Erdmann, V.A.' 6 ? 
# 
loop_
_entity.id 
_entity.type 
_entity.src_method 
_entity.pdbx_description 
_entity.formula_weight 
_entity.pdbx_number_of_molecules 
_entity.pdbx_ec 
_entity.pdbx_mutation 
_entity.pdbx_fragment 
_entity.details 
1 polymer syn 
;RNA (5'-R(*CP*UP*GP*GP*GP*CP*GP*GP*GP*CP*GP*AP*CP*CP*GP*CP*C P*UP*GP*G)-3')
;
6484.910 2   ? ? ? ? 
2 water   nat water                                                                         18.015   221 ? ? ? ? 
# 
_entity_name_com.entity_id   1 
_entity_name_com.name        'DOMAIN E OF THERMUS FLAVUS 5S RRNA' 
# 
_entity_poly.entity_id                      1 
_entity_poly.type                           polyribonucleotide 
_entity_poly.nstd_linkage                   no 
_entity_poly.nstd_monomer                   no 
_entity_poly.pdbx_seq_one_letter_code       CUGGGCGGGCGACCGCCUGG 
_entity_poly.pdbx_seq_one_letter_code_can   CUGGGCGGGCGACCGCCUGG 
_entity_poly.pdbx_strand_id                 A,B 
_entity_poly.pdbx_target_identifier         ? 
# 
_pdbx_entity_nonpoly.entity_id   2 
_pdbx_entity_nonpoly.name        water 
_pdbx_entity_nonpoly.comp_id     HOH 
# 
loop_
_entity_poly_seq.entity_id 
_entity_poly_seq.num 
_entity_poly_seq.mon_id 
_entity_poly_seq.hetero 
1 1  C n 
1 2  U n 
1 3  G n 
1 4  G n 
1 5  G n 
1 6  C n 
1 7  G n 
1 8  G n 
1 9  G n 
1 10 C n 
1 11 G n 
1 12 A n 
1 13 C n 
1 14 C n 
1 15 G n 
1 16 C n 
1 17 C n 
1 18 U n 
1 19 G n 
1 20 G n 
# 
loop_
_chem_comp.id 
_chem_comp.type 
_chem_comp.mon_nstd_flag 
_chem_comp.name 
_chem_comp.pdbx_synonyms 
_chem_comp.formula 
_chem_comp.formula_weight 
A   'RNA linking' y "ADENOSINE-5'-MONOPHOSPHATE" ? 'C10 H14 N5 O7 P' 347.221 
C   'RNA linking' y "CYTIDINE-5'-MONOPHOSPHATE"  ? 'C9 H14 N3 O8 P'  323.197 
G   'RNA linking' y "GUANOSINE-5'-MONOPHOSPHATE" ? 'C10 H14 N5 O8 P' 363.221 
HOH non-polymer   . WATER                        ? 'H2 O'            18.015  
U   'RNA linking' y "URIDINE-5'-MONOPHOSPHATE"   ? 'C9 H13 N2 O9 P'  324.181 
# 
loop_
_pdbx_poly_seq_scheme.asym_id 
_pdbx_poly_seq_scheme.entity_id 
_pdbx_poly_seq_scheme.seq_id 
_pdbx_poly_seq_scheme.mon_id 
_pdbx_poly_seq_scheme.ndb_seq_num 
_pdbx_poly_seq_scheme.pdb_seq_num 
_pdbx_poly_seq_scheme.auth_seq_num 
_pdbx_poly_seq_scheme.pdb_mon_id 
_pdbx_poly_seq_scheme.auth_mon_id 
_pdbx_poly_seq_scheme.pdb_strand_id 
_pdbx_poly_seq_scheme.pdb_ins_code 
_pdbx_poly_seq_scheme.hetero 
A 1 1  C 1  79 79 C C A . n 
A 1 2  U 2  80 80 U U A . n 
A 1 3  G 3  81 81 G G A . n 
A 1 4  G 4  82 82 G G A . n 
A 1 5  G 5  83 83 G G A . n 
A 1 6  C 6  84 84 C C A . n 
A 1 7  G 7  85 85 G G A . n 
A 1 8  G 8  86 86 G G A . n 
A 1 9  G 9  87 87 G G A . n 
A 1 10 C 10 88 88 C C A . n 
A 1 11 G 11 89 89 G G A . n 
A 1 12 A 12 89 89 A A A A n 
A 1 13 C 13 90 90 C C A . n 
A 1 14 C 14 91 91 C C A . n 
A 1 15 G 15 92 92 G G A . n 
A 1 16 C 16 93 93 C C A . n 
A 1 17 C 17 94 94 C C A . n 
A 1 18 U 18 95 95 U U A . n 
A 1 19 G 19 96 96 G G A . n 
A 1 20 G 20 97 97 G G A . n 
B 1 1  C 1  79 79 C C B . n 
B 1 2  U 2  80 80 U U B . n 
B 1 3  G 3  81 81 G G B . n 
B 1 4  G 4  82 82 G G B . n 
B 1 5  G 5  83 83 G G B . n 
B 1 6  C 6  84 84 C C B . n 
B 1 7  G 7  85 85 G G B . n 
B 1 8  G 8  86 86 G G B . n 
B 1 9  G 9  87 87 G G B . n 
B 1 10 C 10 88 88 C C B . n 
B 1 11 G 11 89 89 G G B . n 
B 1 12 A 12 89 89 A A B A n 
B 1 13 C 13 90 90 C C B . n 
B 1 14 C 14 91 91 C C B . n 
B 1 15 G 15 92 92 G G B . n 
B 1 16 C 16 93 93 C C B . n 
B 1 17 C 17 94 94 C C B . n 
B 1 18 U 18 95 95 U U B . n 
B 1 19 G 19 96 96 G G B . n 
B 1 20 G 20 97 97 G G B . n 
# 
loop_
_pdbx_nonpoly_scheme.asym_id 
_pdbx_nonpoly_scheme.entity_id 
_pdbx_nonpoly_scheme.mon_id 
_pdbx_nonpoly_scheme.ndb_seq_num 
_pdbx_nonpoly_scheme.pdb_seq_num 
_pdbx_nonpoly_scheme.auth_seq_num 
_pdbx_nonpoly_scheme.pdb_mon_id 
_pdbx_nonpoly_scheme.auth_mon_id 
_pdbx_nonpoly_scheme.pdb_strand_id 
_pdbx_nonpoly_scheme.pdb_ins_code 
C 2 HOH 1   101 101 HOH HOH A . 
C 2 HOH 2   102 102 HOH HOH A . 
C 2 HOH 3   103 103 HOH HOH A . 
C 2 HOH 4   104 104 HOH HOH A . 
C 2 HOH 5   105 105 HOH HOH A . 
C 2 HOH 6   106 106 HOH HOH A . 
C 2 HOH 7   107 107 HOH HOH A . 
C 2 HOH 8   110 110 HOH HOH A . 
C 2 HOH 9   111 111 HOH HOH A . 
C 2 HOH 10  112 112 HOH HOH A . 
C 2 HOH 11  113 113 HOH HOH A . 
C 2 HOH 12  114 114 HOH HOH A . 
C 2 HOH 13  115 115 HOH HOH A . 
C 2 HOH 14  116 116 HOH HOH A . 
C 2 HOH 15  117 117 HOH HOH A . 
C 2 HOH 16  118 118 HOH HOH A . 
C 2 HOH 17  119 119 HOH HOH A . 
C 2 HOH 18  120 120 HOH HOH A . 
C 2 HOH 19  121 121 HOH HOH A . 
C 2 HOH 20  122 122 HOH HOH A . 
C 2 HOH 21  123 123 HOH HOH A . 
C 2 HOH 22  124 124 HOH HOH A . 
C 2 HOH 23  125 125 HOH HOH A . 
C 2 HOH 24  126 126 HOH HOH A . 
C 2 HOH 25  127 127 HOH HOH A . 
C 2 HOH 26  128 128 HOH HOH A . 
C 2 HOH 27  129 129 HOH HOH A . 
C 2 HOH 28  130 130 HOH HOH A . 
C 2 HOH 29  131 131 HOH HOH A . 
C 2 HOH 30  132 132 HOH HOH A . 
C 2 HOH 31  134 134 HOH HOH A . 
C 2 HOH 32  136 136 HOH HOH A . 
C 2 HOH 33  137 137 HOH HOH A . 
C 2 HOH 34  138 138 HOH HOH A . 
C 2 HOH 35  139 139 HOH HOH A . 
C 2 HOH 36  140 140 HOH HOH A . 
C 2 HOH 37  141 141 HOH HOH A . 
C 2 HOH 38  142 142 HOH HOH A . 
C 2 HOH 39  143 143 HOH HOH A . 
C 2 HOH 40  144 144 HOH HOH A . 
C 2 HOH 41  145 145 HOH HOH A . 
C 2 HOH 42  146 146 HOH HOH A . 
C 2 HOH 43  147 147 HOH HOH A . 
C 2 HOH 44  148 148 HOH HOH A . 
C 2 HOH 45  149 149 HOH HOH A . 
C 2 HOH 46  150 150 HOH HOH A . 
C 2 HOH 47  151 151 HOH HOH A . 
C 2 HOH 48  152 152 HOH HOH A . 
C 2 HOH 49  155 155 HOH HOH A . 
C 2 HOH 50  156 156 HOH HOH A . 
C 2 HOH 51  157 157 HOH HOH A . 
C 2 HOH 52  158 158 HOH HOH A . 
C 2 HOH 53  159 159 HOH HOH A . 
C 2 HOH 54  160 160 HOH HOH A . 
C 2 HOH 55  161 161 HOH HOH A . 
C 2 HOH 56  163 163 HOH HOH A . 
C 2 HOH 57  164 164 HOH HOH A . 
C 2 HOH 58  165 165 HOH HOH A . 
C 2 HOH 59  166 166 HOH HOH A . 
C 2 HOH 60  167 167 HOH HOH A . 
C 2 HOH 61  168 168 HOH HOH A . 
C 2 HOH 62  169 169 HOH HOH A . 
C 2 HOH 63  170 170 HOH HOH A . 
C 2 HOH 64  171 171 HOH HOH A . 
C 2 HOH 65  172 172 HOH HOH A . 
C 2 HOH 66  173 173 HOH HOH A . 
C 2 HOH 67  174 174 HOH HOH A . 
C 2 HOH 68  175 175 HOH HOH A . 
C 2 HOH 69  176 176 HOH HOH A . 
C 2 HOH 70  177 177 HOH HOH A . 
C 2 HOH 71  178 178 HOH HOH A . 
C 2 HOH 72  179 179 HOH HOH A . 
C 2 HOH 73  180 180 HOH HOH A . 
C 2 HOH 74  181 181 HOH HOH A . 
C 2 HOH 75  182 182 HOH HOH A . 
C 2 HOH 76  183 183 HOH HOH A . 
C 2 HOH 77  184 184 HOH HOH A . 
C 2 HOH 78  185 185 HOH HOH A . 
C 2 HOH 79  186 186 HOH HOH A . 
C 2 HOH 80  187 187 HOH HOH A . 
C 2 HOH 81  188 188 HOH HOH A . 
C 2 HOH 82  189 189 HOH HOH A . 
C 2 HOH 83  190 190 HOH HOH A . 
C 2 HOH 84  191 191 HOH HOH A . 
C 2 HOH 85  192 192 HOH HOH A . 
C 2 HOH 86  193 193 HOH HOH A . 
C 2 HOH 87  194 194 HOH HOH A . 
C 2 HOH 88  195 195 HOH HOH A . 
C 2 HOH 89  196 196 HOH HOH A . 
C 2 HOH 90  197 197 HOH HOH A . 
C 2 HOH 91  198 198 HOH HOH A . 
C 2 HOH 92  199 199 HOH HOH A . 
C 2 HOH 93  200 200 HOH HOH A . 
C 2 HOH 94  201 201 HOH HOH A . 
C 2 HOH 95  202 202 HOH HOH A . 
C 2 HOH 96  203 203 HOH HOH A . 
C 2 HOH 97  204 204 HOH HOH A . 
C 2 HOH 98  205 205 HOH HOH A . 
C 2 HOH 99  206 206 HOH HOH A . 
C 2 HOH 100 207 207 HOH HOH A . 
C 2 HOH 101 208 208 HOH HOH A . 
C 2 HOH 102 209 209 HOH HOH A . 
C 2 HOH 103 210 210 HOH HOH A . 
C 2 HOH 104 211 211 HOH HOH A . 
C 2 HOH 105 212 212 HOH HOH A . 
C 2 HOH 106 213 213 HOH HOH A . 
C 2 HOH 107 214 214 HOH HOH A . 
C 2 HOH 108 215 215 HOH HOH A . 
C 2 HOH 109 237 237 HOH HOH A . 
C 2 HOH 110 243 243 HOH HOH A . 
C 2 HOH 111 246 246 HOH HOH A . 
C 2 HOH 112 247 247 HOH HOH A . 
C 2 HOH 113 250 250 HOH HOH A . 
C 2 HOH 114 252 252 HOH HOH A . 
C 2 HOH 115 258 258 HOH HOH A . 
C 2 HOH 116 263 263 HOH HOH A . 
C 2 HOH 117 279 279 HOH HOH A . 
C 2 HOH 118 283 283 HOH HOH A . 
C 2 HOH 119 291 291 HOH HOH A . 
C 2 HOH 120 315 315 HOH HOH A . 
D 2 HOH 1   108 108 HOH HOH B . 
D 2 HOH 2   109 109 HOH HOH B . 
D 2 HOH 3   133 133 HOH HOH B . 
D 2 HOH 4   135 135 HOH HOH B . 
D 2 HOH 5   153 153 HOH HOH B . 
D 2 HOH 6   154 154 HOH HOH B . 
D 2 HOH 7   162 162 HOH HOH B . 
D 2 HOH 8   216 216 HOH HOH B . 
D 2 HOH 9   217 217 HOH HOH B . 
D 2 HOH 10  218 218 HOH HOH B . 
D 2 HOH 11  219 219 HOH HOH B . 
D 2 HOH 12  220 220 HOH HOH B . 
D 2 HOH 13  221 221 HOH HOH B . 
D 2 HOH 14  222 222 HOH HOH B . 
D 2 HOH 15  223 223 HOH HOH B . 
D 2 HOH 16  224 224 HOH HOH B . 
D 2 HOH 17  225 225 HOH HOH B . 
D 2 HOH 18  226 226 HOH HOH B . 
D 2 HOH 19  227 227 HOH HOH B . 
D 2 HOH 20  228 228 HOH HOH B . 
D 2 HOH 21  229 229 HOH HOH B . 
D 2 HOH 22  230 230 HOH HOH B . 
D 2 HOH 23  231 231 HOH HOH B . 
D 2 HOH 24  232 232 HOH HOH B . 
D 2 HOH 25  233 233 HOH HOH B . 
D 2 HOH 26  234 234 HOH HOH B . 
D 2 HOH 27  235 235 HOH HOH B . 
D 2 HOH 28  236 236 HOH HOH B . 
D 2 HOH 29  238 238 HOH HOH B . 
D 2 HOH 30  239 239 HOH HOH B . 
D 2 HOH 31  240 240 HOH HOH B . 
D 2 HOH 32  241 241 HOH HOH B . 
D 2 HOH 33  242 242 HOH HOH B . 
D 2 HOH 34  244 244 HOH HOH B . 
D 2 HOH 35  245 245 HOH HOH B . 
D 2 HOH 36  248 248 HOH HOH B . 
D 2 HOH 37  249 249 HOH HOH B . 
D 2 HOH 38  251 251 HOH HOH B . 
D 2 HOH 39  253 253 HOH HOH B . 
D 2 HOH 40  254 254 HOH HOH B . 
D 2 HOH 41  255 255 HOH HOH B . 
D 2 HOH 42  256 256 HOH HOH B . 
D 2 HOH 43  257 257 HOH HOH B . 
D 2 HOH 44  259 259 HOH HOH B . 
D 2 HOH 45  260 260 HOH HOH B . 
D 2 HOH 46  261 261 HOH HOH B . 
D 2 HOH 47  262 262 HOH HOH B . 
D 2 HOH 48  264 264 HOH HOH B . 
D 2 HOH 49  265 265 HOH HOH B . 
D 2 HOH 50  266 266 HOH HOH B . 
D 2 HOH 51  267 267 HOH HOH B . 
D 2 HOH 52  268 268 HOH HOH B . 
D 2 HOH 53  269 269 HOH HOH B . 
D 2 HOH 54  270 270 HOH HOH B . 
D 2 HOH 55  271 271 HOH HOH B . 
D 2 HOH 56  272 272 HOH HOH B . 
D 2 HOH 57  273 273 HOH HOH B . 
D 2 HOH 58  274 274 HOH HOH B . 
D 2 HOH 59  275 275 HOH HOH B . 
D 2 HOH 60  276 276 HOH HOH B . 
D 2 HOH 61  277 277 HOH HOH B . 
D 2 HOH 62  278 278 HOH HOH B . 
D 2 HOH 63  280 280 HOH HOH B . 
D 2 HOH 64  281 281 HOH HOH B . 
D 2 HOH 65  282 282 HOH HOH B . 
D 2 HOH 66  284 284 HOH HOH B . 
D 2 HOH 67  285 285 HOH HOH B . 
D 2 HOH 68  286 286 HOH HOH B . 
D 2 HOH 69  287 287 HOH HOH B . 
D 2 HOH 70  288 288 HOH HOH B . 
D 2 HOH 71  289 289 HOH HOH B . 
D 2 HOH 72  290 290 HOH HOH B . 
D 2 HOH 73  292 292 HOH HOH B . 
D 2 HOH 74  293 293 HOH HOH B . 
D 2 HOH 75  294 294 HOH HOH B . 
D 2 HOH 76  295 295 HOH HOH B . 
D 2 HOH 77  296 296 HOH HOH B . 
D 2 HOH 78  297 297 HOH HOH B . 
D 2 HOH 79  298 298 HOH HOH B . 
D 2 HOH 80  299 299 HOH HOH B . 
D 2 HOH 81  300 300 HOH HOH B . 
D 2 HOH 82  301 301 HOH HOH B . 
D 2 HOH 83  302 302 HOH HOH B . 
D 2 HOH 84  303 303 HOH HOH B . 
D 2 HOH 85  304 304 HOH HOH B . 
D 2 HOH 86  305 305 HOH HOH B . 
D 2 HOH 87  306 306 HOH HOH B . 
D 2 HOH 88  307 307 HOH HOH B . 
D 2 HOH 89  308 308 HOH HOH B . 
D 2 HOH 90  309 309 HOH HOH B . 
D 2 HOH 91  310 310 HOH HOH B . 
D 2 HOH 92  311 311 HOH HOH B . 
D 2 HOH 93  312 312 HOH HOH B . 
D 2 HOH 94  313 313 HOH HOH B . 
D 2 HOH 95  314 314 HOH HOH B . 
D 2 HOH 96  316 316 HOH HOH B . 
D 2 HOH 97  317 317 HOH HOH B . 
D 2 HOH 98  318 318 HOH HOH B . 
D 2 HOH 99  319 319 HOH HOH B . 
D 2 HOH 100 320 320 HOH HOH B . 
D 2 HOH 101 321 321 HOH HOH B . 
# 
loop_
_pdbx_unobs_or_zero_occ_atoms.id 
_pdbx_unobs_or_zero_occ_atoms.PDB_model_num 
_pdbx_unobs_or_zero_occ_atoms.polymer_flag 
_pdbx_unobs_or_zero_occ_atoms.occupancy_flag 
_pdbx_unobs_or_zero_occ_atoms.auth_asym_id 
_pdbx_unobs_or_zero_occ_atoms.auth_comp_id 
_pdbx_unobs_or_zero_occ_atoms.auth_seq_id 
_pdbx_unobs_or_zero_occ_atoms.PDB_ins_code 
_pdbx_unobs_or_zero_occ_atoms.auth_atom_id 
_pdbx_unobs_or_zero_occ_atoms.label_alt_id 
_pdbx_unobs_or_zero_occ_atoms.label_asym_id 
_pdbx_unobs_or_zero_occ_atoms.label_comp_id 
_pdbx_unobs_or_zero_occ_atoms.label_seq_id 
_pdbx_unobs_or_zero_occ_atoms.label_atom_id 
1 1 Y 0 A G 97 ? P   ? A G 20 P   
2 1 Y 0 A G 97 ? OP1 ? A G 20 OP1 
3 1 Y 0 A G 97 ? OP2 ? A G 20 OP2 
# 
loop_
_software.name 
_software.classification 
_software.version 
_software.citation_id 
_software.pdbx_ordinal 
AMoRE     phasing          . ? 1 
X-PLOR    refinement       . ? 2 
DENZO     'data reduction' . ? 3 
SCALEPACK 'data scaling'   . ? 4 
# 
_cell.entry_id           361D 
_cell.length_a           42.680 
_cell.length_b           42.680 
_cell.length_c           161.200 
_cell.angle_alpha        90.00 
_cell.angle_beta         90.00 
_cell.angle_gamma        120.00 
_cell.Z_PDB              12 
_cell.pdbx_unique_axis   ? 
# 
_symmetry.entry_id                         361D 
_symmetry.space_group_name_H-M             'P 32 2 1' 
_symmetry.pdbx_full_space_group_name_H-M   ? 
_symmetry.cell_setting                     ? 
_symmetry.Int_Tables_number                154 
# 
_exptl.entry_id          361D 
_exptl.method            'X-RAY DIFFRACTION' 
_exptl.crystals_number   1 
# 
_exptl_crystal.id                    1 
_exptl_crystal.density_meas          ? 
_exptl_crystal.density_Matthews      3.20 
_exptl_crystal.density_percent_sol   54.0000 
_exptl_crystal.description           ? 
# 
_exptl_crystal_grow.crystal_id      1 
_exptl_crystal_grow.method          ? 
_exptl_crystal_grow.temp            ? 
_exptl_crystal_grow.temp_details    ? 
_exptl_crystal_grow.pH              7.00 
_exptl_crystal_grow.pdbx_details    'pH 7.00' 
_exptl_crystal_grow.pdbx_pH_range   ? 
# 
_diffrn.id                     1 
_diffrn.ambient_temp           277.00 
_diffrn.ambient_temp_details   ? 
_diffrn.crystal_id             1 
# 
_diffrn_detector.diffrn_id              1 
_diffrn_detector.detector               'IMAGE PLATE' 
_diffrn_detector.type                   MARRESEARCH 
_diffrn_detector.pdbx_collection_date   1995-01-01 
_diffrn_detector.details                ? 
# 
_diffrn_radiation.diffrn_id                        1 
_diffrn_radiation.wavelength_id                    1 
_diffrn_radiation.pdbx_monochromatic_or_laue_m_l   M 
_diffrn_radiation.monochromator                    ? 
_diffrn_radiation.pdbx_diffrn_protocol             'SINGLE WAVELENGTH' 
_diffrn_radiation.pdbx_scattering_type             x-ray 
# 
_diffrn_radiation_wavelength.id           1 
_diffrn_radiation_wavelength.wavelength   . 
_diffrn_radiation_wavelength.wt           1.0 
# 
_diffrn_source.diffrn_id                   1 
_diffrn_source.source                      SYNCHROTRON 
_diffrn_source.type                        'EMBL/DESY, HAMBURG BEAMLINE X11' 
_diffrn_source.pdbx_synchrotron_site       'EMBL/DESY, HAMBURG' 
_diffrn_source.pdbx_synchrotron_beamline   X11 
_diffrn_source.pdbx_wavelength             ? 
_diffrn_source.pdbx_wavelength_list        ? 
# 
_reflns.entry_id                     361D 
_reflns.observed_criterion_sigma_I   3.000 
_reflns.observed_criterion_sigma_F   ? 
_reflns.d_resolution_low             30.000 
_reflns.d_resolution_high            2.800 
_reflns.number_obs                   4702 
_reflns.number_all                   ? 
_reflns.percent_possible_obs         93.600 
_reflns.pdbx_Rmerge_I_obs            0.0720000 
_reflns.pdbx_Rsym_value              0.0720000 
_reflns.pdbx_netI_over_sigmaI        8.7500 
_reflns.B_iso_Wilson_estimate        ? 
_reflns.pdbx_redundancy              2.250 
_reflns.R_free_details               ? 
_reflns.pdbx_diffrn_id               1 
_reflns.pdbx_ordinal                 1 
# 
_reflns_shell.d_res_high             2.800 
_reflns_shell.d_res_low              2.900 
_reflns_shell.percent_possible_all   96.00 
_reflns_shell.Rmerge_I_obs           0.4480000 
_reflns_shell.pdbx_Rsym_value        0.4480000 
_reflns_shell.meanI_over_sigI_obs    1.860 
_reflns_shell.pdbx_redundancy        1.870 
_reflns_shell.percent_possible_obs   ? 
_reflns_shell.number_unique_all      ? 
_reflns_shell.pdbx_diffrn_id         ? 
_reflns_shell.pdbx_ordinal           1 
# 
_refine.entry_id                                 361D 
_refine.ls_number_reflns_obs                     3667 
_refine.ls_number_reflns_all                     ? 
_refine.pdbx_ls_sigma_I                          ? 
_refine.pdbx_ls_sigma_F                          0.000 
_refine.pdbx_data_cutoff_high_absF               ? 
_refine.pdbx_data_cutoff_low_absF                ? 
_refine.pdbx_data_cutoff_high_rms_absF           ? 
_refine.ls_d_res_low                             15.000 
_refine.ls_d_res_high                            3.000 
_refine.ls_percent_reflns_obs                    97.100 
_refine.ls_R_factor_obs                          0.2410000 
_refine.ls_R_factor_all                          ? 
_refine.ls_R_factor_R_work                       0.2410000 
_refine.ls_R_factor_R_free                       0.3180000 
_refine.ls_R_factor_R_free_error                 0.023 
_refine.ls_R_factor_R_free_error_details         ? 
_refine.ls_percent_reflns_R_free                 5.000 
_refine.ls_number_reflns_R_free                  183 
_refine.ls_number_parameters                     ? 
_refine.ls_number_restraints                     ? 
_refine.occupancy_min                            ? 
_refine.occupancy_max                            ? 
_refine.B_iso_mean                               30.40 
_refine.aniso_B[1][1]                            ? 
_refine.aniso_B[2][2]                            ? 
_refine.aniso_B[3][3]                            ? 
_refine.aniso_B[1][2]                            ? 
_refine.aniso_B[1][3]                            ? 
_refine.aniso_B[2][3]                            ? 
_refine.solvent_model_details                    ? 
_refine.solvent_model_param_ksol                 ? 
_refine.solvent_model_param_bsol                 ? 
_refine.pdbx_ls_cross_valid_method               THROUGHOUT 
_refine.details                                  ? 
_refine.pdbx_starting_model                      '16NT FRAGMENT OF DOMAINA FROM 5SRNA' 
_refine.pdbx_method_to_determine_struct          ? 
_refine.pdbx_isotropic_thermal_model             ? 
_refine.pdbx_stereochemistry_target_values       ? 
_refine.pdbx_stereochem_target_val_spec_case     ? 
_refine.pdbx_R_Free_selection_details            RANDOM 
_refine.pdbx_overall_ESU_R                       ? 
_refine.pdbx_overall_ESU_R_Free                  ? 
_refine.overall_SU_ML                            ? 
_refine.overall_SU_B                             ? 
_refine.ls_redundancy_reflns_obs                 ? 
_refine.correlation_coeff_Fo_to_Fc               ? 
_refine.correlation_coeff_Fo_to_Fc_free          ? 
_refine.overall_SU_R_Cruickshank_DPI             ? 
_refine.overall_SU_R_free                        ? 
_refine.pdbx_refine_id                           'X-RAY DIFFRACTION' 
_refine.pdbx_diffrn_id                           1 
_refine.pdbx_TLS_residual_ADP_flag               ? 
_refine.pdbx_solvent_vdw_probe_radii             ? 
_refine.pdbx_solvent_ion_probe_radii             ? 
_refine.pdbx_solvent_shrinkage_radii             ? 
_refine.pdbx_overall_phase_error                 ? 
_refine.pdbx_overall_SU_R_free_Cruickshank_DPI   ? 
_refine.pdbx_overall_SU_R_Blow_DPI               ? 
_refine.pdbx_overall_SU_R_free_Blow_DPI          ? 
# 
_refine_analyze.entry_id                        361D 
_refine_analyze.Luzzati_coordinate_error_obs    0.45 
_refine_analyze.Luzzati_sigma_a_obs             ? 
_refine_analyze.Luzzati_d_res_low_obs           ? 
_refine_analyze.Luzzati_coordinate_error_free   ? 
_refine_analyze.Luzzati_sigma_a_free            ? 
_refine_analyze.Luzzati_d_res_low_free          ? 
_refine_analyze.number_disordered_residues      ? 
_refine_analyze.occupancy_sum_hydrogen          ? 
_refine_analyze.occupancy_sum_non_hydrogen      ? 
_refine_analyze.pdbx_refine_id                  'X-RAY DIFFRACTION' 
# 
_refine_hist.pdbx_refine_id                   'X-RAY DIFFRACTION' 
_refine_hist.cycle_id                         LAST 
_refine_hist.pdbx_number_atoms_protein        0 
_refine_hist.pdbx_number_atoms_nucleic_acid   858 
_refine_hist.pdbx_number_atoms_ligand         0 
_refine_hist.number_atoms_solvent             221 
_refine_hist.number_atoms_total               1079 
_refine_hist.d_res_high                       3.000 
_refine_hist.d_res_low                        15.000 
# 
loop_
_refine_ls_restr.type 
_refine_ls_restr.dev_ideal 
_refine_ls_restr.dev_ideal_target 
_refine_ls_restr.weight 
_refine_ls_restr.number 
_refine_ls_restr.pdbx_refine_id 
_refine_ls_restr.pdbx_restraint_function 
x_bond_d                0.010 ? ? ? 'X-RAY DIFFRACTION' ? 
x_bond_d_na             ?     ? ? ? 'X-RAY DIFFRACTION' ? 
x_bond_d_prot           ?     ? ? ? 'X-RAY DIFFRACTION' ? 
x_angle_d               ?     ? ? ? 'X-RAY DIFFRACTION' ? 
x_angle_d_na            ?     ? ? ? 'X-RAY DIFFRACTION' ? 
x_angle_d_prot          ?     ? ? ? 'X-RAY DIFFRACTION' ? 
x_angle_deg             1.73  ? ? ? 'X-RAY DIFFRACTION' ? 
x_angle_deg_na          ?     ? ? ? 'X-RAY DIFFRACTION' ? 
x_angle_deg_prot        ?     ? ? ? 'X-RAY DIFFRACTION' ? 
x_dihedral_angle_d      25.1  ? ? ? 'X-RAY DIFFRACTION' ? 
x_dihedral_angle_d_na   ?     ? ? ? 'X-RAY DIFFRACTION' ? 
x_dihedral_angle_d_prot ?     ? ? ? 'X-RAY DIFFRACTION' ? 
x_improper_angle_d      3.17  ? ? ? 'X-RAY DIFFRACTION' ? 
x_improper_angle_d_na   ?     ? ? ? 'X-RAY DIFFRACTION' ? 
x_improper_angle_d_prot ?     ? ? ? 'X-RAY DIFFRACTION' ? 
x_mcbond_it             ?     ? ? ? 'X-RAY DIFFRACTION' ? 
x_mcangle_it            ?     ? ? ? 'X-RAY DIFFRACTION' ? 
x_scbond_it             ?     ? ? ? 'X-RAY DIFFRACTION' ? 
x_scangle_it            ?     ? ? ? 'X-RAY DIFFRACTION' ? 
# 
_refine_ls_shell.pdbx_total_number_of_bins_used   8 
_refine_ls_shell.d_res_high                       3.00 
_refine_ls_shell.d_res_low                        3.30 
_refine_ls_shell.number_reflns_R_work             358 
_refine_ls_shell.R_factor_R_work                  0.3210000 
_refine_ls_shell.percent_reflns_obs               96.20 
_refine_ls_shell.R_factor_R_free                  0.3650000 
_refine_ls_shell.R_factor_R_free_error            0.06 
_refine_ls_shell.percent_reflns_R_free            5.00 
_refine_ls_shell.number_reflns_R_free             18 
_refine_ls_shell.redundancy_reflns_obs            ? 
_refine_ls_shell.pdbx_refine_id                   'X-RAY DIFFRACTION' 
_refine_ls_shell.number_reflns_all                ? 
_refine_ls_shell.R_factor_all                     ? 
# 
_pdbx_xplor_file.serial_no        1 
_pdbx_xplor_file.param_file       DNA-RNA.PARAM 
_pdbx_xplor_file.topol_file       DNA-RNA.TOP 
_pdbx_xplor_file.pdbx_refine_id   'X-RAY DIFFRACTION' 
# 
_struct.entry_id                  361D 
_struct.title                     
'CRYSTAL STRUCTURE OF DOMAIN E OF THERMUS FLAVUS 5S RRNA: A HELICAL RNA-STRUCTURE INCLUDING A TETRALOOP' 
_struct.pdbx_model_details        ? 
_struct.pdbx_CASP_flag            ? 
_struct.pdbx_model_type_details   ? 
# 
_struct_keywords.entry_id        361D 
_struct_keywords.pdbx_keywords   RNA 
_struct_keywords.text            'RNA, SINGLE STRAND, TETRALOOP, HAIRPIN, MISMATCHED' 
# 
loop_
_struct_asym.id 
_struct_asym.pdbx_blank_PDB_chainid_flag 
_struct_asym.pdbx_modified 
_struct_asym.entity_id 
_struct_asym.details 
A N N 1 ? 
B N N 1 ? 
C N N 2 ? 
D N N 2 ? 
# 
_struct_ref.id                         1 
_struct_ref.entity_id                  1 
_struct_ref.db_name                    PDB 
_struct_ref.db_code                    361D 
_struct_ref.pdbx_db_accession          361D 
_struct_ref.pdbx_db_isoform            ? 
_struct_ref.pdbx_seq_one_letter_code   ? 
_struct_ref.pdbx_align_begin           ? 
# 
loop_
_struct_ref_seq.align_id 
_struct_ref_seq.ref_id 
_struct_ref_seq.pdbx_PDB_id_code 
_struct_ref_seq.pdbx_strand_id 
_struct_ref_seq.seq_align_beg 
_struct_ref_seq.pdbx_seq_align_beg_ins_code 
_struct_ref_seq.seq_align_end 
_struct_ref_seq.pdbx_seq_align_end_ins_code 
_struct_ref_seq.pdbx_db_accession 
_struct_ref_seq.db_align_beg 
_struct_ref_seq.pdbx_db_align_beg_ins_code 
_struct_ref_seq.db_align_end 
_struct_ref_seq.pdbx_db_align_end_ins_code 
_struct_ref_seq.pdbx_auth_seq_align_beg 
_struct_ref_seq.pdbx_auth_seq_align_end 
1 1 361D A 1 ? 20 ? 361D 79 ? 97 ? 79 97 
2 1 361D B 1 ? 20 ? 361D 79 ? 97 ? 79 97 
# 
loop_
_pdbx_struct_assembly.id 
_pdbx_struct_assembly.details 
_pdbx_struct_assembly.method_details 
_pdbx_struct_assembly.oligomeric_details 
_pdbx_struct_assembly.oligomeric_count 
1 author_defined_assembly ? monomeric 1 
2 author_defined_assembly ? monomeric 1 
# 
loop_
_pdbx_struct_assembly_gen.assembly_id 
_pdbx_struct_assembly_gen.oper_expression 
_pdbx_struct_assembly_gen.asym_id_list 
1 1 A,C 
2 1 B,D 
# 
_pdbx_struct_oper_list.id                   1 
_pdbx_struct_oper_list.type                 'identity operation' 
_pdbx_struct_oper_list.name                 1_555 
_pdbx_struct_oper_list.symmetry_operation   x,y,z 
_pdbx_struct_oper_list.matrix[1][1]         1.0000000000 
_pdbx_struct_oper_list.matrix[1][2]         0.0000000000 
_pdbx_struct_oper_list.matrix[1][3]         0.0000000000 
_pdbx_struct_oper_list.vector[1]            0.0000000000 
_pdbx_struct_oper_list.matrix[2][1]         0.0000000000 
_pdbx_struct_oper_list.matrix[2][2]         1.0000000000 
_pdbx_struct_oper_list.matrix[2][3]         0.0000000000 
_pdbx_struct_oper_list.vector[2]            0.0000000000 
_pdbx_struct_oper_list.matrix[3][1]         0.0000000000 
_pdbx_struct_oper_list.matrix[3][2]         0.0000000000 
_pdbx_struct_oper_list.matrix[3][3]         1.0000000000 
_pdbx_struct_oper_list.vector[3]            0.0000000000 
# 
loop_
_struct_biol.id 
_struct_biol.pdbx_parent_biol_id 
_struct_biol.details 
1 ? ? 
2 ? ? 
# 
loop_
_struct_conn.id 
_struct_conn.conn_type_id 
_struct_conn.pdbx_leaving_atom_flag 
_struct_conn.pdbx_PDB_id 
_struct_conn.ptnr1_label_asym_id 
_struct_conn.ptnr1_label_comp_id 
_struct_conn.ptnr1_label_seq_id 
_struct_conn.ptnr1_label_atom_id 
_struct_conn.pdbx_ptnr1_label_alt_id 
_struct_conn.pdbx_ptnr1_PDB_ins_code 
_struct_conn.pdbx_ptnr1_standard_comp_id 
_struct_conn.ptnr1_symmetry 
_struct_conn.ptnr2_label_asym_id 
_struct_conn.ptnr2_label_comp_id 
_struct_conn.ptnr2_label_seq_id 
_struct_conn.ptnr2_label_atom_id 
_struct_conn.pdbx_ptnr2_label_alt_id 
_struct_conn.pdbx_ptnr2_PDB_ins_code 
_struct_conn.ptnr1_auth_asym_id 
_struct_conn.ptnr1_auth_comp_id 
_struct_conn.ptnr1_auth_seq_id 
_struct_conn.ptnr2_auth_asym_id 
_struct_conn.ptnr2_auth_comp_id 
_struct_conn.ptnr2_auth_seq_id 
_struct_conn.ptnr2_symmetry 
_struct_conn.pdbx_ptnr3_label_atom_id 
_struct_conn.pdbx_ptnr3_label_seq_id 
_struct_conn.pdbx_ptnr3_label_comp_id 
_struct_conn.pdbx_ptnr3_label_asym_id 
_struct_conn.pdbx_ptnr3_label_alt_id 
_struct_conn.pdbx_ptnr3_PDB_ins_code 
_struct_conn.details 
_struct_conn.pdbx_dist_value 
_struct_conn.pdbx_value_order 
_struct_conn.pdbx_role 
hydrog1  hydrog ? ? A U 2 O4 ? ? ? 1_555 A G 19 N1 ? ? A U 80 A G 96 1_555 ? ? ? ? ? ? 'U-G MISPAIR' ? ? ? 
hydrog2  hydrog ? ? A G 4 N1 ? ? ? 1_555 A C 17 O2 ? ? A G 82 A C 94 1_555 ? ? ? ? ? ? 'G-C PAIR'    ? ? ? 
hydrog3  hydrog ? ? A G 5 N1 ? ? ? 1_555 A C 16 N3 ? ? A G 83 A C 93 1_555 ? ? ? ? ? ? WATSON-CRICK  ? ? ? 
hydrog4  hydrog ? ? A G 5 N2 ? ? ? 1_555 A C 16 O2 ? ? A G 83 A C 93 1_555 ? ? ? ? ? ? WATSON-CRICK  ? ? ? 
hydrog5  hydrog ? ? A G 5 O6 ? ? ? 1_555 A C 16 N4 ? ? A G 83 A C 93 1_555 ? ? ? ? ? ? WATSON-CRICK  ? ? ? 
hydrog6  hydrog ? ? A G 5 N1 ? ? ? 1_555 A C 17 O2 ? ? A G 83 A C 94 1_555 ? ? ? ? ? ? 'G-C PAIR'    ? ? ? 
hydrog7  hydrog ? ? A C 6 N3 ? ? ? 1_555 A G 15 N1 ? ? A C 84 A G 92 1_555 ? ? ? ? ? ? WATSON-CRICK  ? ? ? 
hydrog8  hydrog ? ? A C 6 N4 ? ? ? 1_555 A G 15 O6 ? ? A C 84 A G 92 1_555 ? ? ? ? ? ? WATSON-CRICK  ? ? ? 
hydrog9  hydrog ? ? A C 6 O2 ? ? ? 1_555 A G 15 N2 ? ? A C 84 A G 92 1_555 ? ? ? ? ? ? WATSON-CRICK  ? ? ? 
hydrog10 hydrog ? ? A G 7 N1 ? ? ? 1_555 A C 14 N3 ? ? A G 85 A C 91 1_555 ? ? ? ? ? ? WATSON-CRICK  ? ? ? 
hydrog11 hydrog ? ? A G 7 N2 ? ? ? 1_555 A C 14 O2 ? ? A G 85 A C 91 1_555 ? ? ? ? ? ? WATSON-CRICK  ? ? ? 
hydrog12 hydrog ? ? A G 7 O6 ? ? ? 1_555 A C 14 N4 ? ? A G 85 A C 91 1_555 ? ? ? ? ? ? WATSON-CRICK  ? ? ? 
hydrog13 hydrog ? ? A G 8 N1 ? ? ? 1_555 A C 13 N3 ? ? A G 86 A C 90 1_555 ? ? ? ? ? ? WATSON-CRICK  ? ? ? 
hydrog14 hydrog ? ? A G 8 N2 ? ? ? 1_555 A C 13 O2 ? ? A G 86 A C 90 1_555 ? ? ? ? ? ? WATSON-CRICK  ? ? ? 
hydrog15 hydrog ? ? A G 8 O6 ? ? ? 1_555 A C 13 N4 ? ? A G 86 A C 90 1_555 ? ? ? ? ? ? WATSON-CRICK  ? ? ? 
hydrog16 hydrog ? ? A G 9 N3 ? ? ? 1_555 A A 12 N6 ? A A G 87 A A 89 1_555 ? ? ? ? ? ? 'G-A MISPAIR' ? ? ? 
hydrog17 hydrog ? ? A G 9 N1 ? ? ? 1_555 B G 20 O6 ? ? A G 87 B G 97 1_555 ? ? ? ? ? ? TYPE_3_PAIR   ? ? ? 
hydrog18 hydrog ? ? A G 9 O6 ? ? ? 1_555 B G 20 N1 ? ? A G 87 B G 97 1_555 ? ? ? ? ? ? TYPE_3_PAIR   ? ? ? 
hydrog19 hydrog ? ? B C 1 N4 ? ? ? 1_555 B G 20 N7 ? ? B C 79 B G 97 1_555 ? ? ? ? ? ? 'C-G PAIR'    ? ? ? 
hydrog20 hydrog ? ? B U 2 N3 ? ? ? 1_555 B G 19 O6 ? ? B U 80 B G 96 1_555 ? ? ? ? ? ? TYPE_28_PAIR  ? ? ? 
hydrog21 hydrog ? ? B U 2 O2 ? ? ? 1_555 B G 19 N1 ? ? B U 80 B G 96 1_555 ? ? ? ? ? ? TYPE_28_PAIR  ? ? ? 
hydrog22 hydrog ? ? B G 4 N1 ? ? ? 1_555 B C 17 O2 ? ? B G 82 B C 94 1_555 ? ? ? ? ? ? 'G-C PAIR'    ? ? ? 
hydrog23 hydrog ? ? B G 5 N1 ? ? ? 1_555 B C 16 N3 ? ? B G 83 B C 93 1_555 ? ? ? ? ? ? WATSON-CRICK  ? ? ? 
hydrog24 hydrog ? ? B G 5 N2 ? ? ? 1_555 B C 16 O2 ? ? B G 83 B C 93 1_555 ? ? ? ? ? ? WATSON-CRICK  ? ? ? 
hydrog25 hydrog ? ? B G 5 O6 ? ? ? 1_555 B C 16 N4 ? ? B G 83 B C 93 1_555 ? ? ? ? ? ? WATSON-CRICK  ? ? ? 
hydrog26 hydrog ? ? B C 6 N3 ? ? ? 1_555 B G 15 N1 ? ? B C 84 B G 92 1_555 ? ? ? ? ? ? WATSON-CRICK  ? ? ? 
hydrog27 hydrog ? ? B C 6 N4 ? ? ? 1_555 B G 15 O6 ? ? B C 84 B G 92 1_555 ? ? ? ? ? ? WATSON-CRICK  ? ? ? 
hydrog28 hydrog ? ? B C 6 O2 ? ? ? 1_555 B G 15 N2 ? ? B C 84 B G 92 1_555 ? ? ? ? ? ? WATSON-CRICK  ? ? ? 
hydrog29 hydrog ? ? B G 7 N1 ? ? ? 1_555 B C 14 N3 ? ? B G 85 B C 91 1_555 ? ? ? ? ? ? WATSON-CRICK  ? ? ? 
hydrog30 hydrog ? ? B G 7 N2 ? ? ? 1_555 B C 14 O2 ? ? B G 85 B C 91 1_555 ? ? ? ? ? ? WATSON-CRICK  ? ? ? 
hydrog31 hydrog ? ? B G 7 O6 ? ? ? 1_555 B C 14 N4 ? ? B G 85 B C 91 1_555 ? ? ? ? ? ? WATSON-CRICK  ? ? ? 
hydrog32 hydrog ? ? B G 8 N1 ? ? ? 1_555 B C 13 N3 ? ? B G 86 B C 90 1_555 ? ? ? ? ? ? WATSON-CRICK  ? ? ? 
hydrog33 hydrog ? ? B G 8 N2 ? ? ? 1_555 B C 13 O2 ? ? B G 86 B C 90 1_555 ? ? ? ? ? ? WATSON-CRICK  ? ? ? 
hydrog34 hydrog ? ? B G 8 O6 ? ? ? 1_555 B C 13 N4 ? ? B G 86 B C 90 1_555 ? ? ? ? ? ? WATSON-CRICK  ? ? ? 
hydrog35 hydrog ? ? B G 9 N3 ? ? ? 1_555 B A 12 N6 ? A B G 87 B A 89 1_555 ? ? ? ? ? ? 'G-A MISPAIR' ? ? ? 
# 
_struct_conn_type.id          hydrog 
_struct_conn_type.criteria    ? 
_struct_conn_type.reference   ? 
# 
_pdbx_validate_close_contact.id               1 
_pdbx_validate_close_contact.PDB_model_num    1 
_pdbx_validate_close_contact.auth_atom_id_1   N3 
_pdbx_validate_close_contact.auth_asym_id_1   B 
_pdbx_validate_close_contact.auth_comp_id_1   G 
_pdbx_validate_close_contact.auth_seq_id_1    89 
_pdbx_validate_close_contact.PDB_ins_code_1   ? 
_pdbx_validate_close_contact.label_alt_id_1   ? 
_pdbx_validate_close_contact.auth_atom_id_2   O 
_pdbx_validate_close_contact.auth_asym_id_2   B 
_pdbx_validate_close_contact.auth_comp_id_2   HOH 
_pdbx_validate_close_contact.auth_seq_id_2    310 
_pdbx_validate_close_contact.PDB_ins_code_2   ? 
_pdbx_validate_close_contact.label_alt_id_2   ? 
_pdbx_validate_close_contact.dist             2.18 
# 
loop_
_pdbx_validate_rmsd_angle.id 
_pdbx_validate_rmsd_angle.PDB_model_num 
_pdbx_validate_rmsd_angle.auth_atom_id_1 
_pdbx_validate_rmsd_angle.auth_asym_id_1 
_pdbx_validate_rmsd_angle.auth_comp_id_1 
_pdbx_validate_rmsd_angle.auth_seq_id_1 
_pdbx_validate_rmsd_angle.PDB_ins_code_1 
_pdbx_validate_rmsd_angle.label_alt_id_1 
_pdbx_validate_rmsd_angle.auth_atom_id_2 
_pdbx_validate_rmsd_angle.auth_asym_id_2 
_pdbx_validate_rmsd_angle.auth_comp_id_2 
_pdbx_validate_rmsd_angle.auth_seq_id_2 
_pdbx_validate_rmsd_angle.PDB_ins_code_2 
_pdbx_validate_rmsd_angle.label_alt_id_2 
_pdbx_validate_rmsd_angle.auth_atom_id_3 
_pdbx_validate_rmsd_angle.auth_asym_id_3 
_pdbx_validate_rmsd_angle.auth_comp_id_3 
_pdbx_validate_rmsd_angle.auth_seq_id_3 
_pdbx_validate_rmsd_angle.PDB_ins_code_3 
_pdbx_validate_rmsd_angle.label_alt_id_3 
_pdbx_validate_rmsd_angle.angle_value 
_pdbx_validate_rmsd_angle.angle_target_value 
_pdbx_validate_rmsd_angle.angle_deviation 
_pdbx_validate_rmsd_angle.angle_standard_deviation 
_pdbx_validate_rmsd_angle.linker_flag 
1 1 "O4'" A U 80 ? ? "C1'" A U 80 ? ? N1    A U 80 ? ? 113.61 108.50 5.11  0.70 N 
2 1 N9    A G 86 ? ? "C1'" A G 86 ? ? "C2'" A G 86 ? ? 124.89 114.00 10.89 1.30 N 
3 1 "C5'" B G 97 ? ? "C4'" B G 97 ? ? "O4'" B G 97 ? ? 115.26 109.80 5.46  0.90 N 
4 1 "C4'" B G 97 ? ? "C3'" B G 97 ? ? "O3'" B G 97 ? ? 129.65 113.00 16.65 2.00 N 
5 1 N9    B G 97 ? ? "C1'" B G 97 ? ? "C2'" B G 97 ? ? 105.01 112.00 -6.99 1.10 N 
# 
loop_
_pdbx_validate_planes.id 
_pdbx_validate_planes.PDB_model_num 
_pdbx_validate_planes.auth_comp_id 
_pdbx_validate_planes.auth_asym_id 
_pdbx_validate_planes.auth_seq_id 
_pdbx_validate_planes.PDB_ins_code 
_pdbx_validate_planes.label_alt_id 
_pdbx_validate_planes.rmsd 
_pdbx_validate_planes.type 
1 1 G A 86 ? ? 0.066 'SIDE CHAIN' 
2 1 G A 89 ? ? 0.067 'SIDE CHAIN' 
3 1 G A 92 ? ? 0.062 'SIDE CHAIN' 
4 1 U A 95 ? ? 0.063 'SIDE CHAIN' 
5 1 G B 89 ? ? 0.079 'SIDE CHAIN' 
6 1 G B 96 ? ? 0.052 'SIDE CHAIN' 
7 1 G B 97 ? ? 0.081 'SIDE CHAIN' 
# 
loop_
_chem_comp_atom.comp_id 
_chem_comp_atom.atom_id 
_chem_comp_atom.type_symbol 
_chem_comp_atom.pdbx_aromatic_flag 
_chem_comp_atom.pdbx_stereo_config 
_chem_comp_atom.pdbx_ordinal 
A   OP3    O N N 1   
A   P      P N N 2   
A   OP1    O N N 3   
A   OP2    O N N 4   
A   "O5'"  O N N 5   
A   "C5'"  C N N 6   
A   "C4'"  C N R 7   
A   "O4'"  O N N 8   
A   "C3'"  C N S 9   
A   "O3'"  O N N 10  
A   "C2'"  C N R 11  
A   "O2'"  O N N 12  
A   "C1'"  C N R 13  
A   N9     N Y N 14  
A   C8     C Y N 15  
A   N7     N Y N 16  
A   C5     C Y N 17  
A   C6     C Y N 18  
A   N6     N N N 19  
A   N1     N Y N 20  
A   C2     C Y N 21  
A   N3     N Y N 22  
A   C4     C Y N 23  
A   HOP3   H N N 24  
A   HOP2   H N N 25  
A   "H5'"  H N N 26  
A   "H5''" H N N 27  
A   "H4'"  H N N 28  
A   "H3'"  H N N 29  
A   "HO3'" H N N 30  
A   "H2'"  H N N 31  
A   "HO2'" H N N 32  
A   "H1'"  H N N 33  
A   H8     H N N 34  
A   H61    H N N 35  
A   H62    H N N 36  
A   H2     H N N 37  
C   OP3    O N N 38  
C   P      P N N 39  
C   OP1    O N N 40  
C   OP2    O N N 41  
C   "O5'"  O N N 42  
C   "C5'"  C N N 43  
C   "C4'"  C N R 44  
C   "O4'"  O N N 45  
C   "C3'"  C N S 46  
C   "O3'"  O N N 47  
C   "C2'"  C N R 48  
C   "O2'"  O N N 49  
C   "C1'"  C N R 50  
C   N1     N N N 51  
C   C2     C N N 52  
C   O2     O N N 53  
C   N3     N N N 54  
C   C4     C N N 55  
C   N4     N N N 56  
C   C5     C N N 57  
C   C6     C N N 58  
C   HOP3   H N N 59  
C   HOP2   H N N 60  
C   "H5'"  H N N 61  
C   "H5''" H N N 62  
C   "H4'"  H N N 63  
C   "H3'"  H N N 64  
C   "HO3'" H N N 65  
C   "H2'"  H N N 66  
C   "HO2'" H N N 67  
C   "H1'"  H N N 68  
C   H41    H N N 69  
C   H42    H N N 70  
C   H5     H N N 71  
C   H6     H N N 72  
G   OP3    O N N 73  
G   P      P N N 74  
G   OP1    O N N 75  
G   OP2    O N N 76  
G   "O5'"  O N N 77  
G   "C5'"  C N N 78  
G   "C4'"  C N R 79  
G   "O4'"  O N N 80  
G   "C3'"  C N S 81  
G   "O3'"  O N N 82  
G   "C2'"  C N R 83  
G   "O2'"  O N N 84  
G   "C1'"  C N R 85  
G   N9     N Y N 86  
G   C8     C Y N 87  
G   N7     N Y N 88  
G   C5     C Y N 89  
G   C6     C N N 90  
G   O6     O N N 91  
G   N1     N N N 92  
G   C2     C N N 93  
G   N2     N N N 94  
G   N3     N N N 95  
G   C4     C Y N 96  
G   HOP3   H N N 97  
G   HOP2   H N N 98  
G   "H5'"  H N N 99  
G   "H5''" H N N 100 
G   "H4'"  H N N 101 
G   "H3'"  H N N 102 
G   "HO3'" H N N 103 
G   "H2'"  H N N 104 
G   "HO2'" H N N 105 
G   "H1'"  H N N 106 
G   H8     H N N 107 
G   H1     H N N 108 
G   H21    H N N 109 
G   H22    H N N 110 
HOH O      O N N 111 
HOH H1     H N N 112 
HOH H2     H N N 113 
U   OP3    O N N 114 
U   P      P N N 115 
U   OP1    O N N 116 
U   OP2    O N N 117 
U   "O5'"  O N N 118 
U   "C5'"  C N N 119 
U   "C4'"  C N R 120 
U   "O4'"  O N N 121 
U   "C3'"  C N S 122 
U   "O3'"  O N N 123 
U   "C2'"  C N R 124 
U   "O2'"  O N N 125 
U   "C1'"  C N R 126 
U   N1     N N N 127 
U   C2     C N N 128 
U   O2     O N N 129 
U   N3     N N N 130 
U   C4     C N N 131 
U   O4     O N N 132 
U   C5     C N N 133 
U   C6     C N N 134 
U   HOP3   H N N 135 
U   HOP2   H N N 136 
U   "H5'"  H N N 137 
U   "H5''" H N N 138 
U   "H4'"  H N N 139 
U   "H3'"  H N N 140 
U   "HO3'" H N N 141 
U   "H2'"  H N N 142 
U   "HO2'" H N N 143 
U   "H1'"  H N N 144 
U   H3     H N N 145 
U   H5     H N N 146 
U   H6     H N N 147 
# 
loop_
_chem_comp_bond.comp_id 
_chem_comp_bond.atom_id_1 
_chem_comp_bond.atom_id_2 
_chem_comp_bond.value_order 
_chem_comp_bond.pdbx_aromatic_flag 
_chem_comp_bond.pdbx_stereo_config 
_chem_comp_bond.pdbx_ordinal 
A   OP3   P      sing N N 1   
A   OP3   HOP3   sing N N 2   
A   P     OP1    doub N N 3   
A   P     OP2    sing N N 4   
A   P     "O5'"  sing N N 5   
A   OP2   HOP2   sing N N 6   
A   "O5'" "C5'"  sing N N 7   
A   "C5'" "C4'"  sing N N 8   
A   "C5'" "H5'"  sing N N 9   
A   "C5'" "H5''" sing N N 10  
A   "C4'" "O4'"  sing N N 11  
A   "C4'" "C3'"  sing N N 12  
A   "C4'" "H4'"  sing N N 13  
A   "O4'" "C1'"  sing N N 14  
A   "C3'" "O3'"  sing N N 15  
A   "C3'" "C2'"  sing N N 16  
A   "C3'" "H3'"  sing N N 17  
A   "O3'" "HO3'" sing N N 18  
A   "C2'" "O2'"  sing N N 19  
A   "C2'" "C1'"  sing N N 20  
A   "C2'" "H2'"  sing N N 21  
A   "O2'" "HO2'" sing N N 22  
A   "C1'" N9     sing N N 23  
A   "C1'" "H1'"  sing N N 24  
A   N9    C8     sing Y N 25  
A   N9    C4     sing Y N 26  
A   C8    N7     doub Y N 27  
A   C8    H8     sing N N 28  
A   N7    C5     sing Y N 29  
A   C5    C6     sing Y N 30  
A   C5    C4     doub Y N 31  
A   C6    N6     sing N N 32  
A   C6    N1     doub Y N 33  
A   N6    H61    sing N N 34  
A   N6    H62    sing N N 35  
A   N1    C2     sing Y N 36  
A   C2    N3     doub Y N 37  
A   C2    H2     sing N N 38  
A   N3    C4     sing Y N 39  
C   OP3   P      sing N N 40  
C   OP3   HOP3   sing N N 41  
C   P     OP1    doub N N 42  
C   P     OP2    sing N N 43  
C   P     "O5'"  sing N N 44  
C   OP2   HOP2   sing N N 45  
C   "O5'" "C5'"  sing N N 46  
C   "C5'" "C4'"  sing N N 47  
C   "C5'" "H5'"  sing N N 48  
C   "C5'" "H5''" sing N N 49  
C   "C4'" "O4'"  sing N N 50  
C   "C4'" "C3'"  sing N N 51  
C   "C4'" "H4'"  sing N N 52  
C   "O4'" "C1'"  sing N N 53  
C   "C3'" "O3'"  sing N N 54  
C   "C3'" "C2'"  sing N N 55  
C   "C3'" "H3'"  sing N N 56  
C   "O3'" "HO3'" sing N N 57  
C   "C2'" "O2'"  sing N N 58  
C   "C2'" "C1'"  sing N N 59  
C   "C2'" "H2'"  sing N N 60  
C   "O2'" "HO2'" sing N N 61  
C   "C1'" N1     sing N N 62  
C   "C1'" "H1'"  sing N N 63  
C   N1    C2     sing N N 64  
C   N1    C6     sing N N 65  
C   C2    O2     doub N N 66  
C   C2    N3     sing N N 67  
C   N3    C4     doub N N 68  
C   C4    N4     sing N N 69  
C   C4    C5     sing N N 70  
C   N4    H41    sing N N 71  
C   N4    H42    sing N N 72  
C   C5    C6     doub N N 73  
C   C5    H5     sing N N 74  
C   C6    H6     sing N N 75  
G   OP3   P      sing N N 76  
G   OP3   HOP3   sing N N 77  
G   P     OP1    doub N N 78  
G   P     OP2    sing N N 79  
G   P     "O5'"  sing N N 80  
G   OP2   HOP2   sing N N 81  
G   "O5'" "C5'"  sing N N 82  
G   "C5'" "C4'"  sing N N 83  
G   "C5'" "H5'"  sing N N 84  
G   "C5'" "H5''" sing N N 85  
G   "C4'" "O4'"  sing N N 86  
G   "C4'" "C3'"  sing N N 87  
G   "C4'" "H4'"  sing N N 88  
G   "O4'" "C1'"  sing N N 89  
G   "C3'" "O3'"  sing N N 90  
G   "C3'" "C2'"  sing N N 91  
G   "C3'" "H3'"  sing N N 92  
G   "O3'" "HO3'" sing N N 93  
G   "C2'" "O2'"  sing N N 94  
G   "C2'" "C1'"  sing N N 95  
G   "C2'" "H2'"  sing N N 96  
G   "O2'" "HO2'" sing N N 97  
G   "C1'" N9     sing N N 98  
G   "C1'" "H1'"  sing N N 99  
G   N9    C8     sing Y N 100 
G   N9    C4     sing Y N 101 
G   C8    N7     doub Y N 102 
G   C8    H8     sing N N 103 
G   N7    C5     sing Y N 104 
G   C5    C6     sing N N 105 
G   C5    C4     doub Y N 106 
G   C6    O6     doub N N 107 
G   C6    N1     sing N N 108 
G   N1    C2     sing N N 109 
G   N1    H1     sing N N 110 
G   C2    N2     sing N N 111 
G   C2    N3     doub N N 112 
G   N2    H21    sing N N 113 
G   N2    H22    sing N N 114 
G   N3    C4     sing N N 115 
HOH O     H1     sing N N 116 
HOH O     H2     sing N N 117 
U   OP3   P      sing N N 118 
U   OP3   HOP3   sing N N 119 
U   P     OP1    doub N N 120 
U   P     OP2    sing N N 121 
U   P     "O5'"  sing N N 122 
U   OP2   HOP2   sing N N 123 
U   "O5'" "C5'"  sing N N 124 
U   "C5'" "C4'"  sing N N 125 
U   "C5'" "H5'"  sing N N 126 
U   "C5'" "H5''" sing N N 127 
U   "C4'" "O4'"  sing N N 128 
U   "C4'" "C3'"  sing N N 129 
U   "C4'" "H4'"  sing N N 130 
U   "O4'" "C1'"  sing N N 131 
U   "C3'" "O3'"  sing N N 132 
U   "C3'" "C2'"  sing N N 133 
U   "C3'" "H3'"  sing N N 134 
U   "O3'" "HO3'" sing N N 135 
U   "C2'" "O2'"  sing N N 136 
U   "C2'" "C1'"  sing N N 137 
U   "C2'" "H2'"  sing N N 138 
U   "O2'" "HO2'" sing N N 139 
U   "C1'" N1     sing N N 140 
U   "C1'" "H1'"  sing N N 141 
U   N1    C2     sing N N 142 
U   N1    C6     sing N N 143 
U   C2    O2     doub N N 144 
U   C2    N3     sing N N 145 
U   N3    C4     sing N N 146 
U   N3    H3     sing N N 147 
U   C4    O4     doub N N 148 
U   C4    C5     sing N N 149 
U   C5    C6     doub N N 150 
U   C5    H5     sing N N 151 
U   C6    H6     sing N N 152 
# 
loop_
_ndb_struct_conf_na.entry_id 
_ndb_struct_conf_na.feature 
361D 'double helix'         
361D 'a-form double helix'  
361D tetraloop              
361D 'mismatched base pair' 
# 
loop_
_ndb_struct_na_base_pair.model_number 
_ndb_struct_na_base_pair.i_label_asym_id 
_ndb_struct_na_base_pair.i_label_comp_id 
_ndb_struct_na_base_pair.i_label_seq_id 
_ndb_struct_na_base_pair.i_symmetry 
_ndb_struct_na_base_pair.j_label_asym_id 
_ndb_struct_na_base_pair.j_label_comp_id 
_ndb_struct_na_base_pair.j_label_seq_id 
_ndb_struct_na_base_pair.j_symmetry 
_ndb_struct_na_base_pair.shear 
_ndb_struct_na_base_pair.stretch 
_ndb_struct_na_base_pair.stagger 
_ndb_struct_na_base_pair.buckle 
_ndb_struct_na_base_pair.propeller 
_ndb_struct_na_base_pair.opening 
_ndb_struct_na_base_pair.pair_number 
_ndb_struct_na_base_pair.pair_name 
_ndb_struct_na_base_pair.i_auth_asym_id 
_ndb_struct_na_base_pair.i_auth_seq_id 
_ndb_struct_na_base_pair.i_PDB_ins_code 
_ndb_struct_na_base_pair.j_auth_asym_id 
_ndb_struct_na_base_pair.j_auth_seq_id 
_ndb_struct_na_base_pair.j_PDB_ins_code 
_ndb_struct_na_base_pair.hbond_type_28 
_ndb_struct_na_base_pair.hbond_type_12 
1 A U 2 1_555 A G 19 1_555 -2.980 -3.575 -0.583 9.457  2.251  84.189  1  A_U80:G96_A  A 80 ? A 96 ? ?  1 
1 A G 4 1_555 A C 17 1_555 -1.525 -0.742 0.416  9.950  0.596  -27.600 2  A_G82:C94_A  A 82 ? A 94 ? ?  1 
1 A G 5 1_555 A C 16 1_555 1.211  -0.581 -0.739 0.784  -0.714 -10.526 3  A_G83:C93_A  A 83 ? A 93 ? 19 1 
1 A C 6 1_555 A G 15 1_555 -1.534 -0.568 0.122  7.449  -3.503 -16.099 4  A_C84:G92_A  A 84 ? A 92 ? 19 1 
1 A G 7 1_555 A C 14 1_555 -1.067 -0.716 -0.257 -6.861 2.935  -8.364  5  A_G85:C91_A  A 85 ? A 91 ? 19 1 
1 A G 8 1_555 A C 13 1_555 0.469  0.192  0.219  4.596  -1.769 9.076   6  A_G86:C90_A  A 86 ? A 90 ? 19 1 
1 A G 9 1_555 B G 20 1_555 -0.454 -2.774 -0.240 34.838 16.333 153.108 7  A_G87:G97_B  A 87 ? B 97 ? 3  ? 
1 B U 2 1_555 B G 19 1_555 1.467  -0.407 -0.018 -4.413 -1.678 -10.661 8  B_U80:G96_B  B 80 ? B 96 ? 28 ? 
1 B G 4 1_555 B C 17 1_555 -1.693 -0.634 0.562  11.496 -0.984 -27.323 9  B_G82:C94_B  B 82 ? B 94 ? ?  1 
1 B G 5 1_555 B C 16 1_555 1.115  -0.573 -0.480 -0.194 1.101  -8.723  10 B_G83:C93_B  B 83 ? B 93 ? 19 1 
1 B C 6 1_555 B G 15 1_555 -1.452 -0.542 0.084  10.883 -4.031 -17.108 11 B_C84:G92_B  B 84 ? B 92 ? 19 1 
1 B G 7 1_555 B C 14 1_555 -1.025 -0.561 0.049  0.047  -0.204 -8.688  12 B_G85:C91_B  B 85 ? B 91 ? 19 1 
1 B G 8 1_555 B C 13 1_555 0.395  0.170  0.226  4.498  -2.120 9.623   13 B_G86:C90_B  B 86 ? B 90 ? 19 1 
1 B G 9 1_555 B A 12 1_555 6.852  -2.203 -0.330 -3.503 -2.005 3.066   14 B_G87:A89A_B B 87 ? B 89 A ?  ? 
# 
loop_
_ndb_struct_na_base_pair_step.model_number 
_ndb_struct_na_base_pair_step.i_label_asym_id_1 
_ndb_struct_na_base_pair_step.i_label_comp_id_1 
_ndb_struct_na_base_pair_step.i_label_seq_id_1 
_ndb_struct_na_base_pair_step.i_symmetry_1 
_ndb_struct_na_base_pair_step.j_label_asym_id_1 
_ndb_struct_na_base_pair_step.j_label_comp_id_1 
_ndb_struct_na_base_pair_step.j_label_seq_id_1 
_ndb_struct_na_base_pair_step.j_symmetry_1 
_ndb_struct_na_base_pair_step.i_label_asym_id_2 
_ndb_struct_na_base_pair_step.i_label_comp_id_2 
_ndb_struct_na_base_pair_step.i_label_seq_id_2 
_ndb_struct_na_base_pair_step.i_symmetry_2 
_ndb_struct_na_base_pair_step.j_label_asym_id_2 
_ndb_struct_na_base_pair_step.j_label_comp_id_2 
_ndb_struct_na_base_pair_step.j_label_seq_id_2 
_ndb_struct_na_base_pair_step.j_symmetry_2 
_ndb_struct_na_base_pair_step.shift 
_ndb_struct_na_base_pair_step.slide 
_ndb_struct_na_base_pair_step.rise 
_ndb_struct_na_base_pair_step.tilt 
_ndb_struct_na_base_pair_step.roll 
_ndb_struct_na_base_pair_step.twist 
_ndb_struct_na_base_pair_step.x_displacement 
_ndb_struct_na_base_pair_step.y_displacement 
_ndb_struct_na_base_pair_step.helical_rise 
_ndb_struct_na_base_pair_step.inclination 
_ndb_struct_na_base_pair_step.tip 
_ndb_struct_na_base_pair_step.helical_twist 
_ndb_struct_na_base_pair_step.step_number 
_ndb_struct_na_base_pair_step.step_name 
_ndb_struct_na_base_pair_step.i_auth_asym_id_1 
_ndb_struct_na_base_pair_step.i_auth_seq_id_1 
_ndb_struct_na_base_pair_step.i_PDB_ins_code_1 
_ndb_struct_na_base_pair_step.j_auth_asym_id_1 
_ndb_struct_na_base_pair_step.j_auth_seq_id_1 
_ndb_struct_na_base_pair_step.j_PDB_ins_code_1 
_ndb_struct_na_base_pair_step.i_auth_asym_id_2 
_ndb_struct_na_base_pair_step.i_auth_seq_id_2 
_ndb_struct_na_base_pair_step.i_PDB_ins_code_2 
_ndb_struct_na_base_pair_step.j_auth_asym_id_2 
_ndb_struct_na_base_pair_step.j_auth_seq_id_2 
_ndb_struct_na_base_pair_step.j_PDB_ins_code_2 
1 A U 2 1_555 A G 19 1_555 A G 4 1_555 A C 17 1_555 -2.173 -5.329 -1.832 102.727 -106.420 83.663   -2.944 0.897  0.452 -56.942 
-54.966 156.232  1  AA_U80G82:C94G96_AA  A 80 ? A 96 ? A 82 ? A 94 ? 
1 A G 4 1_555 A C 17 1_555 A G 5 1_555 A C 16 1_555 -1.431 -3.135 3.009  -2.179  21.873   48.041   -4.600 1.510  1.595 25.380  
2.528   52.558   2  AA_G82G83:C93C94_AA  A 82 ? A 94 ? A 83 ? A 93 ? 
1 A G 5 1_555 A C 16 1_555 A C 6 1_555 A G 15 1_555 -1.358 -2.416 2.696  -17.895 1.260    38.215   -3.483 0.209  2.944 1.809   
25.680  42.073   3  AA_G83C84:G92C93_AA  A 83 ? A 93 ? A 84 ? A 92 ? 
1 A C 6 1_555 A G 15 1_555 A G 7 1_555 A C 14 1_555 0.561  -2.796 3.292  -2.938  5.531    19.795   -9.867 -2.676 2.326 15.592  
8.282   20.753   4  AA_C84G85:C91G92_AA  A 84 ? A 92 ? A 85 ? A 91 ? 
1 A G 7 1_555 A C 14 1_555 A G 8 1_555 A C 13 1_555 0.803  -2.448 3.686  -4.666  6.547    47.419   -3.556 -1.378 3.252 8.073   
5.754   48.057   5  AA_G85G86:C90C91_AA  A 85 ? A 91 ? A 86 ? A 90 ? 
1 A G 8 1_555 A C 13 1_555 A G 9 1_555 B G 20 1_555 2.570  2.911  4.376  -9.794  -19.772  -21.130  1.735  1.287  5.739 41.900  
-20.756 -30.459  6  AA_G86G87:G97C90_BA  A 86 ? A 90 ? A 87 ? B 97 ? 
1 A G 9 1_555 B G 20 1_555 B U 2 1_555 B G 19 1_555 -2.652 5.611  3.079  -1.428  -8.028   -151.970 -2.863 -1.371 3.169 4.137   
-0.736  -152.043 7  AB_G87U80:G96G97_BB  A 87 ? B 97 ? B 80 ? B 96 ? 
1 B U 2 1_555 B G 19 1_555 B G 4 1_555 B C 17 1_555 0.120  -3.236 5.780  -14.419 9.395    36.822   -6.412 -2.842 4.506 13.976  
21.448  40.519   8  BB_U80G82:C94G96_BB  B 80 ? B 96 ? B 82 ? B 94 ? 
1 B G 4 1_555 B C 17 1_555 B G 5 1_555 B C 16 1_555 -1.401 -3.151 3.089  -5.429  22.881   48.406   -4.614 1.292  1.680 26.191  
6.214   53.505   9  BB_G82G83:C93C94_BB  B 82 ? B 94 ? B 83 ? B 93 ? 
1 B G 5 1_555 B C 16 1_555 B C 6 1_555 B G 15 1_555 -1.399 -2.298 2.627  -13.814 -2.944   38.956   -2.970 0.644  3.088 -4.248  
19.935  41.344   10 BB_G83C84:G92C93_BB  B 83 ? B 93 ? B 84 ? B 92 ? 
1 B C 6 1_555 B G 15 1_555 B G 7 1_555 B C 14 1_555 0.687  -2.821 3.198  -4.722  6.767    19.588   -9.928 -3.450 1.911 18.844  
13.149  21.240   11 BB_C84G85:C91G92_BB  B 84 ? B 92 ? B 85 ? B 91 ? 
1 B G 7 1_555 B C 14 1_555 B G 8 1_555 B C 13 1_555 0.967  -2.427 3.936  -1.881  5.916    47.740   -3.513 -1.356 3.590 7.273   
2.313   48.118   12 BB_G85G86:C90C91_BB  B 85 ? B 91 ? B 86 ? B 90 ? 
1 B G 8 1_555 B C 13 1_555 B G 9 1_555 B A 12 1_555 -0.726 -0.019 3.807  0.518   -11.413  56.339   0.704  0.789  3.740 -11.951 
-0.543  57.392   13 BB_G86G87:A89AC90_BB B 86 ? B 90 ? B 87 ? B 89 A 
# 
_pdbx_initial_refinement_model.accession_code   5SRN 
_pdbx_initial_refinement_model.id               1 
_pdbx_initial_refinement_model.entity_id_list   ? 
_pdbx_initial_refinement_model.type             'experimental model' 
_pdbx_initial_refinement_model.source_name      PDB 
_pdbx_initial_refinement_model.details          '16NT FRAGMENT OF DOMAINA FROM 5SRNA' 
# 
_atom_sites.entry_id                    361D 
_atom_sites.fract_transf_matrix[1][1]   0.00372215 
_atom_sites.fract_transf_matrix[1][2]   0.00184511 
_atom_sites.fract_transf_matrix[1][3]   -0.02673361 
_atom_sites.fract_transf_matrix[2][1]   0.00828540 
_atom_sites.fract_transf_matrix[2][2]   -0.02160029 
_atom_sites.fract_transf_matrix[2][3]   -0.01402686 
_atom_sites.fract_transf_matrix[3][1]   -0.00590392 
_atom_sites.fract_transf_matrix[3][2]   -0.00165657 
_atom_sites.fract_transf_matrix[3][3]   -0.00093634 
_atom_sites.fract_transf_vector[1]      0.466467 
_atom_sites.fract_transf_vector[2]      0.669009 
_atom_sites.fract_transf_vector[3]      0.179876 
# 
loop_
_atom_type.symbol 
C 
N 
O 
P 
# 
loop_
_atom_site.group_PDB 
_atom_site.id 
_atom_site.type_symbol 
_atom_site.label_atom_id 
_atom_site.label_alt_id 
_atom_site.label_comp_id 
_atom_site.label_asym_id 
_atom_site.label_entity_id 
_atom_site.label_seq_id 
_atom_site.pdbx_PDB_ins_code 
_atom_site.Cartn_x 
_atom_site.Cartn_y 
_atom_site.Cartn_z 
_atom_site.occupancy 
_atom_site.B_iso_or_equiv 
_atom_site.pdbx_formal_charge 
_atom_site.auth_seq_id 
_atom_site.auth_comp_id 
_atom_site.auth_asym_id 
_atom_site.auth_atom_id 
_atom_site.pdbx_PDB_model_num 
ATOM   1    O "O5'" . C   A 1 1  ? 20.141  16.044  14.464  0.50 42.79 ? 79  C   A "O5'" 1 
ATOM   2    C "C5'" . C   A 1 1  ? 19.051  16.127  13.540  0.50 39.32 ? 79  C   A "C5'" 1 
ATOM   3    C "C4'" . C   A 1 1  ? 19.324  17.063  12.386  0.50 42.13 ? 79  C   A "C4'" 1 
ATOM   4    O "O4'" . C   A 1 1  ? 20.595  16.714  11.771  0.50 40.08 ? 79  C   A "O4'" 1 
ATOM   5    C "C3'" . C   A 1 1  ? 18.345  17.006  11.224  0.50 51.16 ? 79  C   A "C3'" 1 
ATOM   6    O "O3'" . C   A 1 1  ? 17.161  17.773  11.495  0.50 48.39 ? 79  C   A "O3'" 1 
ATOM   7    C "C2'" . C   A 1 1  ? 19.173  17.626  10.095  0.50 48.22 ? 79  C   A "C2'" 1 
ATOM   8    O "O2'" . C   A 1 1  ? 19.162  19.043  10.124  0.50 45.00 ? 79  C   A "O2'" 1 
ATOM   9    C "C1'" . C   A 1 1  ? 20.586  17.108  10.407  0.50 45.58 ? 79  C   A "C1'" 1 
ATOM   10   N N1    . C   A 1 1  ? 20.993  15.959  9.573   0.50 33.57 ? 79  C   A N1    1 
ATOM   11   C C2    . C   A 1 1  ? 22.169  16.044  8.800   0.50 34.37 ? 79  C   A C2    1 
ATOM   12   O O2    . C   A 1 1  ? 22.855  17.082  8.843   0.50 32.96 ? 79  C   A O2    1 
ATOM   13   N N3    . C   A 1 1  ? 22.518  14.987  8.019   0.50 31.65 ? 79  C   A N3    1 
ATOM   14   C C4    . C   A 1 1  ? 21.744  13.895  7.977   0.50 37.19 ? 79  C   A C4    1 
ATOM   15   N N4    . C   A 1 1  ? 22.110  12.885  7.183   0.50 34.36 ? 79  C   A N4    1 
ATOM   16   C C5    . C   A 1 1  ? 20.555  13.790  8.746   0.50 33.62 ? 79  C   A C5    1 
ATOM   17   C C6    . C   A 1 1  ? 20.225  14.830  9.528   0.50 34.98 ? 79  C   A C6    1 
ATOM   18   P P     . U   A 1 2  ? 15.737  17.026  11.698  1.00 49.67 ? 80  U   A P     1 
ATOM   19   O OP1   . U   A 1 2  ? 14.740  18.076  12.073  1.00 42.60 ? 80  U   A OP1   1 
ATOM   20   O OP2   . U   A 1 2  ? 16.006  15.901  12.648  1.00 44.04 ? 80  U   A OP2   1 
ATOM   21   O "O5'" . U   A 1 2  ? 15.331  16.474  10.230  1.00 38.85 ? 80  U   A "O5'" 1 
ATOM   22   C "C5'" . U   A 1 2  ? 14.215  15.524  10.026  1.00 46.01 ? 80  U   A "C5'" 1 
ATOM   23   C "C4'" . U   A 1 2  ? 13.729  15.525  8.570   1.00 47.07 ? 80  U   A "C4'" 1 
ATOM   24   O "O4'" . U   A 1 2  ? 14.881  15.317  7.700   1.00 48.19 ? 80  U   A "O4'" 1 
ATOM   25   C "C3'" . U   A 1 2  ? 12.747  14.446  8.057   1.00 57.43 ? 80  U   A "C3'" 1 
ATOM   26   O "O3'" . U   A 1 2  ? 11.339  14.681  8.244   1.00 56.91 ? 80  U   A "O3'" 1 
ATOM   27   C "C2'" . U   A 1 2  ? 12.912  14.599  6.563   1.00 49.33 ? 80  U   A "C2'" 1 
ATOM   28   O "O2'" . U   A 1 2  ? 12.272  15.788  6.186   1.00 51.75 ? 80  U   A "O2'" 1 
ATOM   29   C "C1'" . U   A 1 2  ? 14.390  14.908  6.441   1.00 51.55 ? 80  U   A "C1'" 1 
ATOM   30   N N1    . U   A 1 2  ? 15.272  13.944  5.746   1.00 43.16 ? 80  U   A N1    1 
ATOM   31   C C2    . U   A 1 2  ? 15.252  12.564  6.069   1.00 45.47 ? 80  U   A C2    1 
ATOM   32   O O2    . U   A 1 2  ? 14.598  12.084  6.996   1.00 44.72 ? 80  U   A O2    1 
ATOM   33   N N3    . U   A 1 2  ? 16.046  11.780  5.247   1.00 43.30 ? 80  U   A N3    1 
ATOM   34   C C4    . U   A 1 2  ? 16.841  12.215  4.169   1.00 42.53 ? 80  U   A C4    1 
ATOM   35   O O4    . U   A 1 2  ? 17.461  11.400  3.492   1.00 42.32 ? 80  U   A O4    1 
ATOM   36   C C5    . U   A 1 2  ? 16.827  13.623  3.937   1.00 42.22 ? 80  U   A C5    1 
ATOM   37   C C6    . U   A 1 2  ? 16.076  14.419  4.710   1.00 43.09 ? 80  U   A C6    1 
ATOM   38   P P     . G   A 1 3  ? 10.236  13.786  7.410   1.00 51.06 ? 81  G   A P     1 
ATOM   39   O OP1   . G   A 1 3  ? 8.874   14.282  7.763   1.00 47.18 ? 81  G   A OP1   1 
ATOM   40   O OP2   . G   A 1 3  ? 10.524  12.325  7.551   1.00 43.61 ? 81  G   A OP2   1 
ATOM   41   O "O5'" . G   A 1 3  ? 10.431  14.147  5.864   1.00 38.33 ? 81  G   A "O5'" 1 
ATOM   42   C "C5'" . G   A 1 3  ? 10.064  15.423  5.326   1.00 47.25 ? 81  G   A "C5'" 1 
ATOM   43   C "C4'" . G   A 1 3  ? 10.461  15.505  3.862   1.00 50.20 ? 81  G   A "C4'" 1 
ATOM   44   O "O4'" . G   A 1 3  ? 11.908  15.401  3.682   1.00 51.32 ? 81  G   A "O4'" 1 
ATOM   45   C "C3'" . G   A 1 3  ? 9.918   14.343  3.068   1.00 45.64 ? 81  G   A "C3'" 1 
ATOM   46   O "O3'" . G   A 1 3  ? 8.611   14.582  2.666   1.00 45.45 ? 81  G   A "O3'" 1 
ATOM   47   C "C2'" . G   A 1 3  ? 10.911  14.179  1.938   1.00 44.02 ? 81  G   A "C2'" 1 
ATOM   48   O "O2'" . G   A 1 3  ? 10.809  15.144  0.921   1.00 43.66 ? 81  G   A "O2'" 1 
ATOM   49   C "C1'" . G   A 1 3  ? 12.203  14.400  2.704   1.00 46.93 ? 81  G   A "C1'" 1 
ATOM   50   N N9    . G   A 1 3  ? 12.525  13.173  3.422   1.00 27.59 ? 81  G   A N9    1 
ATOM   51   C C8    . G   A 1 3  ? 12.079  12.810  4.685   1.00 27.95 ? 81  G   A C8    1 
ATOM   52   N N7    . G   A 1 3  ? 12.569  11.675  5.102   1.00 24.43 ? 81  G   A N7    1 
ATOM   53   C C5    . G   A 1 3  ? 13.383  11.258  4.051   1.00 27.60 ? 81  G   A C5    1 
ATOM   54   C C6    . G   A 1 3  ? 14.199  10.132  3.947   1.00 25.26 ? 81  G   A C6    1 
ATOM   55   O O6    . G   A 1 3  ? 14.415  9.264   4.812   1.00 21.61 ? 81  G   A O6    1 
ATOM   56   N N1    . G   A 1 3  ? 14.832  10.071  2.706   1.00 25.39 ? 81  G   A N1    1 
ATOM   57   C C2    . G   A 1 3  ? 14.711  11.006  1.707   1.00 25.44 ? 81  G   A C2    1 
ATOM   58   N N2    . G   A 1 3  ? 15.407  10.746  0.582   1.00 25.11 ? 81  G   A N2    1 
ATOM   59   N N3    . G   A 1 3  ? 13.969  12.099  1.804   1.00 20.71 ? 81  G   A N3    1 
ATOM   60   C C4    . G   A 1 3  ? 13.339  12.159  2.994   1.00 20.77 ? 81  G   A C4    1 
ATOM   61   P P     . G   A 1 4  ? 7.531   13.490  3.022   1.00 47.03 ? 82  G   A P     1 
ATOM   62   O OP1   . G   A 1 4  ? 6.282   13.811  2.295   1.00 39.18 ? 82  G   A OP1   1 
ATOM   63   O OP2   . G   A 1 4  ? 7.533   13.418  4.525   1.00 55.85 ? 82  G   A OP2   1 
ATOM   64   O "O5'" . G   A 1 4  ? 8.191   12.151  2.424   1.00 57.02 ? 82  G   A "O5'" 1 
ATOM   65   C "C5'" . G   A 1 4  ? 7.829   11.608  1.132   1.00 38.35 ? 82  G   A "C5'" 1 
ATOM   66   C "C4'" . G   A 1 4  ? 8.949   11.833  0.124   1.00 45.48 ? 82  G   A "C4'" 1 
ATOM   67   O "O4'" . G   A 1 4  ? 10.235  11.727  0.792   1.00 45.72 ? 82  G   A "O4'" 1 
ATOM   68   C "C3'" . G   A 1 4  ? 9.077   10.858  -1.052  1.00 44.74 ? 82  G   A "C3'" 1 
ATOM   69   O "O3'" . G   A 1 4  ? 8.227   11.160  -2.160  1.00 42.92 ? 82  G   A "O3'" 1 
ATOM   70   C "C2'" . G   A 1 4  ? 10.514  11.090  -1.494  1.00 44.55 ? 82  G   A "C2'" 1 
ATOM   71   O "O2'" . G   A 1 4  ? 10.663  12.132  -2.422  1.00 46.60 ? 82  G   A "O2'" 1 
ATOM   72   C "C1'" . G   A 1 4  ? 11.226  11.458  -0.183  1.00 46.03 ? 82  G   A "C1'" 1 
ATOM   73   N N9    . G   A 1 4  ? 12.033  10.315  0.222   1.00 25.64 ? 82  G   A N9    1 
ATOM   74   C C8    . G   A 1 4  ? 12.191  9.756   1.470   1.00 22.66 ? 82  G   A C8    1 
ATOM   75   N N7    . G   A 1 4  ? 12.946  8.686   1.447   1.00 26.23 ? 82  G   A N7    1 
ATOM   76   C C5    . G   A 1 4  ? 13.317  8.541   0.112   1.00 28.83 ? 82  G   A C5    1 
ATOM   77   C C6    . G   A 1 4  ? 14.117  7.568   -0.511  1.00 24.85 ? 82  G   A C6    1 
ATOM   78   O O6    . G   A 1 4  ? 14.654  6.625   -0.009  1.00 29.49 ? 82  G   A O6    1 
ATOM   79   N N1    . G   A 1 4  ? 14.249  7.792   -1.873  1.00 22.32 ? 82  G   A N1    1 
ATOM   80   C C2    . G   A 1 4  ? 13.666  8.836   -2.560  1.00 25.40 ? 82  G   A C2    1 
ATOM   81   N N2    . G   A 1 4  ? 13.885  8.888   -3.895  1.00 25.92 ? 82  G   A N2    1 
ATOM   82   N N3    . G   A 1 4  ? 12.914  9.761   -1.987  1.00 21.73 ? 82  G   A N3    1 
ATOM   83   C C4    . G   A 1 4  ? 12.783  9.547   -0.654  1.00 23.18 ? 82  G   A C4    1 
ATOM   84   P P     . G   A 1 5  ? 7.406   9.976   -2.918  1.00 58.14 ? 83  G   A P     1 
ATOM   85   O OP1   . G   A 1 5  ? 6.535   10.648  -3.952  1.00 55.06 ? 83  G   A OP1   1 
ATOM   86   O OP2   . G   A 1 5  ? 6.773   9.057   -1.917  1.00 53.05 ? 83  G   A OP2   1 
ATOM   87   O "O5'" . G   A 1 5  ? 8.492   9.127   -3.733  1.00 50.66 ? 83  G   A "O5'" 1 
ATOM   88   C "C5'" . G   A 1 5  ? 8.186   7.786   -4.161  1.00 48.10 ? 83  G   A "C5'" 1 
ATOM   89   C "C4'" . G   A 1 5  ? 8.973   7.406   -5.406  1.00 48.01 ? 83  G   A "C4'" 1 
ATOM   90   O "O4'" . G   A 1 5  ? 10.363  7.832   -5.296  1.00 42.66 ? 83  G   A "O4'" 1 
ATOM   91   C "C3'" . G   A 1 5  ? 9.003   5.902   -5.648  1.00 39.69 ? 83  G   A "C3'" 1 
ATOM   92   O "O3'" . G   A 1 5  ? 8.041   5.563   -6.611  1.00 47.08 ? 83  G   A "O3'" 1 
ATOM   93   C "C2'" . G   A 1 5  ? 10.381  5.672   -6.238  1.00 42.94 ? 83  G   A "C2'" 1 
ATOM   94   O "O2'" . G   A 1 5  ? 10.380  5.956   -7.623  1.00 46.33 ? 83  G   A "O2'" 1 
ATOM   95   C "C1'" . G   A 1 5  ? 11.209  6.714   -5.484  1.00 43.19 ? 83  G   A "C1'" 1 
ATOM   96   N N9    . G   A 1 5  ? 11.669  6.318   -4.155  1.00 16.12 ? 83  G   A N9    1 
ATOM   97   C C8    . G   A 1 5  ? 11.520  7.067   -2.999  1.00 20.42 ? 83  G   A C8    1 
ATOM   98   N N7    . G   A 1 5  ? 12.096  6.538   -1.957  1.00 27.84 ? 83  G   A N7    1 
ATOM   99   C C5    . G   A 1 5  ? 12.650  5.365   -2.441  1.00 11.04 ? 83  G   A C5    1 
ATOM   100  C C6    . G   A 1 5  ? 13.432  4.421   -1.777  1.00 14.53 ? 83  G   A C6    1 
ATOM   101  O O6    . G   A 1 5  ? 13.808  4.454   -0.590  1.00 22.39 ? 83  G   A O6    1 
ATOM   102  N N1    . G   A 1 5  ? 13.805  3.358   -2.629  1.00 14.39 ? 83  G   A N1    1 
ATOM   103  C C2    . G   A 1 5  ? 13.447  3.238   -3.954  1.00 11.85 ? 83  G   A C2    1 
ATOM   104  N N2    . G   A 1 5  ? 13.885  2.108   -4.573  1.00 15.81 ? 83  G   A N2    1 
ATOM   105  N N3    . G   A 1 5  ? 12.715  4.155   -4.612  1.00 11.05 ? 83  G   A N3    1 
ATOM   106  C C4    . G   A 1 5  ? 12.361  5.188   -3.793  1.00 10.39 ? 83  G   A C4    1 
ATOM   107  P P     . C   A 1 6  ? 7.348   4.125   -6.561  1.00 42.70 ? 84  C   A P     1 
ATOM   108  O OP1   . C   A 1 6  ? 6.618   3.919   -7.871  1.00 39.22 ? 84  C   A OP1   1 
ATOM   109  O OP2   . C   A 1 6  ? 6.540   4.089   -5.282  1.00 38.47 ? 84  C   A OP2   1 
ATOM   110  O "O5'" . C   A 1 6  ? 8.571   3.064   -6.429  1.00 44.81 ? 84  C   A "O5'" 1 
ATOM   111  C "C5'" . C   A 1 6  ? 9.668   2.975   -7.390  1.00 48.43 ? 84  C   A "C5'" 1 
ATOM   112  C "C4'" . C   A 1 6  ? 9.836   1.539   -7.936  1.00 46.61 ? 84  C   A "C4'" 1 
ATOM   113  O "O4'" . C   A 1 6  ? 11.242  1.079   -7.966  1.00 37.50 ? 84  C   A "O4'" 1 
ATOM   114  C "C3'" . C   A 1 6  ? 9.108   0.445   -7.179  1.00 46.31 ? 84  C   A "C3'" 1 
ATOM   115  O "O3'" . C   A 1 6  ? 7.707   0.496   -7.516  1.00 44.50 ? 84  C   A "O3'" 1 
ATOM   116  C "C2'" . C   A 1 6  ? 9.962   -0.768  -7.544  1.00 41.54 ? 84  C   A "C2'" 1 
ATOM   117  O "O2'" . C   A 1 6  ? 9.934   -1.057  -8.915  1.00 45.34 ? 84  C   A "O2'" 1 
ATOM   118  C "C1'" . C   A 1 6  ? 11.350  -0.190  -7.310  1.00 41.37 ? 84  C   A "C1'" 1 
ATOM   119  N N1    . C   A 1 6  ? 11.479  0.117   -5.885  1.00 20.70 ? 84  C   A N1    1 
ATOM   120  C C2    . C   A 1 6  ? 11.919  -0.827  -4.907  1.00 18.76 ? 84  C   A C2    1 
ATOM   121  O O2    . C   A 1 6  ? 12.290  -1.961  -5.244  1.00 18.90 ? 84  C   A O2    1 
ATOM   122  N N3    . C   A 1 6  ? 11.923  -0.434  -3.609  1.00 14.55 ? 84  C   A N3    1 
ATOM   123  C C4    . C   A 1 6  ? 11.536  0.822   -3.294  1.00 11.32 ? 84  C   A C4    1 
ATOM   124  N N4    . C   A 1 6  ? 11.524  1.234   -2.041  1.00 14.43 ? 84  C   A N4    1 
ATOM   125  C C5    . C   A 1 6  ? 11.129  1.751   -4.261  1.00 13.98 ? 84  C   A C5    1 
ATOM   126  C C6    . C   A 1 6  ? 11.117  1.368   -5.513  1.00 14.98 ? 84  C   A C6    1 
ATOM   127  P P     . G   A 1 7  ? 6.963   -0.778  -8.180  1.00 41.72 ? 85  G   A P     1 
ATOM   128  O OP1   . G   A 1 7  ? 7.312   -0.687  -9.632  1.00 51.81 ? 85  G   A OP1   1 
ATOM   129  O OP2   . G   A 1 7  ? 5.531   -0.758  -7.796  1.00 35.81 ? 85  G   A OP2   1 
ATOM   130  O "O5'" . G   A 1 7  ? 7.716   -2.047  -7.508  1.00 40.09 ? 85  G   A "O5'" 1 
ATOM   131  C "C5'" . G   A 1 7  ? 7.112   -2.822  -6.443  1.00 46.37 ? 85  G   A "C5'" 1 
ATOM   132  C "C4'" . G   A 1 7  ? 8.140   -3.677  -5.691  1.00 52.32 ? 85  G   A "C4'" 1 
ATOM   133  O "O4'" . G   A 1 7  ? 9.185   -2.824  -5.139  1.00 44.02 ? 85  G   A "O4'" 1 
ATOM   134  C "C3'" . G   A 1 7  ? 7.565   -4.409  -4.466  1.00 46.07 ? 85  G   A "C3'" 1 
ATOM   135  O "O3'" . G   A 1 7  ? 6.951   -5.689  -4.762  1.00 44.08 ? 85  G   A "O3'" 1 
ATOM   136  C "C2'" . G   A 1 7  ? 8.767   -4.565  -3.524  1.00 46.49 ? 85  G   A "C2'" 1 
ATOM   137  O "O2'" . G   A 1 7  ? 9.452   -5.811  -3.476  1.00 41.23 ? 85  G   A "O2'" 1 
ATOM   138  C "C1'" . G   A 1 7  ? 9.677   -3.394  -3.927  1.00 34.51 ? 85  G   A "C1'" 1 
ATOM   139  N N9    . G   A 1 7  ? 9.630   -2.407  -2.860  1.00 18.75 ? 85  G   A N9    1 
ATOM   140  C C8    . G   A 1 7  ? 9.484   -1.051  -2.959  1.00 15.27 ? 85  G   A C8    1 
ATOM   141  N N7    . G   A 1 7  ? 9.420   -0.463  -1.797  1.00 15.84 ? 85  G   A N7    1 
ATOM   142  C C5    . G   A 1 7  ? 9.534   -1.492  -0.881  1.00 18.23 ? 85  G   A C5    1 
ATOM   143  C C6    . G   A 1 7  ? 9.489   -1.463  0.522   1.00 15.93 ? 85  G   A C6    1 
ATOM   144  O O6    . G   A 1 7  ? 9.295   -0.484  1.258   1.00 15.21 ? 85  G   A O6    1 
ATOM   145  N N1    . G   A 1 7  ? 9.657   -2.741  1.067   1.00 18.18 ? 85  G   A N1    1 
ATOM   146  C C2    . G   A 1 7  ? 9.802   -3.895  0.335   1.00 16.40 ? 85  G   A C2    1 
ATOM   147  N N2    . G   A 1 7  ? 9.919   -5.012  1.023   1.00 17.90 ? 85  G   A N2    1 
ATOM   148  N N3    . G   A 1 7  ? 9.819   -3.936  -0.986  1.00 13.13 ? 85  G   A N3    1 
ATOM   149  C C4    . G   A 1 7  ? 9.685   -2.698  -1.522  1.00 17.28 ? 85  G   A C4    1 
ATOM   150  P P     . G   A 1 8  ? 5.608   -6.178  -3.959  1.00 41.52 ? 86  G   A P     1 
ATOM   151  O OP1   . G   A 1 8  ? 5.292   -7.552  -4.435  1.00 47.28 ? 86  G   A OP1   1 
ATOM   152  O OP2   . G   A 1 8  ? 4.531   -5.134  -4.032  1.00 43.85 ? 86  G   A OP2   1 
ATOM   153  O "O5'" . G   A 1 8  ? 6.079   -6.292  -2.443  1.00 41.90 ? 86  G   A "O5'" 1 
ATOM   154  C "C5'" . G   A 1 8  ? 6.685   -7.482  -1.968  1.00 45.79 ? 86  G   A "C5'" 1 
ATOM   155  C "C4'" . G   A 1 8  ? 6.399   -7.646  -0.506  1.00 43.78 ? 86  G   A "C4'" 1 
ATOM   156  O "O4'" . G   A 1 8  ? 6.888   -6.472  0.187   1.00 25.99 ? 86  G   A "O4'" 1 
ATOM   157  C "C3'" . G   A 1 8  ? 4.930   -7.766  -0.149  1.00 48.97 ? 86  G   A "C3'" 1 
ATOM   158  O "O3'" . G   A 1 8  ? 4.635   -9.168  -0.113  1.00 44.47 ? 86  G   A "O3'" 1 
ATOM   159  C "C2'" . G   A 1 8  ? 4.857   -7.132  1.241   1.00 32.32 ? 86  G   A "C2'" 1 
ATOM   160  O "O2'" . G   A 1 8  ? 5.210   -8.103  2.225   1.00 30.62 ? 86  G   A "O2'" 1 
ATOM   161  C "C1'" . G   A 1 8  ? 5.958   -6.056  1.173   1.00 24.18 ? 86  G   A "C1'" 1 
ATOM   162  N N9    . G   A 1 8  ? 5.713   -4.600  1.019   1.00 19.41 ? 86  G   A N9    1 
ATOM   163  C C8    . G   A 1 8  ? 5.647   -3.896  -0.165  1.00 11.26 ? 86  G   A C8    1 
ATOM   164  N N7    . G   A 1 8  ? 5.582   -2.597  0.007   1.00 18.15 ? 86  G   A N7    1 
ATOM   165  C C5    . G   A 1 8  ? 5.558   -2.425  1.383   1.00 17.20 ? 86  G   A C5    1 
ATOM   166  C C6    . G   A 1 8  ? 5.519   -1.236  2.151   1.00 10.02 ? 86  G   A C6    1 
ATOM   167  O O6    . G   A 1 8  ? 5.570   -0.071  1.752   1.00 15.03 ? 86  G   A O6    1 
ATOM   168  N N1    . G   A 1 8  ? 5.464   -1.498  3.517   1.00 10.89 ? 86  G   A N1    1 
ATOM   169  C C2    . G   A 1 8  ? 5.508   -2.752  4.079   1.00 16.65 ? 86  G   A C2    1 
ATOM   170  N N2    . G   A 1 8  ? 5.463   -2.817  5.439   1.00 18.34 ? 86  G   A N2    1 
ATOM   171  N N3    . G   A 1 8  ? 5.596   -3.877  3.369   1.00 18.93 ? 86  G   A N3    1 
ATOM   172  C C4    . G   A 1 8  ? 5.607   -3.640  2.035   1.00 17.91 ? 86  G   A C4    1 
ATOM   173  P P     . G   A 1 9  ? 3.213   -9.691  0.448   1.00 47.02 ? 87  G   A P     1 
ATOM   174  O OP1   . G   A 1 9  ? 3.357   -11.157 0.599   1.00 50.29 ? 87  G   A OP1   1 
ATOM   175  O OP2   . G   A 1 9  ? 2.115   -9.134  -0.389  1.00 42.29 ? 87  G   A OP2   1 
ATOM   176  O "O5'" . G   A 1 9  ? 3.070   -9.082  1.923   1.00 51.41 ? 87  G   A "O5'" 1 
ATOM   177  C "C5'" . G   A 1 9  ? 1.861   -8.440  2.352   1.00 55.54 ? 87  G   A "C5'" 1 
ATOM   178  C "C4'" . G   A 1 9  ? 2.047   -7.785  3.713   1.00 52.95 ? 87  G   A "C4'" 1 
ATOM   179  O "O4'" . G   A 1 9  ? 3.256   -6.946  3.703   1.00 57.29 ? 87  G   A "O4'" 1 
ATOM   180  C "C3'" . G   A 1 9  ? 0.957   -6.770  4.049   1.00 49.58 ? 87  G   A "C3'" 1 
ATOM   181  O "O3'" . G   A 1 9  ? -0.395  -7.144  4.263   1.00 46.58 ? 87  G   A "O3'" 1 
ATOM   182  C "C2'" . G   A 1 9  ? 1.681   -5.746  4.921   1.00 46.89 ? 87  G   A "C2'" 1 
ATOM   183  O "O2'" . G   A 1 9  ? 2.068   -6.097  6.251   1.00 46.06 ? 87  G   A "O2'" 1 
ATOM   184  C "C1'" . G   A 1 9  ? 2.916   -5.595  4.057   1.00 51.59 ? 87  G   A "C1'" 1 
ATOM   185  N N9    . G   A 1 9  ? 2.516   -4.899  2.826   1.00 44.52 ? 87  G   A N9    1 
ATOM   186  C C8    . G   A 1 9  ? 2.374   -5.468  1.566   1.00 38.25 ? 87  G   A C8    1 
ATOM   187  N N7    . G   A 1 9  ? 2.008   -4.613  0.645   1.00 31.57 ? 87  G   A N7    1 
ATOM   188  C C5    . G   A 1 9  ? 1.886   -3.403  1.324   1.00 31.23 ? 87  G   A C5    1 
ATOM   189  C C6    . G   A 1 9  ? 1.498   -2.131  0.841   1.00 26.70 ? 87  G   A C6    1 
ATOM   190  O O6    . G   A 1 9  ? 1.171   -1.829  -0.292  1.00 26.77 ? 87  G   A O6    1 
ATOM   191  N N1    . G   A 1 9  ? 1.497   -1.169  1.845   1.00 21.25 ? 87  G   A N1    1 
ATOM   192  C C2    . G   A 1 9  ? 1.810   -1.409  3.172   1.00 23.87 ? 87  G   A C2    1 
ATOM   193  N N2    . G   A 1 9  ? 1.725   -0.327  3.973   1.00 19.75 ? 87  G   A N2    1 
ATOM   194  N N3    . G   A 1 9  ? 2.172   -2.607  3.657   1.00 29.52 ? 87  G   A N3    1 
ATOM   195  C C4    . G   A 1 9  ? 2.192   -3.554  2.676   1.00 36.62 ? 87  G   A C4    1 
ATOM   196  P P     . C   A 1 10 ? -1.527  -6.403  3.353   1.00 49.55 ? 88  C   A P     1 
ATOM   197  O OP1   . C   A 1 10 ? -2.735  -7.258  3.336   1.00 38.66 ? 88  C   A OP1   1 
ATOM   198  O OP2   . C   A 1 10 ? -0.946  -5.986  2.044   1.00 38.78 ? 88  C   A OP2   1 
ATOM   199  O "O5'" . C   A 1 10 ? -1.888  -5.062  4.162   1.00 53.09 ? 88  C   A "O5'" 1 
ATOM   200  C "C5'" . C   A 1 10 ? -0.912  -4.041  4.514   1.00 54.16 ? 88  C   A "C5'" 1 
ATOM   201  C "C4'" . C   A 1 10 ? -1.241  -3.478  5.889   1.00 40.15 ? 88  C   A "C4'" 1 
ATOM   202  O "O4'" . C   A 1 10 ? -0.691  -4.400  6.862   1.00 47.25 ? 88  C   A "O4'" 1 
ATOM   203  C "C3'" . C   A 1 10 ? -0.764  -2.108  6.406   1.00 54.24 ? 88  C   A "C3'" 1 
ATOM   204  O "O3'" . C   A 1 10 ? -1.469  -0.923  5.836   1.00 58.06 ? 88  C   A "O3'" 1 
ATOM   205  C "C2'" . C   A 1 10 ? -0.965  -2.298  7.928   1.00 47.24 ? 88  C   A "C2'" 1 
ATOM   206  O "O2'" . C   A 1 10 ? -2.298  -2.081  8.335   1.00 39.44 ? 88  C   A "O2'" 1 
ATOM   207  C "C1'" . C   A 1 10 ? -0.777  -3.810  8.129   1.00 51.45 ? 88  C   A "C1'" 1 
ATOM   208  N N1    . C   A 1 10 ? 0.301   -4.306  9.023   0.50 35.96 ? 88  C   A N1    1 
ATOM   209  C C2    . C   A 1 10 ? -0.073  -5.032  10.182  0.50 37.58 ? 88  C   A C2    1 
ATOM   210  O O2    . C   A 1 10 ? -1.278  -5.263  10.395  0.50 32.07 ? 88  C   A O2    1 
ATOM   211  N N3    . C   A 1 10 ? 0.887   -5.469  11.027  0.50 31.63 ? 88  C   A N3    1 
ATOM   212  C C4    . C   A 1 10 ? 2.171   -5.229  10.758  0.50 32.47 ? 88  C   A C4    1 
ATOM   213  N N4    . C   A 1 10 ? 3.078   -5.690  11.621  0.50 40.30 ? 88  C   A N4    1 
ATOM   214  C C5    . C   A 1 10 ? 2.579   -4.509  9.591   1.00 39.06 ? 88  C   A C5    1 
ATOM   215  C C6    . C   A 1 10 ? 1.622   -4.073  8.758   0.50 33.77 ? 88  C   A C6    1 
ATOM   216  P P     . G   A 1 11 ? -1.762  0.427   6.751   1.00 56.28 ? 89  G   A P     1 
ATOM   217  O OP1   . G   A 1 11 ? -0.690  0.526   7.793   1.00 51.90 ? 89  G   A OP1   1 
ATOM   218  O OP2   . G   A 1 11 ? -3.199  0.521   7.156   1.00 55.51 ? 89  G   A OP2   1 
ATOM   219  O "O5'" . G   A 1 11 ? -1.560  1.751   5.888   1.00 55.16 ? 89  G   A "O5'" 1 
ATOM   220  C "C5'" . G   A 1 11 ? -1.035  2.908   6.560   1.00 46.22 ? 89  G   A "C5'" 1 
ATOM   221  C "C4'" . G   A 1 11 ? -1.773  4.183   6.194   1.00 43.41 ? 89  G   A "C4'" 1 
ATOM   222  O "O4'" . G   A 1 11 ? -3.109  4.268   6.796   1.00 32.03 ? 89  G   A "O4'" 1 
ATOM   223  C "C3'" . G   A 1 11 ? -1.070  5.431   6.751   1.00 41.87 ? 89  G   A "C3'" 1 
ATOM   224  O "O3'" . G   A 1 11 ? 0.083   5.772   5.955   1.00 48.70 ? 89  G   A "O3'" 1 
ATOM   225  C "C2'" . G   A 1 11 ? -2.167  6.504   6.742   1.00 45.34 ? 89  G   A "C2'" 1 
ATOM   226  O "O2'" . G   A 1 11 ? -2.218  7.289   5.562   1.00 36.23 ? 89  G   A "O2'" 1 
ATOM   227  C "C1'" . G   A 1 11 ? -3.441  5.657   6.912   1.00 40.65 ? 89  G   A "C1'" 1 
ATOM   228  N N9    . G   A 1 11 ? -4.278  5.940   8.086   1.00 32.16 ? 89  G   A N9    1 
ATOM   229  C C8    . G   A 1 11 ? -5.641  5.800   8.135   1.00 34.91 ? 89  G   A C8    1 
ATOM   230  N N7    . G   A 1 11 ? -6.171  6.275   9.229   1.00 34.70 ? 89  G   A N7    1 
ATOM   231  C C5    . G   A 1 11 ? -5.094  6.727   9.975   1.00 36.24 ? 89  G   A C5    1 
ATOM   232  C C6    . G   A 1 11 ? -5.072  7.343   11.231  1.00 33.10 ? 89  G   A C6    1 
ATOM   233  O O6    . G   A 1 11 ? -6.036  7.668   11.930  1.00 39.96 ? 89  G   A O6    1 
ATOM   234  N N1    . G   A 1 11 ? -3.772  7.599   11.661  1.00 38.86 ? 89  G   A N1    1 
ATOM   235  C C2    . G   A 1 11 ? -2.637  7.309   10.950  1.00 36.99 ? 89  G   A C2    1 
ATOM   236  N N2    . G   A 1 11 ? -1.461  7.596   11.548  1.00 36.23 ? 89  G   A N2    1 
ATOM   237  N N3    . G   A 1 11 ? -2.646  6.766   9.738   1.00 30.09 ? 89  G   A N3    1 
ATOM   238  C C4    . G   A 1 11 ? -3.907  6.496   9.314   1.00 33.26 ? 89  G   A C4    1 
ATOM   239  P P     . A   A 1 12 A 1.234   6.748   6.544   1.00 50.73 ? 89  A   A P     1 
ATOM   240  O OP1   . A   A 1 12 A 0.438   7.890   7.011   1.00 47.06 ? 89  A   A OP1   1 
ATOM   241  O OP2   . A   A 1 12 A 2.202   6.936   5.435   1.00 45.63 ? 89  A   A OP2   1 
ATOM   242  O "O5'" . A   A 1 12 A 1.935   5.957   7.777   1.00 54.24 ? 89  A   A "O5'" 1 
ATOM   243  C "C5'" . A   A 1 12 A 2.036   6.528   9.126   1.00 38.05 ? 89  A   A "C5'" 1 
ATOM   244  C "C4'" . A   A 1 12 A 2.315   5.451   10.218  1.00 31.68 ? 89  A   A "C4'" 1 
ATOM   245  O "O4'" . A   A 1 12 A 1.346   4.389   10.086  1.00 42.70 ? 89  A   A "O4'" 1 
ATOM   246  C "C3'" . A   A 1 12 A 3.690   4.769   10.308  1.00 29.28 ? 89  A   A "C3'" 1 
ATOM   247  O "O3'" . A   A 1 12 A 4.538   5.458   11.245  1.00 35.47 ? 89  A   A "O3'" 1 
ATOM   248  C "C2'" . A   A 1 12 A 3.372   3.387   10.862  1.00 38.37 ? 89  A   A "C2'" 1 
ATOM   249  O "O2'" . A   A 1 12 A 3.445   3.331   12.264  1.00 51.55 ? 89  A   A "O2'" 1 
ATOM   250  C "C1'" . A   A 1 12 A 1.939   3.156   10.386  1.00 39.35 ? 89  A   A "C1'" 1 
ATOM   251  N N9    . A   A 1 12 A 1.873   2.327   9.195   1.00 18.77 ? 89  A   A N9    1 
ATOM   252  C C8    . A   A 1 12 A 1.617   2.639   7.882   1.00 20.15 ? 89  A   A C8    1 
ATOM   253  N N7    . A   A 1 12 A 1.676   1.601   7.075   1.00 16.60 ? 89  A   A N7    1 
ATOM   254  C C5    . A   A 1 12 A 1.984   0.543   7.919   1.00 14.53 ? 89  A   A C5    1 
ATOM   255  C C6    . A   A 1 12 A 2.185   -0.834  7.698   1.00 18.85 ? 89  A   A C6    1 
ATOM   256  N N6    . A   A 1 12 A 2.112   -1.437  6.507   1.00 14.19 ? 89  A   A N6    1 
ATOM   257  N N1    . A   A 1 12 A 2.459   -1.601  8.775   1.00 18.57 ? 89  A   A N1    1 
ATOM   258  C C2    . A   A 1 12 A 2.515   -1.023  9.984   1.00 16.45 ? 89  A   A C2    1 
ATOM   259  N N3    . A   A 1 12 A 2.348   0.252   10.316  1.00 19.99 ? 89  A   A N3    1 
ATOM   260  C C4    . A   A 1 12 A 2.088   0.984   9.226   1.00 17.70 ? 89  A   A C4    1 
ATOM   261  P P     . C   A 1 13 ? 6.029   4.949   11.499  1.00 34.71 ? 90  C   A P     1 
ATOM   262  O OP1   . C   A 1 13 ? 6.352   4.994   12.926  1.00 41.57 ? 90  C   A OP1   1 
ATOM   263  O OP2   . C   A 1 13 ? 6.909   5.598   10.531  1.00 29.86 ? 90  C   A OP2   1 
ATOM   264  O "O5'" . C   A 1 13 ? 5.986   3.424   11.128  1.00 38.74 ? 90  C   A "O5'" 1 
ATOM   265  C "C5'" . C   A 1 13 ? 6.656   2.492   11.943  1.00 45.68 ? 90  C   A "C5'" 1 
ATOM   266  C "C4'" . C   A 1 13 ? 6.181   1.101   11.627  1.00 51.55 ? 90  C   A "C4'" 1 
ATOM   267  O "O4'" . C   A 1 13 ? 4.990   1.167   10.777  1.00 31.62 ? 90  C   A "O4'" 1 
ATOM   268  C "C3'" . C   A 1 13 ? 7.175   0.277   10.820  1.00 49.82 ? 90  C   A "C3'" 1 
ATOM   269  O "O3'" . C   A 1 13 ? 8.242   -0.255  11.630  1.00 44.12 ? 90  C   A "O3'" 1 
ATOM   270  C "C2'" . C   A 1 13 ? 6.247   -0.763  10.180  1.00 32.06 ? 90  C   A "C2'" 1 
ATOM   271  O "O2'" . C   A 1 13 ? 5.839   -1.817  11.026  1.00 29.51 ? 90  C   A "O2'" 1 
ATOM   272  C "C1'" . C   A 1 13 ? 5.019   0.089   9.840   1.00 33.35 ? 90  C   A "C1'" 1 
ATOM   273  N N1    . C   A 1 13 ? 5.071   0.615   8.451   1.00 23.51 ? 90  C   A N1    1 
ATOM   274  C C2    . C   A 1 13 ? 5.240   -0.303  7.384   1.00 21.27 ? 90  C   A C2    1 
ATOM   275  O O2    . C   A 1 13 ? 5.296   -1.500  7.636   1.00 14.55 ? 90  C   A O2    1 
ATOM   276  N N3    . C   A 1 13 ? 5.339   0.149   6.111   1.00 21.18 ? 90  C   A N3    1 
ATOM   277  C C4    . C   A 1 13 ? 5.267   1.465   5.861   1.00 18.35 ? 90  C   A C4    1 
ATOM   278  N N4    . C   A 1 13 ? 5.370   1.872   4.569   1.00 11.32 ? 90  C   A N4    1 
ATOM   279  C C5    . C   A 1 13 ? 5.082   2.431   6.923   1.00 16.09 ? 90  C   A C5    1 
ATOM   280  C C6    . C   A 1 13 ? 4.983   1.962   8.191   1.00 19.09 ? 90  C   A C6    1 
ATOM   281  P P     . C   A 1 14 ? 9.790   0.002   11.216  1.00 38.68 ? 91  C   A P     1 
ATOM   282  O OP1   . C   A 1 14 ? 10.521  0.274   12.479  1.00 42.49 ? 91  C   A OP1   1 
ATOM   283  O OP2   . C   A 1 14 ? 9.894   0.984   10.092  1.00 35.18 ? 91  C   A OP2   1 
ATOM   284  O "O5'" . C   A 1 14 ? 10.293  -1.420  10.649  1.00 47.19 ? 91  C   A "O5'" 1 
ATOM   285  C "C5'" . C   A 1 14 ? 9.603   -2.085  9.552   1.00 53.53 ? 91  C   A "C5'" 1 
ATOM   286  C "C4'" . C   A 1 14 ? 10.488  -3.133  8.824   1.00 55.65 ? 91  C   A "C4'" 1 
ATOM   287  O "O4'" . C   A 1 14 ? 9.659   -3.814  7.807   1.00 51.35 ? 91  C   A "O4'" 1 
ATOM   288  C "C3'" . C   A 1 14 ? 11.696  -2.634  8.011   1.00 52.95 ? 91  C   A "C3'" 1 
ATOM   289  O "O3'" . C   A 1 14 ? 12.880  -2.434  8.800   1.00 51.40 ? 91  C   A "O3'" 1 
ATOM   290  C "C2'" . C   A 1 14 ? 11.813  -3.703  6.912   1.00 55.22 ? 91  C   A "C2'" 1 
ATOM   291  O "O2'" . C   A 1 14 ? 12.379  -4.954  7.314   1.00 57.59 ? 91  C   A "O2'" 1 
ATOM   292  C "C1'" . C   A 1 14 ? 10.334  -3.862  6.540   1.00 42.55 ? 91  C   A "C1'" 1 
ATOM   293  N N1    . C   A 1 14 ? 9.908   -2.678  5.733   1.00 27.81 ? 91  C   A N1    1 
ATOM   294  C C2    . C   A 1 14 ? 9.746   -2.779  4.314   1.00 23.20 ? 91  C   A C2    1 
ATOM   295  O O2    . C   A 1 14 ? 9.847   -3.892  3.739   1.00 16.57 ? 91  C   A O2    1 
ATOM   296  N N3    . C   A 1 14 ? 9.468   -1.648  3.617   1.00 19.25 ? 91  C   A N3    1 
ATOM   297  C C4    . C   A 1 14 ? 9.329   -0.479  4.255   1.00 22.32 ? 91  C   A C4    1 
ATOM   298  N N4    . C   A 1 14 ? 9.103   0.614   3.532   1.00 21.51 ? 91  C   A N4    1 
ATOM   299  C C5    . C   A 1 14 ? 9.431   -0.371  5.664   1.00 21.13 ? 91  C   A C5    1 
ATOM   300  C C6    . C   A 1 14 ? 9.714   -1.476  6.355   1.00 18.38 ? 91  C   A C6    1 
ATOM   301  P P     . G   A 1 15 ? 14.215  -1.871  8.105   1.00 50.68 ? 92  G   A P     1 
ATOM   302  O OP1   . G   A 1 15 ? 15.249  -2.104  9.144   1.00 54.31 ? 92  G   A OP1   1 
ATOM   303  O OP2   . G   A 1 15 ? 14.003  -0.503  7.589   1.00 46.44 ? 92  G   A OP2   1 
ATOM   304  O "O5'" . G   A 1 15 ? 14.409  -2.900  6.902   1.00 44.71 ? 92  G   A "O5'" 1 
ATOM   305  C "C5'" . G   A 1 15 ? 15.120  -2.543  5.721   1.00 46.52 ? 92  G   A "C5'" 1 
ATOM   306  C "C4'" . G   A 1 15 ? 14.962  -3.617  4.647   1.00 46.37 ? 92  G   A "C4'" 1 
ATOM   307  O "O4'" . G   A 1 15 ? 13.541  -3.823  4.326   1.00 28.40 ? 92  G   A "O4'" 1 
ATOM   308  C "C3'" . G   A 1 15 ? 15.606  -3.258  3.312   1.00 52.45 ? 92  G   A "C3'" 1 
ATOM   309  O "O3'" . G   A 1 15 ? 16.970  -3.619  3.246   1.00 43.01 ? 92  G   A "O3'" 1 
ATOM   310  C "C2'" . G   A 1 15 ? 14.788  -4.074  2.336   1.00 40.20 ? 92  G   A "C2'" 1 
ATOM   311  O "O2'" . G   A 1 15 ? 15.170  -5.435  2.335   1.00 40.65 ? 92  G   A "O2'" 1 
ATOM   312  C "C1'" . G   A 1 15 ? 13.380  -3.886  2.915   1.00 26.07 ? 92  G   A "C1'" 1 
ATOM   313  N N9    . G   A 1 15 ? 12.903  -2.581  2.506   1.00 16.31 ? 92  G   A N9    1 
ATOM   314  C C8    . G   A 1 15 ? 12.642  -1.533  3.350   1.00 17.19 ? 92  G   A C8    1 
ATOM   315  N N7    . G   A 1 15 ? 12.384  -0.420  2.724   1.00 13.56 ? 92  G   A N7    1 
ATOM   316  C C5    . G   A 1 15 ? 12.441  -0.760  1.384   1.00 16.79 ? 92  G   A C5    1 
ATOM   317  C C6    . G   A 1 15 ? 12.270  0.038   0.262   1.00 20.02 ? 92  G   A C6    1 
ATOM   318  O O6    . G   A 1 15 ? 12.015  1.259   0.238   1.00 17.47 ? 92  G   A O6    1 
ATOM   319  N N1    . G   A 1 15 ? 12.418  -0.699  -0.927  1.00 20.60 ? 92  G   A N1    1 
ATOM   320  C C2    . G   A 1 15 ? 12.640  -2.027  -1.005  1.00 12.81 ? 92  G   A C2    1 
ATOM   321  N N2    . G   A 1 15 ? 12.654  -2.520  -2.264  1.00 13.96 ? 92  G   A N2    1 
ATOM   322  N N3    . G   A 1 15 ? 12.818  -2.810  0.062   1.00 19.03 ? 92  G   A N3    1 
ATOM   323  C C4    . G   A 1 15 ? 12.715  -2.103  1.223   1.00 11.98 ? 92  G   A C4    1 
ATOM   324  P P     . C   A 1 16 ? 18.025  -2.586  2.632   1.00 41.46 ? 93  C   A P     1 
ATOM   325  O OP1   . C   A 1 16 ? 19.299  -2.789  3.351   1.00 37.81 ? 93  C   A OP1   1 
ATOM   326  O OP2   . C   A 1 16 ? 17.356  -1.281  2.699   1.00 39.86 ? 93  C   A OP2   1 
ATOM   327  O "O5'" . C   A 1 16 ? 18.174  -3.005  1.106   1.00 55.08 ? 93  C   A "O5'" 1 
ATOM   328  C "C5'" . C   A 1 16 ? 17.123  -3.682  0.438   1.00 51.71 ? 93  C   A "C5'" 1 
ATOM   329  C "C4'" . C   A 1 16 ? 17.388  -3.715  -1.040  1.00 56.16 ? 93  C   A "C4'" 1 
ATOM   330  O "O4'" . C   A 1 16 ? 16.131  -3.584  -1.753  1.00 44.57 ? 93  C   A "O4'" 1 
ATOM   331  C "C3'" . C   A 1 16 ? 18.228  -2.559  -1.537  1.00 45.95 ? 93  C   A "C3'" 1 
ATOM   332  O "O3'" . C   A 1 16 ? 19.604  -2.882  -1.426  1.00 39.95 ? 93  C   A "O3'" 1 
ATOM   333  C "C2'" . C   A 1 16 ? 17.724  -2.387  -2.971  1.00 49.77 ? 93  C   A "C2'" 1 
ATOM   334  O "O2'" . C   A 1 16 ? 18.190  -3.371  -3.885  1.00 46.88 ? 93  C   A "O2'" 1 
ATOM   335  C "C1'" . C   A 1 16 ? 16.220  -2.547  -2.744  1.00 41.85 ? 93  C   A "C1'" 1 
ATOM   336  N N1    . C   A 1 16 ? 15.662  -1.313  -2.144  1.00 17.95 ? 93  C   A N1    1 
ATOM   337  C C2    . C   A 1 16 ? 14.907  -0.370  -2.914  1.00 13.42 ? 93  C   A C2    1 
ATOM   338  O O2    . C   A 1 16 ? 14.690  -0.582  -4.116  1.00 12.74 ? 93  C   A O2    1 
ATOM   339  N N3    . C   A 1 16 ? 14.456  0.748   -2.296  1.00 19.79 ? 93  C   A N3    1 
ATOM   340  C C4    . C   A 1 16 ? 14.740  0.954   -0.997  1.00 17.52 ? 93  C   A C4    1 
ATOM   341  N N4    . C   A 1 16 ? 14.311  2.069   -0.409  1.00 13.94 ? 93  C   A N4    1 
ATOM   342  C C5    . C   A 1 16 ? 15.486  0.021   -0.222  1.00 13.75 ? 93  C   A C5    1 
ATOM   343  C C6    . C   A 1 16 ? 15.913  -1.082  -0.821  1.00 12.19 ? 93  C   A C6    1 
ATOM   344  P P     . C   A 1 17 ? 20.724  -1.800  -1.868  1.00 44.64 ? 94  C   A P     1 
ATOM   345  O OP1   . C   A 1 17 ? 21.781  -2.618  -2.547  1.00 43.54 ? 94  C   A OP1   1 
ATOM   346  O OP2   . C   A 1 17 ? 21.075  -0.993  -0.657  1.00 42.02 ? 94  C   A OP2   1 
ATOM   347  O "O5'" . C   A 1 17 ? 20.017  -0.853  -2.983  1.00 44.64 ? 94  C   A "O5'" 1 
ATOM   348  C "C5'" . C   A 1 17 ? 19.036  0.167   -2.633  1.00 42.62 ? 94  C   A "C5'" 1 
ATOM   349  C "C4'" . C   A 1 17 ? 18.647  1.062   -3.845  1.00 41.82 ? 94  C   A "C4'" 1 
ATOM   350  O "O4'" . C   A 1 17 ? 17.274  1.573   -3.662  1.00 25.99 ? 94  C   A "O4'" 1 
ATOM   351  C "C3'" . C   A 1 17 ? 19.534  2.299   -4.099  1.00 38.61 ? 94  C   A "C3'" 1 
ATOM   352  O "O3'" . C   A 1 17 ? 20.530  2.082   -5.126  1.00 42.48 ? 94  C   A "O3'" 1 
ATOM   353  C "C2'" . C   A 1 17 ? 18.548  3.423   -4.475  1.00 27.34 ? 94  C   A "C2'" 1 
ATOM   354  O "O2'" . C   A 1 17 ? 18.395  3.589   -5.873  1.00 30.81 ? 94  C   A "O2'" 1 
ATOM   355  C "C1'" . C   A 1 17 ? 17.248  2.988   -3.775  1.00 26.64 ? 94  C   A "C1'" 1 
ATOM   356  N N1    . C   A 1 17 ? 16.935  3.487   -2.418  1.00 18.79 ? 94  C   A N1    1 
ATOM   357  C C2    . C   A 1 17 ? 16.327  4.732   -2.242  1.00 19.05 ? 94  C   A C2    1 
ATOM   358  O O2    . C   A 1 17 ? 16.089  5.423   -3.214  1.00 15.22 ? 94  C   A O2    1 
ATOM   359  N N3    . C   A 1 17 ? 16.003  5.143   -1.005  1.00 13.79 ? 94  C   A N3    1 
ATOM   360  C C4    . C   A 1 17 ? 16.249  4.357   0.041   1.00 17.38 ? 94  C   A C4    1 
ATOM   361  N N4    . C   A 1 17 ? 15.866  4.777   1.247   1.00 16.89 ? 94  C   A N4    1 
ATOM   362  C C5    . C   A 1 17 ? 16.885  3.095   -0.102  1.00 16.73 ? 94  C   A C5    1 
ATOM   363  C C6    . C   A 1 17 ? 17.214  2.705   -1.336  1.00 12.11 ? 94  C   A C6    1 
ATOM   364  P P     . U   A 1 18 ? 21.889  2.978   -5.161  1.00 45.20 ? 95  U   A P     1 
ATOM   365  O OP1   . U   A 1 18 ? 21.976  3.583   -6.521  1.00 46.99 ? 95  U   A OP1   1 
ATOM   366  O OP2   . U   A 1 18 ? 23.027  2.164   -4.639  1.00 38.57 ? 95  U   A OP2   1 
ATOM   367  O "O5'" . U   A 1 18 ? 21.661  4.140   -4.088  1.00 46.71 ? 95  U   A "O5'" 1 
ATOM   368  C "C5'" . U   A 1 18 ? 22.407  5.352   -4.109  1.00 48.50 ? 95  U   A "C5'" 1 
ATOM   369  C "C4'" . U   A 1 18 ? 21.472  6.503   -4.345  1.00 45.60 ? 95  U   A "C4'" 1 
ATOM   370  O "O4'" . U   A 1 18 ? 20.239  6.235   -3.635  1.00 39.55 ? 95  U   A "O4'" 1 
ATOM   371  C "C3'" . U   A 1 18 ? 21.862  7.840   -3.772  1.00 48.32 ? 95  U   A "C3'" 1 
ATOM   372  O "O3'" . U   A 1 18 ? 22.958  8.432   -4.475  1.00 48.47 ? 95  U   A "O3'" 1 
ATOM   373  C "C2'" . U   A 1 18 ? 20.516  8.573   -3.797  1.00 46.70 ? 95  U   A "C2'" 1 
ATOM   374  O "O2'" . U   A 1 18 ? 20.176  8.966   -5.108  1.00 50.02 ? 95  U   A "O2'" 1 
ATOM   375  C "C1'" . U   A 1 18 ? 19.528  7.448   -3.428  1.00 37.88 ? 95  U   A "C1'" 1 
ATOM   376  N N1    . U   A 1 18 ? 18.838  7.423   -2.100  1.00 10.21 ? 95  U   A N1    1 
ATOM   377  C C2    . U   A 1 18 ? 17.941  8.469   -1.753  1.00 13.59 ? 95  U   A C2    1 
ATOM   378  O O2    . U   A 1 18 ? 17.633  9.371   -2.484  1.00 12.54 ? 95  U   A O2    1 
ATOM   379  N N3    . U   A 1 18 ? 17.422  8.397   -0.504  1.00 13.44 ? 95  U   A N3    1 
ATOM   380  C C4    . U   A 1 18 ? 17.652  7.435   0.433   1.00 12.46 ? 95  U   A C4    1 
ATOM   381  O O4    . U   A 1 18 ? 17.238  7.619   1.557   1.00 14.07 ? 95  U   A O4    1 
ATOM   382  C C5    . U   A 1 18 ? 18.511  6.370   0.028   1.00 16.50 ? 95  U   A C5    1 
ATOM   383  C C6    . U   A 1 18 ? 19.067  6.393   -1.187  1.00 18.06 ? 95  U   A C6    1 
ATOM   384  P P     . G   A 1 19 ? 24.419  8.470   -3.754  1.00 45.43 ? 96  G   A P     1 
ATOM   385  O OP1   . G   A 1 19 ? 25.479  8.013   -4.685  1.00 35.60 ? 96  G   A OP1   1 
ATOM   386  O OP2   . G   A 1 19 ? 24.322  7.852   -2.424  1.00 39.18 ? 96  G   A OP2   1 
ATOM   387  O "O5'" . G   A 1 19 ? 24.672  10.005  -3.439  1.00 50.08 ? 96  G   A "O5'" 1 
ATOM   388  C "C5'" . G   A 1 19 ? 24.865  10.947  -4.497  1.00 48.74 ? 96  G   A "C5'" 1 
ATOM   389  C "C4'" . G   A 1 19 ? 24.114  12.232  -4.202  1.00 54.36 ? 96  G   A "C4'" 1 
ATOM   390  O "O4'" . G   A 1 19 ? 22.684  11.931  -4.183  1.00 55.87 ? 96  G   A "O4'" 1 
ATOM   391  C "C3'" . G   A 1 19 ? 24.434  12.881  -2.849  1.00 41.25 ? 96  G   A "C3'" 1 
ATOM   392  O "O3'" . G   A 1 19 ? 25.552  13.803  -2.890  1.00 43.75 ? 96  G   A "O3'" 1 
ATOM   393  C "C2'" . G   A 1 19 ? 23.089  13.508  -2.469  1.00 42.26 ? 96  G   A "C2'" 1 
ATOM   394  O "O2'" . G   A 1 19 ? 22.875  14.777  -3.078  1.00 56.35 ? 96  G   A "O2'" 1 
ATOM   395  C "C1'" . G   A 1 19 ? 22.098  12.439  -2.989  1.00 52.16 ? 96  G   A "C1'" 1 
ATOM   396  N N9    . G   A 1 19 ? 21.812  11.281  -2.111  1.00 37.76 ? 96  G   A N9    1 
ATOM   397  C C8    . G   A 1 19 ? 22.329  10.008  -2.276  1.00 32.05 ? 96  G   A C8    1 
ATOM   398  N N7    . G   A 1 19 ? 21.953  9.161   -1.347  1.00 31.35 ? 96  G   A N7    1 
ATOM   399  C C5    . G   A 1 19 ? 21.130  9.901   -0.496  1.00 30.93 ? 96  G   A C5    1 
ATOM   400  C C6    . G   A 1 19 ? 20.457  9.517   0.724   1.00 28.12 ? 96  G   A C6    1 
ATOM   401  O O6    . G   A 1 19 ? 20.457  8.411   1.305   1.00 35.86 ? 96  G   A O6    1 
ATOM   402  N N1    . G   A 1 19 ? 19.740  10.584  1.273   1.00 29.62 ? 96  G   A N1    1 
ATOM   403  C C2    . G   A 1 19 ? 19.678  11.860  0.749   1.00 38.33 ? 96  G   A C2    1 
ATOM   404  N N2    . G   A 1 19 ? 18.953  12.753  1.462   1.00 30.41 ? 96  G   A N2    1 
ATOM   405  N N3    . G   A 1 19 ? 20.288  12.236  -0.381  1.00 34.02 ? 96  G   A N3    1 
ATOM   406  C C4    . G   A 1 19 ? 21.000  11.214  -0.948  1.00 30.35 ? 96  G   A C4    1 
ATOM   407  P P     . G   A 1 20 ? 25.885  14.711  -1.605  0.00 42.36 ? 97  G   A P     1 
ATOM   408  O OP1   . G   A 1 20 ? 27.286  15.191  -1.731  0.00 42.56 ? 97  G   A OP1   1 
ATOM   409  O OP2   . G   A 1 20 ? 25.467  13.956  -0.397  0.00 47.13 ? 97  G   A OP2   1 
ATOM   410  O "O5'" . G   A 1 20 ? 24.908  15.961  -1.736  0.50 44.03 ? 97  G   A "O5'" 1 
ATOM   411  C "C5'" . G   A 1 20 ? 23.763  16.080  -0.886  0.50 46.56 ? 97  G   A "C5'" 1 
ATOM   412  C "C4'" . G   A 1 20 ? 22.637  16.728  -1.639  0.50 42.31 ? 97  G   A "C4'" 1 
ATOM   413  O "O4'" . G   A 1 20 ? 21.463  16.934  -0.814  0.50 42.00 ? 97  G   A "O4'" 1 
ATOM   414  C "C3'" . G   A 1 20 ? 22.948  18.125  -2.109  0.50 54.67 ? 97  G   A "C3'" 1 
ATOM   415  O "O3'" . G   A 1 20 ? 23.942  18.015  -3.141  0.50 54.34 ? 97  G   A "O3'" 1 
ATOM   416  C "C2'" . G   A 1 20 ? 21.559  18.654  -2.461  0.50 49.67 ? 97  G   A "C2'" 1 
ATOM   417  O "O2'" . G   A 1 20 ? 21.188  18.266  -3.765  0.50 41.77 ? 97  G   A "O2'" 1 
ATOM   418  C "C1'" . G   A 1 20 ? 20.671  17.956  -1.413  0.50 51.54 ? 97  G   A "C1'" 1 
ATOM   419  N N9    . G   A 1 20 ? 20.111  18.842  -0.384  0.50 30.93 ? 97  G   A N9    1 
ATOM   420  C C8    . G   A 1 20 ? 20.806  19.706  0.431   0.50 30.55 ? 97  G   A C8    1 
ATOM   421  N N7    . G   A 1 20 ? 20.029  20.423  1.204   0.50 33.22 ? 97  G   A N7    1 
ATOM   422  C C5    . G   A 1 20 ? 18.745  20.003  0.897   0.50 42.12 ? 97  G   A C5    1 
ATOM   423  C C6    . G   A 1 20 ? 17.487  20.436  1.408   0.50 46.92 ? 97  G   A C6    1 
ATOM   424  O O6    . G   A 1 20 ? 17.252  21.306  2.256   0.50 40.86 ? 97  G   A O6    1 
ATOM   425  N N1    . G   A 1 20 ? 16.439  19.744  0.827   0.50 42.76 ? 97  G   A N1    1 
ATOM   426  C C2    . G   A 1 20 ? 16.577  18.753  -0.110  0.50 44.45 ? 97  G   A C2    1 
ATOM   427  N N2    . G   A 1 20 ? 15.447  18.186  -0.523  0.50 42.18 ? 97  G   A N2    1 
ATOM   428  N N3    . G   A 1 20 ? 17.735  18.345  -0.605  0.50 32.01 ? 97  G   A N3    1 
ATOM   429  C C4    . G   A 1 20 ? 18.772  19.012  -0.065  0.50 33.01 ? 97  G   A C4    1 
ATOM   430  O "O5'" . C   B 1 1  ? -2.341  2.477   2.098   0.50 55.47 ? 79  C   B "O5'" 1 
ATOM   431  C "C5'" . C   B 1 1  ? -3.562  3.177   2.405   0.50 51.76 ? 79  C   B "C5'" 1 
ATOM   432  C "C4'" . C   B 1 1  ? -3.396  4.632   2.803   0.50 46.67 ? 79  C   B "C4'" 1 
ATOM   433  O "O4'" . C   B 1 1  ? -1.997  5.030   2.683   0.50 37.43 ? 79  C   B "O4'" 1 
ATOM   434  C "C3'" . C   B 1 1  ? -4.113  5.624   1.903   0.50 52.42 ? 79  C   B "C3'" 1 
ATOM   435  O "O3'" . C   B 1 1  ? -5.485  5.778   2.196   0.50 57.08 ? 79  C   B "O3'" 1 
ATOM   436  C "C2'" . C   B 1 1  ? -3.289  6.881   2.104   0.50 45.95 ? 79  C   B "C2'" 1 
ATOM   437  O "O2'" . C   B 1 1  ? -3.434  7.482   3.377   0.50 48.05 ? 79  C   B "O2'" 1 
ATOM   438  C "C1'" . C   B 1 1  ? -1.903  6.274   1.988   0.50 47.37 ? 79  C   B "C1'" 1 
ATOM   439  N N1    . C   B 1 1  ? -1.634  5.975   0.571   0.50 38.05 ? 79  C   B N1    1 
ATOM   440  C C2    . C   B 1 1  ? -1.787  6.987   -0.377  0.50 35.52 ? 79  C   B C2    1 
ATOM   441  O O2    . C   B 1 1  ? -2.106  8.124   -0.007  0.50 38.02 ? 79  C   B O2    1 
ATOM   442  N N3    . C   B 1 1  ? -1.585  6.698   -1.674  0.50 39.78 ? 79  C   B N3    1 
ATOM   443  C C4    . C   B 1 1  ? -1.242  5.459   -2.040  0.50 35.54 ? 79  C   B C4    1 
ATOM   444  N N4    . C   B 1 1  ? -1.066  5.217   -3.333  0.50 38.40 ? 79  C   B N4    1 
ATOM   445  C C5    . C   B 1 1  ? -1.064  4.418   -1.097  0.50 32.41 ? 79  C   B C5    1 
ATOM   446  C C6    . C   B 1 1  ? -1.262  4.717   0.185   0.50 35.53 ? 79  C   B C6    1 
ATOM   447  P P     . U   B 1 2  ? -6.540  5.733   0.991   1.00 49.56 ? 80  U   B P     1 
ATOM   448  O OP1   . U   B 1 2  ? -7.901  5.536   1.590   1.00 46.66 ? 80  U   B OP1   1 
ATOM   449  O OP2   . U   B 1 2  ? -6.031  4.752   0.006   1.00 43.14 ? 80  U   B OP2   1 
ATOM   450  O "O5'" . U   B 1 2  ? -6.423  7.170   0.294   1.00 47.05 ? 80  U   B "O5'" 1 
ATOM   451  C "C5'" . U   B 1 2  ? -5.314  7.505   -0.540  1.00 44.64 ? 80  U   B "C5'" 1 
ATOM   452  C "C4'" . U   B 1 2  ? -5.480  6.897   -1.905  1.00 49.57 ? 80  U   B "C4'" 1 
ATOM   453  O "O4'" . U   B 1 2  ? -4.431  5.927   -2.121  1.00 44.77 ? 80  U   B "O4'" 1 
ATOM   454  C "C3'" . U   B 1 2  ? -6.710  6.048   -2.114  1.00 43.86 ? 80  U   B "C3'" 1 
ATOM   455  O "O3'" . U   B 1 2  ? -7.807  6.829   -2.465  1.00 56.56 ? 80  U   B "O3'" 1 
ATOM   456  C "C2'" . U   B 1 2  ? -6.342  5.223   -3.328  1.00 44.45 ? 80  U   B "C2'" 1 
ATOM   457  O "O2'" . U   B 1 2  ? -6.485  5.999   -4.483  1.00 40.93 ? 80  U   B "O2'" 1 
ATOM   458  C "C1'" . U   B 1 2  ? -4.847  5.035   -3.140  1.00 40.89 ? 80  U   B "C1'" 1 
ATOM   459  N N1    . U   B 1 2  ? -4.293  3.680   -2.937  1.00 29.36 ? 80  U   B N1    1 
ATOM   460  C C2    . U   B 1 2  ? -3.803  3.068   -4.058  1.00 27.75 ? 80  U   B C2    1 
ATOM   461  O O2    . U   B 1 2  ? -3.893  3.578   -5.176  1.00 26.06 ? 80  U   B O2    1 
ATOM   462  N N3    . U   B 1 2  ? -3.216  1.838   -3.848  1.00 29.71 ? 80  U   B N3    1 
ATOM   463  C C4    . U   B 1 2  ? -3.082  1.150   -2.656  1.00 26.83 ? 80  U   B C4    1 
ATOM   464  O O4    . U   B 1 2  ? -2.540  0.026   -2.648  1.00 23.90 ? 80  U   B O4    1 
ATOM   465  C C5    . U   B 1 2  ? -3.642  1.828   -1.534  1.00 30.44 ? 80  U   B C5    1 
ATOM   466  C C6    . U   B 1 2  ? -4.222  3.043   -1.708  1.00 28.10 ? 80  U   B C6    1 
ATOM   467  P P     . G   B 1 3  ? -9.172  6.097   -2.796  1.00 45.72 ? 81  G   B P     1 
ATOM   468  O OP1   . G   B 1 3  ? -10.317 7.018   -2.646  1.00 45.03 ? 81  G   B OP1   1 
ATOM   469  O OP2   . G   B 1 3  ? -9.112  4.842   -2.024  1.00 44.70 ? 81  G   B OP2   1 
ATOM   470  O "O5'" . G   B 1 3  ? -9.079  5.760   -4.341  1.00 46.36 ? 81  G   B "O5'" 1 
ATOM   471  C "C5'" . G   B 1 3  ? -9.098  6.790   -5.323  1.00 43.99 ? 81  G   B "C5'" 1 
ATOM   472  C "C4'" . G   B 1 3  ? -8.815  6.200   -6.682  1.00 49.57 ? 81  G   B "C4'" 1 
ATOM   473  O "O4'" . G   B 1 3  ? -7.439  5.726   -6.776  1.00 48.34 ? 81  G   B "O4'" 1 
ATOM   474  C "C3'" . G   B 1 3  ? -9.641  4.964   -6.928  1.00 43.70 ? 81  G   B "C3'" 1 
ATOM   475  O "O3'" . G   B 1 3  ? -10.913 5.315   -7.409  1.00 38.44 ? 81  G   B "O3'" 1 
ATOM   476  C "C2'" . G   B 1 3  ? -8.782  4.191   -7.907  1.00 41.52 ? 81  G   B "C2'" 1 
ATOM   477  O "O2'" . G   B 1 3  ? -8.715  4.768   -9.192  1.00 43.74 ? 81  G   B "O2'" 1 
ATOM   478  C "C1'" . G   B 1 3  ? -7.428  4.396   -7.271  1.00 47.36 ? 81  G   B "C1'" 1 
ATOM   479  N N9    . G   B 1 3  ? -7.317  3.533   -6.116  1.00 22.45 ? 81  G   B N9    1 
ATOM   480  C C8    . G   B 1 3  ? -7.746  3.825   -4.850  1.00 16.05 ? 81  G   B C8    1 
ATOM   481  N N7    . G   B 1 3  ? -7.444  2.906   -3.975  1.00 19.59 ? 81  G   B N7    1 
ATOM   482  C C5    . G   B 1 3  ? -6.803  1.935   -4.728  1.00 17.76 ? 81  G   B C5    1 
ATOM   483  C C6    . G   B 1 3  ? -6.253  0.699   -4.335  1.00 21.99 ? 81  G   B C6    1 
ATOM   484  O O6    . G   B 1 3  ? -6.177  0.211   -3.195  1.00 23.33 ? 81  G   B O6    1 
ATOM   485  N N1    . G   B 1 3  ? -5.744  0.009   -5.430  1.00 23.22 ? 81  G   B N1    1 
ATOM   486  C C2    . G   B 1 3  ? -5.762  0.465   -6.724  1.00 23.16 ? 81  G   B C2    1 
ATOM   487  N N2    . G   B 1 3  ? -5.264  -0.361  -7.627  1.00 14.13 ? 81  G   B N2    1 
ATOM   488  N N3    . G   B 1 3  ? -6.241  1.630   -7.096  1.00 20.39 ? 81  G   B N3    1 
ATOM   489  C C4    . G   B 1 3  ? -6.746  2.305   -6.060  1.00 22.91 ? 81  G   B C4    1 
ATOM   490  P P     . G   B 1 4  ? -12.196 4.680   -6.700  1.00 46.97 ? 82  G   B P     1 
ATOM   491  O OP1   . G   B 1 4  ? -13.417 4.839   -7.544  1.00 44.81 ? 82  G   B OP1   1 
ATOM   492  O OP2   . G   B 1 4  ? -12.151 5.254   -5.293  1.00 44.54 ? 82  G   B OP2   1 
ATOM   493  O "O5'" . G   B 1 4  ? -11.864 3.119   -6.705  1.00 41.72 ? 82  G   B "O5'" 1 
ATOM   494  C "C5'" . G   B 1 4  ? -12.459 2.227   -7.649  1.00 48.08 ? 82  G   B "C5'" 1 
ATOM   495  C "C4'" . G   B 1 4  ? -11.414 1.748   -8.611  1.00 46.16 ? 82  G   B "C4'" 1 
ATOM   496  O "O4'" . G   B 1 4  ? -10.154 1.629   -7.902  1.00 44.07 ? 82  G   B "O4'" 1 
ATOM   497  C "C3'" . G   B 1 4  ? -11.571 0.389   -9.312  1.00 44.09 ? 82  G   B "C3'" 1 
ATOM   498  O "O3'" . G   B 1 4  ? -12.487 0.406   -10.460 1.00 42.40 ? 82  G   B "O3'" 1 
ATOM   499  C "C2'" . G   B 1 4  ? -10.120 0.149   -9.780  1.00 38.39 ? 82  G   B "C2'" 1 
ATOM   500  O "O2'" . G   B 1 4  ? -9.772  0.661   -11.067 1.00 43.15 ? 82  G   B "O2'" 1 
ATOM   501  C "C1'" . G   B 1 4  ? -9.286  0.837   -8.682  1.00 47.42 ? 82  G   B "C1'" 1 
ATOM   502  N N9    . G   B 1 4  ? -8.680  -0.174  -7.841  1.00 21.71 ? 82  G   B N9    1 
ATOM   503  C C8    . G   B 1 4  ? -8.556  -0.196  -6.472  1.00 21.67 ? 82  G   B C8    1 
ATOM   504  N N7    . G   B 1 4  ? -8.004  -1.300  -6.031  1.00 28.91 ? 82  G   B N7    1 
ATOM   505  C C5    . G   B 1 4  ? -7.739  -2.037  -7.185  1.00 24.65 ? 82  G   B C5    1 
ATOM   506  C C6    . G   B 1 4  ? -7.138  -3.319  -7.349  1.00 23.06 ? 82  G   B C6    1 
ATOM   507  O O6    . G   B 1 4  ? -6.721  -4.080  -6.475  1.00 21.95 ? 82  G   B O6    1 
ATOM   508  N N1    . G   B 1 4  ? -7.044  -3.682  -8.705  1.00 20.03 ? 82  G   B N1    1 
ATOM   509  C C2    . G   B 1 4  ? -7.478  -2.899  -9.778  1.00 25.95 ? 82  G   B C2    1 
ATOM   510  N N2    . G   B 1 4  ? -7.325  -3.417  -11.033 1.00 27.74 ? 82  G   B N2    1 
ATOM   511  N N3    . G   B 1 4  ? -8.032  -1.701  -9.626  1.00 29.17 ? 82  G   B N3    1 
ATOM   512  C C4    . G   B 1 4  ? -8.133  -1.342  -8.310  1.00 26.39 ? 82  G   B C4    1 
ATOM   513  P P     . G   B 1 5  ? -13.594 -0.802  -10.716 1.00 44.60 ? 83  G   B P     1 
ATOM   514  O OP1   . G   B 1 5  ? -14.354 -0.501  -11.968 1.00 45.91 ? 83  G   B OP1   1 
ATOM   515  O OP2   . G   B 1 5  ? -14.357 -1.082  -9.442  1.00 44.78 ? 83  G   B OP2   1 
ATOM   516  O "O5'" . G   B 1 5  ? -12.764 -2.101  -11.163 1.00 45.22 ? 83  G   B "O5'" 1 
ATOM   517  C "C5'" . G   B 1 5  ? -13.309 -3.417  -10.942 1.00 41.70 ? 83  G   B "C5'" 1 
ATOM   518  C "C4'" . G   B 1 5  ? -12.641 -4.479  -11.821 1.00 42.12 ? 83  G   B "C4'" 1 
ATOM   519  O "O4'" . G   B 1 5  ? -11.184 -4.330  -11.829 1.00 49.43 ? 83  G   B "O4'" 1 
ATOM   520  C "C3'" . G   B 1 5  ? -12.940 -5.924  -11.369 1.00 38.70 ? 83  G   B "C3'" 1 
ATOM   521  O "O3'" . G   B 1 5  ? -14.072 -6.496  -12.069 1.00 47.63 ? 83  G   B "O3'" 1 
ATOM   522  C "C2'" . G   B 1 5  ? -11.656 -6.660  -11.739 1.00 45.39 ? 83  G   B "C2'" 1 
ATOM   523  O "O2'" . G   B 1 5  ? -11.689 -7.045  -13.103 1.00 42.58 ? 83  G   B "O2'" 1 
ATOM   524  C "C1'" . G   B 1 5  ? -10.582 -5.582  -11.516 1.00 39.63 ? 83  G   B "C1'" 1 
ATOM   525  N N9    . G   B 1 5  ? -10.059 -5.487  -10.148 1.00 30.19 ? 83  G   B N9    1 
ATOM   526  C C8    . G   B 1 5  ? -9.898  -4.307  -9.443  1.00 28.60 ? 83  G   B C8    1 
ATOM   527  N N7    . G   B 1 5  ? -9.351  -4.465  -8.259  1.00 24.67 ? 83  G   B N7    1 
ATOM   528  C C5    . G   B 1 5  ? -9.138  -5.834  -8.161  1.00 27.99 ? 83  G   B C5    1 
ATOM   529  C C6    . G   B 1 5  ? -8.561  -6.568  -7.116  1.00 22.39 ? 83  G   B C6    1 
ATOM   530  O O6    . G   B 1 5  ? -8.127  -6.140  -6.035  1.00 28.47 ? 83  G   B O6    1 
ATOM   531  N N1    . G   B 1 5  ? -8.524  -7.932  -7.409  1.00 27.54 ? 83  G   B N1    1 
ATOM   532  C C2    . G   B 1 5  ? -9.017  -8.508  -8.548  1.00 22.23 ? 83  G   B C2    1 
ATOM   533  N N2    . G   B 1 5  ? -8.904  -9.857  -8.588  1.00 21.36 ? 83  G   B N2    1 
ATOM   534  N N3    . G   B 1 5  ? -9.573  -7.825  -9.556  1.00 27.99 ? 83  G   B N3    1 
ATOM   535  C C4    . G   B 1 5  ? -9.593  -6.498  -9.302  1.00 27.44 ? 83  G   B C4    1 
ATOM   536  P P     . C   B 1 6  ? -15.014 -7.612  -11.361 1.00 45.05 ? 84  C   B P     1 
ATOM   537  O OP1   . C   B 1 6  ? -15.806 -8.241  -12.426 1.00 44.98 ? 84  C   B OP1   1 
ATOM   538  O OP2   . C   B 1 6  ? -15.699 -6.915  -10.255 1.00 42.00 ? 84  C   B OP2   1 
ATOM   539  O "O5'" . C   B 1 6  ? -14.029 -8.725  -10.752 1.00 48.07 ? 84  C   B "O5'" 1 
ATOM   540  C "C5'" . C   B 1 6  ? -12.967 -9.344  -11.533 1.00 38.16 ? 84  C   B "C5'" 1 
ATOM   541  C "C4'" . C   B 1 6  ? -13.109 -10.870 -11.529 1.00 43.69 ? 84  C   B "C4'" 1 
ATOM   542  O "O4'" . C   B 1 6  ? -11.834 -11.600 -11.380 1.00 20.00 ? 84  C   B "O4'" 1 
ATOM   543  C "C3'" . C   B 1 6  ? -13.968 -11.373 -10.394 1.00 43.67 ? 84  C   B "C3'" 1 
ATOM   544  O "O3'" . C   B 1 6  ? -15.299 -11.217 -10.772 1.00 46.15 ? 84  C   B "O3'" 1 
ATOM   545  C "C2'" . C   B 1 6  ? -13.419 -12.784 -10.215 1.00 26.44 ? 84  C   B "C2'" 1 
ATOM   546  O "O2'" . C   B 1 6  ? -13.769 -13.668 -11.277 1.00 22.10 ? 84  C   B "O2'" 1 
ATOM   547  C "C1'" . C   B 1 6  ? -11.924 -12.454 -10.248 1.00 21.51 ? 84  C   B "C1'" 1 
ATOM   548  N N1    . C   B 1 6  ? -11.662 -11.573 -9.106  1.00 10.45 ? 84  C   B N1    1 
ATOM   549  C C2    . C   B 1 6  ? -11.253 -12.069 -7.878  1.00 19.76 ? 84  C   B C2    1 
ATOM   550  O O2    . C   B 1 6  ? -11.075 -13.266 -7.758  1.00 11.39 ? 84  C   B O2    1 
ATOM   551  N N3    . C   B 1 6  ? -11.059 -11.202 -6.863  1.00 13.16 ? 84  C   B N3    1 
ATOM   552  C C4    . C   B 1 6  ? -11.256 -9.900  -7.072  1.00 12.68 ? 84  C   B C4    1 
ATOM   553  N N4    . C   B 1 6  ? -11.057 -9.059  -6.115  1.00 12.54 ? 84  C   B N4    1 
ATOM   554  C C5    . C   B 1 6  ? -11.671 -9.388  -8.308  1.00 12.91 ? 84  C   B C5    1 
ATOM   555  C C6    . C   B 1 6  ? -11.847 -10.239 -9.281  1.00 14.31 ? 84  C   B C6    1 
ATOM   556  P P     . G   B 1 7  ? -16.204 -12.504 -10.923 1.00 44.01 ? 85  G   B P     1 
ATOM   557  O OP1   . G   B 1 7  ? -15.886 -13.132 -12.220 1.00 46.00 ? 85  G   B OP1   1 
ATOM   558  O OP2   . G   B 1 7  ? -17.605 -12.051 -10.623 1.00 44.93 ? 85  G   B OP2   1 
ATOM   559  O "O5'" . G   B 1 7  ? -15.702 -13.499 -9.782  1.00 38.46 ? 85  G   B "O5'" 1 
ATOM   560  C "C5'" . G   B 1 7  ? -16.413 -13.602 -8.548  1.00 46.19 ? 85  G   B "C5'" 1 
ATOM   561  C "C4'" . G   B 1 7  ? -15.545 -14.217 -7.479  1.00 44.39 ? 85  G   B "C4'" 1 
ATOM   562  O "O4'" . G   B 1 7  ? -14.338 -13.432 -7.332  1.00 44.29 ? 85  G   B "O4'" 1 
ATOM   563  C "C3'" . G   B 1 7  ? -16.161 -14.178 -6.088  1.00 43.81 ? 85  G   B "C3'" 1 
ATOM   564  O "O3'" . G   B 1 7  ? -17.060 -15.249 -5.849  1.00 39.70 ? 85  G   B "O3'" 1 
ATOM   565  C "C2'" . G   B 1 7  ? -14.950 -14.230 -5.163  1.00 42.15 ? 85  G   B "C2'" 1 
ATOM   566  O "O2'" . G   B 1 7  ? -14.492 -15.480 -4.728  1.00 40.37 ? 85  G   B "O2'" 1 
ATOM   567  C "C1'" . G   B 1 7  ? -13.891 -13.525 -5.993  1.00 43.58 ? 85  G   B "C1'" 1 
ATOM   568  N N9    . G   B 1 7  ? -13.744 -12.196 -5.436  1.00 18.08 ? 85  G   B N9    1 
ATOM   569  C C8    . G   B 1 7  ? -13.713 -10.987 -6.092  1.00 14.43 ? 85  G   B C8    1 
ATOM   570  N N7    . G   B 1 7  ? -13.585 -9.971  -5.277  1.00 17.32 ? 85  G   B N7    1 
ATOM   571  C C5    . G   B 1 7  ? -13.532 -10.547 -4.002  1.00 17.14 ? 85  G   B C5    1 
ATOM   572  C C6    . G   B 1 7  ? -13.395 -9.945  -2.702  1.00 11.48 ? 85  G   B C6    1 
ATOM   573  O O6    . G   B 1 7  ? -13.371 -8.745  -2.416  1.00 12.90 ? 85  G   B O6    1 
ATOM   574  N N1    . G   B 1 7  ? -13.302 -10.911 -1.684  1.00 15.87 ? 85  G   B N1    1 
ATOM   575  C C2    . G   B 1 7  ? -13.365 -12.281 -1.883  1.00 10.77 ? 85  G   B C2    1 
ATOM   576  N N2    . G   B 1 7  ? -13.215 -13.069 -0.797  1.00 17.47 ? 85  G   B N2    1 
ATOM   577  N N3    . G   B 1 7  ? -13.552 -12.845 -3.079  1.00 19.19 ? 85  G   B N3    1 
ATOM   578  C C4    . G   B 1 7  ? -13.613 -11.921 -4.085  1.00 19.33 ? 85  G   B C4    1 
ATOM   579  P P     . G   B 1 8  ? -18.344 -15.007 -4.921  1.00 44.62 ? 86  G   B P     1 
ATOM   580  O OP1   . G   B 1 8  ? -18.970 -16.349 -4.781  1.00 41.57 ? 86  G   B OP1   1 
ATOM   581  O OP2   . G   B 1 8  ? -19.130 -13.877 -5.471  1.00 44.74 ? 86  G   B OP2   1 
ATOM   582  O "O5'" . G   B 1 8  ? -17.808 -14.611 -3.466  1.00 45.63 ? 86  G   B "O5'" 1 
ATOM   583  C "C5'" . G   B 1 8  ? -17.427 -15.621 -2.512  1.00 44.74 ? 86  G   B "C5'" 1 
ATOM   584  C "C4'" . G   B 1 8  ? -17.671 -15.146 -1.085  1.00 42.74 ? 86  G   B "C4'" 1 
ATOM   585  O "O4'" . G   B 1 8  ? -16.863 -13.972 -0.814  1.00 33.14 ? 86  G   B "O4'" 1 
ATOM   586  C "C3'" . G   B 1 8  ? -19.116 -14.802 -0.721  1.00 38.69 ? 86  G   B "C3'" 1 
ATOM   587  O "O3'" . G   B 1 8  ? -19.711 -15.956 -0.105  1.00 45.81 ? 86  G   B "O3'" 1 
ATOM   588  C "C2'" . G   B 1 8  ? -18.950 -13.710 0.318   1.00 26.14 ? 86  G   B "C2'" 1 
ATOM   589  O "O2'" . G   B 1 8  ? -18.786 -14.367 1.561   1.00 20.00 ? 86  G   B "O2'" 1 
ATOM   590  C "C1'" . G   B 1 8  ? -17.640 -13.022 -0.121  1.00 26.07 ? 86  G   B "C1'" 1 
ATOM   591  N N9    . G   B 1 8  ? -17.644 -11.765 -0.897  1.00 13.61 ? 86  G   B N9    1 
ATOM   592  C C8    . G   B 1 8  ? -17.715 -11.625 -2.274  1.00 12.50 ? 86  G   B C8    1 
ATOM   593  N N7    . G   B 1 8  ? -17.555 -10.382 -2.678  1.00 12.35 ? 86  G   B N7    1 
ATOM   594  C C5    . G   B 1 8  ? -17.409 -9.643  -1.503  1.00 13.30 ? 86  G   B C5    1 
ATOM   595  C C6    . G   B 1 8  ? -17.194 -8.241  -1.304  1.00 11.63 ? 86  G   B C6    1 
ATOM   596  O O6    . G   B 1 8  ? -17.071 -7.353  -2.154  1.00 19.72 ? 86  G   B O6    1 
ATOM   597  N N1    . G   B 1 8  ? -17.111 -7.919  0.045   1.00 16.86 ? 86  G   B N1    1 
ATOM   598  C C2    . G   B 1 8  ? -17.195 -8.818  1.073   1.00 17.72 ? 86  G   B C2    1 
ATOM   599  N N2    . G   B 1 8  ? -17.055 -8.328  2.299   1.00 12.96 ? 86  G   B N2    1 
ATOM   600  N N3    . G   B 1 8  ? -17.391 -10.114 0.914   1.00 18.23 ? 86  G   B N3    1 
ATOM   601  C C4    . G   B 1 8  ? -17.489 -10.463 -0.391  1.00 10.38 ? 86  G   B C4    1 
ATOM   602  P P     . G   B 1 9  ? -21.156 -15.866 0.596   1.00 47.14 ? 87  G   B P     1 
ATOM   603  O OP1   . G   B 1 9  ? -21.285 -17.127 1.368   1.00 43.74 ? 87  G   B OP1   1 
ATOM   604  O OP2   . G   B 1 9  ? -22.186 -15.523 -0.412  1.00 48.01 ? 87  G   B OP2   1 
ATOM   605  O "O5'" . G   B 1 9  ? -21.031 -14.695 1.663   1.00 42.37 ? 87  G   B "O5'" 1 
ATOM   606  C "C5'" . G   B 1 9  ? -22.102 -13.789 1.853   1.00 43.14 ? 87  G   B "C5'" 1 
ATOM   607  C "C4'" . G   B 1 9  ? -21.701 -12.701 2.811   1.00 51.57 ? 87  G   B "C4'" 1 
ATOM   608  O "O4'" . G   B 1 9  ? -20.394 -12.214 2.441   1.00 42.91 ? 87  G   B "O4'" 1 
ATOM   609  C "C3'" . G   B 1 9  ? -22.588 -11.473 2.735   1.00 46.53 ? 87  G   B "C3'" 1 
ATOM   610  O "O3'" . G   B 1 9  ? -23.707 -11.571 3.586   1.00 46.26 ? 87  G   B "O3'" 1 
ATOM   611  C "C2'" . G   B 1 9  ? -21.614 -10.334 3.036   1.00 47.79 ? 87  G   B "C2'" 1 
ATOM   612  O "O2'" . G   B 1 9  ? -21.163 -10.175 4.360   1.00 52.11 ? 87  G   B "O2'" 1 
ATOM   613  C "C1'" . G   B 1 9  ? -20.445 -10.806 2.212   1.00 38.79 ? 87  G   B "C1'" 1 
ATOM   614  N N9    . G   B 1 9  ? -20.762 -10.611 0.800   1.00 19.69 ? 87  G   B N9    1 
ATOM   615  C C8    . G   B 1 9  ? -21.096 -11.602 -0.100  1.00 15.88 ? 87  G   B C8    1 
ATOM   616  N N7    . G   B 1 9  ? -21.329 -11.142 -1.297  1.00 15.45 ? 87  G   B N7    1 
ATOM   617  C C5    . G   B 1 9  ? -21.144 -9.775  -1.181  1.00 17.31 ? 87  G   B C5    1 
ATOM   618  C C6    . G   B 1 9  ? -21.270 -8.797  -2.135  1.00 18.95 ? 87  G   B C6    1 
ATOM   619  O O6    . G   B 1 9  ? -21.551 -8.935  -3.315  1.00 12.91 ? 87  G   B O6    1 
ATOM   620  N N1    . G   B 1 9  ? -21.028 -7.530  -1.621  1.00 11.07 ? 87  G   B N1    1 
ATOM   621  C C2    . G   B 1 9  ? -20.691 -7.250  -0.329  1.00 14.30 ? 87  G   B C2    1 
ATOM   622  N N2    . G   B 1 9  ? -20.465 -5.925  -0.064  1.00 22.36 ? 87  G   B N2    1 
ATOM   623  N N3    . G   B 1 9  ? -20.566 -8.188  0.611   1.00 14.28 ? 87  G   B N3    1 
ATOM   624  C C4    . G   B 1 9  ? -20.804 -9.422  0.107   1.00 18.74 ? 87  G   B C4    1 
ATOM   625  P P     . C   B 1 10 ? -25.038 -10.794 3.212   1.00 44.10 ? 88  C   B P     1 
ATOM   626  O OP1   . C   B 1 10 ? -26.189 -11.647 3.642   1.00 45.90 ? 88  C   B OP1   1 
ATOM   627  O OP2   . C   B 1 10 ? -24.856 -10.490 1.777   1.00 47.65 ? 88  C   B OP2   1 
ATOM   628  O "O5'" . C   B 1 10 ? -25.011 -9.425  4.047   1.00 45.09 ? 88  C   B "O5'" 1 
ATOM   629  C "C5'" . C   B 1 10 ? -24.632 -8.173  3.431   1.00 46.29 ? 88  C   B "C5'" 1 
ATOM   630  C "C4'" . C   B 1 10 ? -25.857 -7.349  2.997   1.00 44.46 ? 88  C   B "C4'" 1 
ATOM   631  O "O4'" . C   B 1 10 ? -26.942 -7.383  4.002   1.00 43.76 ? 88  C   B "O4'" 1 
ATOM   632  C "C3'" . C   B 1 10 ? -25.680 -5.836  2.780   1.00 43.76 ? 88  C   B "C3'" 1 
ATOM   633  O "O3'" . C   B 1 10 ? -24.967 -5.386  1.613   1.00 42.76 ? 88  C   B "O3'" 1 
ATOM   634  C "C2'" . C   B 1 10 ? -27.143 -5.391  2.740   1.00 45.33 ? 88  C   B "C2'" 1 
ATOM   635  O "O2'" . C   B 1 10 ? -27.824 -5.786  1.554   1.00 47.64 ? 88  C   B "O2'" 1 
ATOM   636  C "C1'" . C   B 1 10 ? -27.713 -6.169  3.926   1.00 45.38 ? 88  C   B "C1'" 1 
ATOM   637  N N1    . C   B 1 10 ? -27.622 -5.403  5.214   1.00 38.31 ? 88  C   B N1    1 
ATOM   638  C C2    . C   B 1 10 ? -28.050 -4.056  5.258   1.00 40.08 ? 88  C   B C2    1 
ATOM   639  O O2    . C   B 1 10 ? -28.456 -3.522  4.229   1.00 35.62 ? 88  C   B O2    1 
ATOM   640  N N3    . C   B 1 10 ? -28.006 -3.376  6.431   1.00 37.27 ? 88  C   B N3    1 
ATOM   641  C C4    . C   B 1 10 ? -27.570 -3.980  7.535   1.00 31.31 ? 88  C   B C4    1 
ATOM   642  N N4    . C   B 1 10 ? -27.595 -3.300  8.694   1.00 34.66 ? 88  C   B N4    1 
ATOM   643  C C5    . C   B 1 10 ? -27.098 -5.322  7.517   1.00 36.10 ? 88  C   B C5    1 
ATOM   644  C C6    . C   B 1 10 ? -27.143 -5.991  6.346   1.00 36.22 ? 88  C   B C6    1 
ATOM   645  P P     . G   B 1 11 ? -23.519 -4.702  1.789   1.00 43.34 ? 89  G   B P     1 
ATOM   646  O OP1   . G   B 1 11 ? -22.658 -5.461  0.842   1.00 46.62 ? 89  G   B OP1   1 
ATOM   647  O OP2   . G   B 1 11 ? -23.208 -4.705  3.248   1.00 43.92 ? 89  G   B OP2   1 
ATOM   648  O "O5'" . G   B 1 11 ? -23.610 -3.166  1.322   1.00 44.97 ? 89  G   B "O5'" 1 
ATOM   649  C "C5'" . G   B 1 11 ? -22.480 -2.246  1.519   1.00 41.10 ? 89  G   B "C5'" 1 
ATOM   650  C "C4'" . G   B 1 11 ? -22.446 -1.181  0.422   1.00 43.94 ? 89  G   B "C4'" 1 
ATOM   651  O "O4'" . G   B 1 11 ? -23.656 -0.392  0.545   1.00 39.74 ? 89  G   B "O4'" 1 
ATOM   652  C "C3'" . G   B 1 11 ? -21.419 -0.046  0.407   1.00 44.00 ? 89  G   B "C3'" 1 
ATOM   653  O "O3'" . G   B 1 11 ? -20.197 -0.234  -0.278  1.00 47.18 ? 89  G   B "O3'" 1 
ATOM   654  C "C2'" . G   B 1 11 ? -22.049 0.925   -0.565  1.00 42.70 ? 89  G   B "C2'" 1 
ATOM   655  O "O2'" . G   B 1 11 ? -21.755 0.579   -1.902  1.00 38.92 ? 89  G   B "O2'" 1 
ATOM   656  C "C1'" . G   B 1 11 ? -23.521 0.737   -0.287  1.00 42.09 ? 89  G   B "C1'" 1 
ATOM   657  N N9    . G   B 1 11 ? -24.053 1.930   0.339   1.00 28.99 ? 89  G   B N9    1 
ATOM   658  C C8    . G   B 1 11 ? -23.366 3.031   0.801   1.00 34.83 ? 89  G   B C8    1 
ATOM   659  N N7    . G   B 1 11 ? -24.156 4.009   1.148   1.00 32.54 ? 89  G   B N7    1 
ATOM   660  C C5    . G   B 1 11 ? -25.434 3.494   0.931   1.00 37.24 ? 89  G   B C5    1 
ATOM   661  C C6    . G   B 1 11 ? -26.705 4.071   1.090   1.00 37.35 ? 89  G   B C6    1 
ATOM   662  O O6    . G   B 1 11 ? -26.996 5.231   1.401   1.00 38.81 ? 89  G   B O6    1 
ATOM   663  N N1    . G   B 1 11 ? -27.705 3.161   0.813   1.00 30.58 ? 89  G   B N1    1 
ATOM   664  C C2    . G   B 1 11 ? -27.503 1.884   0.398   1.00 31.16 ? 89  G   B C2    1 
ATOM   665  N N2    . G   B 1 11 ? -28.578 1.122   0.227   1.00 32.54 ? 89  G   B N2    1 
ATOM   666  N N3    . G   B 1 11 ? -26.346 1.375   0.178   1.00 34.18 ? 89  G   B N3    1 
ATOM   667  C C4    . G   B 1 11 ? -25.367 2.206   0.475   1.00 39.97 ? 89  G   B C4    1 
ATOM   668  P P     . A   B 1 12 A -19.244 1.073   -0.568  1.00 43.35 ? 89  A   B P     1 
ATOM   669  O OP1   . A   B 1 12 A -20.029 2.370   -0.671  1.00 39.01 ? 89  A   B OP1   1 
ATOM   670  O OP2   . A   B 1 12 A -18.325 0.729   -1.703  1.00 39.74 ? 89  A   B OP2   1 
ATOM   671  O "O5'" . A   B 1 12 A -18.383 1.107   0.784   1.00 45.56 ? 89  A   B "O5'" 1 
ATOM   672  C "C5'" . A   B 1 12 A -18.393 2.211   1.701   1.00 40.71 ? 89  A   B "C5'" 1 
ATOM   673  C "C4'" . A   B 1 12 A -18.268 1.696   3.122   1.00 43.08 ? 89  A   B "C4'" 1 
ATOM   674  O "O4'" . A   B 1 12 A -19.428 0.864   3.351   1.00 44.95 ? 89  A   B "O4'" 1 
ATOM   675  C "C3'" . A   B 1 12 A -17.045 0.821   3.468   1.00 40.56 ? 89  A   B "C3'" 1 
ATOM   676  O "O3'" . A   B 1 12 A -15.972 1.603   4.050   1.00 45.58 ? 89  A   B "O3'" 1 
ATOM   677  C "C2'" . A   B 1 12 A -17.584 -0.165  4.507   1.00 43.68 ? 89  A   B "C2'" 1 
ATOM   678  O "O2'" . A   B 1 12 A -17.330 0.246   5.832   1.00 43.33 ? 89  A   B "O2'" 1 
ATOM   679  C "C1'" . A   B 1 12 A -19.088 -0.228  4.179   1.00 47.28 ? 89  A   B "C1'" 1 
ATOM   680  N N9    . A   B 1 12 A -19.465 -1.458  3.489   1.00 30.03 ? 89  A   B N9    1 
ATOM   681  C C8    . A   B 1 12 A -19.757 -1.670  2.171   1.00 20.21 ? 89  A   B C8    1 
ATOM   682  N N7    . A   B 1 12 A -19.976 -2.933  1.878   1.00 14.83 ? 89  A   B N7    1 
ATOM   683  C C5    . A   B 1 12 A -19.842 -3.577  3.094   1.00 22.73 ? 89  A   B C5    1 
ATOM   684  C C6    . A   B 1 12 A -19.966 -4.905  3.470   1.00 21.99 ? 89  A   B C6    1 
ATOM   685  N N6    . A   B 1 12 A -20.262 -5.893  2.638   1.00 18.98 ? 89  A   B N6    1 
ATOM   686  N N1    . A   B 1 12 A -19.791 -5.198  4.765   1.00 16.28 ? 89  A   B N1    1 
ATOM   687  C C2    . A   B 1 12 A -19.506 -4.210  5.616   1.00 17.14 ? 89  A   B C2    1 
ATOM   688  N N3    . A   B 1 12 A -19.364 -2.929  5.386   1.00 21.84 ? 89  A   B N3    1 
ATOM   689  C C4    . A   B 1 12 A -19.546 -2.674  4.093   1.00 25.02 ? 89  A   B C4    1 
ATOM   690  P P     . C   B 1 13 ? -14.562 0.902   4.478   1.00 43.64 ? 90  C   B P     1 
ATOM   691  O OP1   . C   B 1 13 ? -14.091 1.507   5.769   1.00 44.04 ? 90  C   B OP1   1 
ATOM   692  O OP2   . C   B 1 13 ? -13.648 0.877   3.308   1.00 54.38 ? 90  C   B OP2   1 
ATOM   693  O "O5'" . C   B 1 13 ? -14.948 -0.596  4.814   1.00 40.48 ? 90  C   B "O5'" 1 
ATOM   694  C "C5'" . C   B 1 13 ? -14.404 -1.219  5.949   1.00 41.76 ? 90  C   B "C5'" 1 
ATOM   695  C "C4'" . C   B 1 13 ? -15.160 -2.478  6.232   1.00 46.59 ? 90  C   B "C4'" 1 
ATOM   696  O "O4'" . C   B 1 13 ? -16.372 -2.495  5.410   1.00 49.32 ? 90  C   B "O4'" 1 
ATOM   697  C "C3'" . C   B 1 13 ? -14.432 -3.771  5.861   1.00 46.96 ? 90  C   B "C3'" 1 
ATOM   698  O "O3'" . C   B 1 13 ? -13.436 -4.188  6.831   1.00 46.74 ? 90  C   B "O3'" 1 
ATOM   699  C "C2'" . C   B 1 13 ? -15.611 -4.747  5.687   1.00 40.80 ? 90  C   B "C2'" 1 
ATOM   700  O "O2'" . C   B 1 13 ? -16.161 -5.310  6.877   1.00 41.64 ? 90  C   B "O2'" 1 
ATOM   701  C "C1'" . C   B 1 13 ? -16.660 -3.841  5.024   1.00 42.56 ? 90  C   B "C1'" 1 
ATOM   702  N N1    . C   B 1 13 ? -16.636 -3.950  3.550   1.00 20.26 ? 90  C   B N1    1 
ATOM   703  C C2    . C   B 1 13 ? -16.719 -5.212  2.981   1.00 15.64 ? 90  C   B C2    1 
ATOM   704  O O2    . C   B 1 13 ? -16.795 -6.200  3.734   1.00 18.88 ? 90  C   B O2    1 
ATOM   705  N N3    . C   B 1 13 ? -16.699 -5.337  1.621   1.00 16.11 ? 90  C   B N3    1 
ATOM   706  C C4    . C   B 1 13 ? -16.571 -4.256  0.851   1.00 18.96 ? 90  C   B C4    1 
ATOM   707  N N4    . C   B 1 13 ? -16.504 -4.422  -0.471  1.00 25.93 ? 90  C   B N4    1 
ATOM   708  C C5    . C   B 1 13 ? -16.487 -2.959  1.406   1.00 16.09 ? 90  C   B C5    1 
ATOM   709  C C6    . C   B 1 13 ? -16.524 -2.848  2.753   1.00 14.09 ? 90  C   B C6    1 
ATOM   710  P P     . C   B 1 14 ? -11.895 -4.458  6.363   1.00 41.62 ? 91  C   B P     1 
ATOM   711  O OP1   . C   B 1 14 ? -11.021 -3.748  7.365   1.00 41.03 ? 91  C   B OP1   1 
ATOM   712  O OP2   . C   B 1 14 ? -11.761 -4.120  4.913   1.00 46.44 ? 91  C   B OP2   1 
ATOM   713  O "O5'" . C   B 1 14 ? -11.707 -6.043  6.469   1.00 40.62 ? 91  C   B "O5'" 1 
ATOM   714  C "C5'" . C   B 1 14 ? -12.663 -6.902  5.854   1.00 42.10 ? 91  C   B "C5'" 1 
ATOM   715  C "C4'" . C   B 1 14 ? -12.111 -8.297  5.676   1.00 44.17 ? 91  C   B "C4'" 1 
ATOM   716  O "O4'" . C   B 1 14 ? -13.129 -9.097  4.988   1.00 47.72 ? 91  C   B "O4'" 1 
ATOM   717  C "C3'" . C   B 1 14 ? -10.905 -8.396  4.761   1.00 46.67 ? 91  C   B "C3'" 1 
ATOM   718  O "O3'" . C   B 1 14 ? -9.694  -8.204  5.422   1.00 39.59 ? 91  C   B "O3'" 1 
ATOM   719  C "C2'" . C   B 1 14 ? -11.051 -9.803  4.195   1.00 42.69 ? 91  C   B "C2'" 1 
ATOM   720  O "O2'" . C   B 1 14 ? -10.705 -10.806 5.127   1.00 40.86 ? 91  C   B "O2'" 1 
ATOM   721  C "C1'" . C   B 1 14 ? -12.548 -9.803  3.893   1.00 42.86 ? 91  C   B "C1'" 1 
ATOM   722  N N1    . C   B 1 14 ? -12.748 -8.989  2.676   1.00 17.24 ? 91  C   B N1    1 
ATOM   723  C C2    . C   B 1 14 ? -12.923 -9.628  1.439   1.00 18.58 ? 91  C   B C2    1 
ATOM   724  O O2    . C   B 1 14 ? -13.010 -10.879 1.415   1.00 13.18 ? 91  C   B O2    1 
ATOM   725  N N3    . C   B 1 14 ? -12.989 -8.861  0.304   1.00 12.00 ? 91  C   B N3    1 
ATOM   726  C C4    . C   B 1 14 ? -12.891 -7.521  0.391   1.00 13.20 ? 91  C   B C4    1 
ATOM   727  N N4    . C   B 1 14 ? -12.928 -6.796  -0.732  1.00 17.25 ? 91  C   B N4    1 
ATOM   728  C C5    . C   B 1 14 ? -12.755 -6.859  1.641   1.00 18.87 ? 91  C   B C5    1 
ATOM   729  C C6    . C   B 1 14 ? -12.706 -7.621  2.745   1.00 13.36 ? 91  C   B C6    1 
ATOM   730  P P     . G   B 1 15 ? -8.355  -8.263  4.572   1.00 43.80 ? 92  G   B P     1 
ATOM   731  O OP1   . G   B 1 15 ? -7.265  -8.265  5.587   1.00 46.21 ? 92  G   B OP1   1 
ATOM   732  O OP2   . G   B 1 15 ? -8.396  -7.206  3.497   1.00 43.90 ? 92  G   B OP2   1 
ATOM   733  O "O5'" . G   B 1 15 ? -8.433  -9.700  3.885   1.00 39.28 ? 92  G   B "O5'" 1 
ATOM   734  C "C5'" . G   B 1 15 ? -7.732  -9.974  2.664   1.00 45.38 ? 92  G   B "C5'" 1 
ATOM   735  C "C4'" . G   B 1 15 ? -8.125  -11.337 2.112   1.00 39.33 ? 92  G   B "C4'" 1 
ATOM   736  O "O4'" . G   B 1 15 ? -9.561  -11.363 1.850   1.00 46.21 ? 92  G   B "O4'" 1 
ATOM   737  C "C3'" . G   B 1 15 ? -7.492  -11.700 0.768   1.00 42.71 ? 92  G   B "C3'" 1 
ATOM   738  O "O3'" . G   B 1 15 ? -6.208  -12.303 0.865   1.00 47.01 ? 92  G   B "O3'" 1 
ATOM   739  C "C2'" . G   B 1 15 ? -8.510  -12.660 0.184   1.00 46.95 ? 92  G   B "C2'" 1 
ATOM   740  O "O2'" . G   B 1 15 ? -8.456  -13.936 0.794   1.00 41.75 ? 92  G   B "O2'" 1 
ATOM   741  C "C1'" . G   B 1 15 ? -9.797  -11.936 0.562   1.00 39.82 ? 92  G   B "C1'" 1 
ATOM   742  N N9    . G   B 1 15 ? -9.998  -10.841 -0.381  1.00 33.62 ? 92  G   B N9    1 
ATOM   743  C C8    . G   B 1 15 ? -10.011 -9.499  -0.066  1.00 22.94 ? 92  G   B C8    1 
ATOM   744  N N7    . G   B 1 15 ? -10.142 -8.726  -1.110  1.00 18.86 ? 92  G   B N7    1 
ATOM   745  C C5    . G   B 1 15 ? -10.231 -9.610  -2.181  1.00 32.45 ? 92  G   B C5    1 
ATOM   746  C C6    . G   B 1 15 ? -10.350 -9.345  -3.547  1.00 30.35 ? 92  G   B C6    1 
ATOM   747  O O6    . G   B 1 15 ? -10.426 -8.261  -4.085  1.00 29.86 ? 92  G   B O6    1 
ATOM   748  N N1    . G   B 1 15 ? -10.374 -10.508 -4.305  1.00 19.72 ? 92  G   B N1    1 
ATOM   749  C C2    . G   B 1 15 ? -10.332 -11.753 -3.804  1.00 14.83 ? 92  G   B C2    1 
ATOM   750  N N2    . G   B 1 15 ? -10.420 -12.699 -4.732  1.00 16.94 ? 92  G   B N2    1 
ATOM   751  N N3    . G   B 1 15 ? -10.220 -12.043 -2.506  1.00 16.70 ? 92  G   B N3    1 
ATOM   752  C C4    . G   B 1 15 ? -10.165 -10.919 -1.755  1.00 30.74 ? 92  G   B C4    1 
ATOM   753  P P     . C   B 1 16 ? -5.039  -11.819 -0.135  1.00 44.42 ? 93  C   B P     1 
ATOM   754  O OP1   . C   B 1 16 ? -3.772  -11.975 0.630   1.00 43.98 ? 93  C   B OP1   1 
ATOM   755  O OP2   . C   B 1 16 ? -5.433  -10.472 -0.599  1.00 47.06 ? 93  C   B OP2   1 
ATOM   756  O "O5'" . C   B 1 16 ? -5.098  -12.815 -1.403  1.00 42.60 ? 93  C   B "O5'" 1 
ATOM   757  C "C5'" . C   B 1 16 ? -6.328  -13.462 -1.773  1.00 38.69 ? 93  C   B "C5'" 1 
ATOM   758  C "C4'" . C   B 1 16 ? -6.196  -14.159 -3.112  1.00 47.38 ? 93  C   B "C4'" 1 
ATOM   759  O "O4'" . C   B 1 16 ? -7.470  -14.120 -3.840  1.00 43.57 ? 93  C   B "O4'" 1 
ATOM   760  C "C3'" . C   B 1 16 ? -5.184  -13.532 -4.045  1.00 35.68 ? 93  C   B "C3'" 1 
ATOM   761  O "O3'" . C   B 1 16 ? -3.921  -14.076 -3.778  1.00 37.84 ? 93  C   B "O3'" 1 
ATOM   762  C "C2'" . C   B 1 16 ? -5.761  -13.863 -5.422  1.00 36.25 ? 93  C   B "C2'" 1 
ATOM   763  O "O2'" . C   B 1 16 ? -5.525  -15.174 -5.903  1.00 41.01 ? 93  C   B "O2'" 1 
ATOM   764  C "C1'" . C   B 1 16 ? -7.251  -13.636 -5.156  1.00 43.77 ? 93  C   B "C1'" 1 
ATOM   765  N N1    . C   B 1 16 ? -7.466  -12.195 -5.089  1.00 31.91 ? 93  C   B N1    1 
ATOM   766  C C2    . C   B 1 16 ? -8.044  -11.508 -6.158  1.00 28.53 ? 93  C   B C2    1 
ATOM   767  O O2    . C   B 1 16 ? -8.402  -12.137 -7.163  1.00 23.53 ? 93  C   B O2    1 
ATOM   768  N N3    . C   B 1 16 ? -8.186  -10.164 -6.058  1.00 17.48 ? 93  C   B N3    1 
ATOM   769  C C4    . C   B 1 16 ? -7.753  -9.527  -4.950  1.00 12.06 ? 93  C   B C4    1 
ATOM   770  N N4    . C   B 1 16 ? -7.863  -8.214  -4.870  1.00 19.76 ? 93  C   B N4    1 
ATOM   771  C C5    . C   B 1 16 ? -7.180  -10.216 -3.862  1.00 14.21 ? 93  C   B C5    1 
ATOM   772  C C6    . C   B 1 16 ? -7.067  -11.529 -3.967  1.00 24.74 ? 93  C   B C6    1 
ATOM   773  P P     . C   B 1 17 ? -2.643  -13.531 -4.564  1.00 43.48 ? 94  C   B P     1 
ATOM   774  O OP1   . C   B 1 17 ? -1.855  -14.753 -4.850  1.00 43.05 ? 94  C   B OP1   1 
ATOM   775  O OP2   . C   B 1 17 ? -2.012  -12.413 -3.818  1.00 42.89 ? 94  C   B OP2   1 
ATOM   776  O "O5'" . C   B 1 17 ? -3.199  -13.004 -5.970  1.00 44.81 ? 94  C   B "O5'" 1 
ATOM   777  C "C5'" . C   B 1 17 ? -3.921  -11.769 -6.089  1.00 51.20 ? 94  C   B "C5'" 1 
ATOM   778  C "C4'" . C   B 1 17 ? -4.146  -11.390 -7.554  1.00 43.09 ? 94  C   B "C4'" 1 
ATOM   779  O "O4'" . C   B 1 17 ? -5.341  -10.585 -7.646  1.00 26.72 ? 94  C   B "O4'" 1 
ATOM   780  C "C3'" . C   B 1 17 ? -3.020  -10.572 -8.195  1.00 51.07 ? 94  C   B "C3'" 1 
ATOM   781  O "O3'" . C   B 1 17 ? -2.228  -11.405 -9.050  1.00 40.42 ? 94  C   B "O3'" 1 
ATOM   782  C "C2'" . C   B 1 17 ? -3.725  -9.508  -9.026  1.00 40.30 ? 94  C   B "C2'" 1 
ATOM   783  O "O2'" . C   B 1 17 ? -3.978  -9.895  -10.349 1.00 39.86 ? 94  C   B "O2'" 1 
ATOM   784  C "C1'" . C   B 1 17 ? -5.041  -9.365  -8.292  1.00 29.79 ? 94  C   B "C1'" 1 
ATOM   785  N N1    . C   B 1 17 ? -5.094  -8.336  -7.271  1.00 16.18 ? 94  C   B N1    1 
ATOM   786  C C2    . C   B 1 17 ? -5.437  -7.033  -7.633  1.00 16.54 ? 94  C   B C2    1 
ATOM   787  O O2    . C   B 1 17 ? -5.618  -6.767  -8.830  1.00 14.75 ? 94  C   B O2    1 
ATOM   788  N N3    . C   B 1 17 ? -5.571  -6.099  -6.671  1.00 19.60 ? 94  C   B N3    1 
ATOM   789  C C4    . C   B 1 17 ? -5.385  -6.432  -5.384  1.00 15.69 ? 94  C   B C4    1 
ATOM   790  N N4    . C   B 1 17 ? -5.593  -5.496  -4.439  1.00 14.99 ? 94  C   B N4    1 
ATOM   791  C C5    . C   B 1 17 ? -4.994  -7.745  -4.997  1.00 17.12 ? 94  C   B C5    1 
ATOM   792  C C6    . C   B 1 17 ? -4.856  -8.654  -5.966  1.00 17.15 ? 94  C   B C6    1 
ATOM   793  P P     . U   B 1 18 ? -0.749  -10.930 -9.496  1.00 44.61 ? 95  U   B P     1 
ATOM   794  O OP1   . U   B 1 18 ? -0.677  -10.989 -10.981 1.00 44.80 ? 95  U   B OP1   1 
ATOM   795  O OP2   . U   B 1 18 ? 0.208   -11.691 -8.682  1.00 44.74 ? 95  U   B OP2   1 
ATOM   796  O "O5'" . U   B 1 18 ? -0.679  -9.414  -9.016  1.00 47.86 ? 95  U   B "O5'" 1 
ATOM   797  C "C5'" . U   B 1 18 ? 0.279   -8.526  -9.560  1.00 43.20 ? 95  U   B "C5'" 1 
ATOM   798  C "C4'" . U   B 1 18 ? -0.432  -7.448  -10.289 1.00 48.34 ? 95  U   B "C4'" 1 
ATOM   799  O "O4'" . U   B 1 18 ? -1.581  -7.131  -9.491  1.00 35.88 ? 95  U   B "O4'" 1 
ATOM   800  C "C3'" . U   B 1 18 ? 0.279   -6.117  -10.478 1.00 39.74 ? 95  U   B "C3'" 1 
ATOM   801  O "O3'" . U   B 1 18 ? 1.093   -6.185  -11.692 1.00 44.58 ? 95  U   B "O3'" 1 
ATOM   802  C "C2'" . U   B 1 18 ? -0.927  -5.187  -10.688 1.00 43.97 ? 95  U   B "C2'" 1 
ATOM   803  O "O2'" . U   B 1 18 ? -1.386  -5.310  -12.015 1.00 38.80 ? 95  U   B "O2'" 1 
ATOM   804  C "C1'" . U   B 1 18 ? -2.016  -5.837  -9.823  1.00 42.56 ? 95  U   B "C1'" 1 
ATOM   805  N N1    . U   B 1 18 ? -2.542  -5.157  -8.617  1.00 22.78 ? 95  U   B N1    1 
ATOM   806  C C2    . U   B 1 18 ? -3.165  -3.913  -8.785  1.00 25.18 ? 95  U   B C2    1 
ATOM   807  O O2    . U   B 1 18 ? -3.311  -3.377  -9.907  1.00 16.32 ? 95  U   B O2    1 
ATOM   808  N N3    . U   B 1 18 ? -3.627  -3.327  -7.612  1.00 18.22 ? 95  U   B N3    1 
ATOM   809  C C4    . U   B 1 18 ? -3.554  -3.841  -6.329  1.00 13.75 ? 95  U   B C4    1 
ATOM   810  O O4    . U   B 1 18 ? -3.888  -3.128  -5.367  1.00 18.88 ? 95  U   B O4    1 
ATOM   811  C C5    . U   B 1 18 ? -2.938  -5.132  -6.245  1.00 20.38 ? 95  U   B C5    1 
ATOM   812  C C6    . U   B 1 18 ? -2.454  -5.726  -7.354  1.00 18.79 ? 95  U   B C6    1 
ATOM   813  P P     . G   B 1 19 ? 2.610   -5.536  -11.782 1.00 44.50 ? 96  G   B P     1 
ATOM   814  O OP1   . G   B 1 19 ? 3.092   -5.793  -13.179 1.00 42.90 ? 96  G   B OP1   1 
ATOM   815  O OP2   . G   B 1 19 ? 3.446   -5.959  -10.613 1.00 42.73 ? 96  G   B OP2   1 
ATOM   816  O "O5'" . G   B 1 19 ? 2.466   -3.949  -11.736 1.00 38.56 ? 96  G   B "O5'" 1 
ATOM   817  C "C5'" . G   B 1 19 ? 1.214   -3.349  -11.512 1.00 47.01 ? 96  G   B "C5'" 1 
ATOM   818  C "C4'" . G   B 1 19 ? 1.206   -1.932  -12.010 1.00 39.19 ? 96  G   B "C4'" 1 
ATOM   819  O "O4'" . G   B 1 19 ? -0.175  -1.473  -11.960 1.00 50.14 ? 96  G   B "O4'" 1 
ATOM   820  C "C3'" . G   B 1 19 ? 2.015   -0.920  -11.199 1.00 44.37 ? 96  G   B "C3'" 1 
ATOM   821  O "O3'" . G   B 1 19 ? 3.319   -0.710  -11.743 1.00 41.13 ? 96  G   B "O3'" 1 
ATOM   822  C "C2'" . G   B 1 19 ? 1.199   0.342   -11.386 1.00 40.42 ? 96  G   B "C2'" 1 
ATOM   823  O "O2'" . G   B 1 19 ? 1.537   0.920   -12.629 1.00 46.77 ? 96  G   B "O2'" 1 
ATOM   824  C "C1'" . G   B 1 19 ? -0.233  -0.216  -11.333 1.00 44.50 ? 96  G   B "C1'" 1 
ATOM   825  N N9    . G   B 1 19 ? -0.576  -0.459  -9.942  1.00 39.33 ? 96  G   B N9    1 
ATOM   826  C C8    . G   B 1 19 ? -0.165  -1.531  -9.179  1.00 27.28 ? 96  G   B C8    1 
ATOM   827  N N7    . G   B 1 19 ? -0.525  -1.443  -7.930  1.00 28.43 ? 96  G   B N7    1 
ATOM   828  C C5    . G   B 1 19 ? -1.233  -0.251  -7.868  1.00 35.01 ? 96  G   B C5    1 
ATOM   829  C C6    . G   B 1 19 ? -1.836  0.379   -6.765  1.00 36.60 ? 96  G   B C6    1 
ATOM   830  O O6    . G   B 1 19 ? -1.830  -0.006  -5.565  1.00 32.98 ? 96  G   B O6    1 
ATOM   831  N N1    . G   B 1 19 ? -2.483  1.579   -7.150  1.00 30.94 ? 96  G   B N1    1 
ATOM   832  C C2    . G   B 1 19 ? -2.523  2.088   -8.452  1.00 36.23 ? 96  G   B C2    1 
ATOM   833  N N2    . G   B 1 19 ? -3.219  3.247   -8.663  1.00 30.24 ? 96  G   B N2    1 
ATOM   834  N N3    . G   B 1 19 ? -1.927  1.501   -9.479  1.00 36.98 ? 96  G   B N3    1 
ATOM   835  C C4    . G   B 1 19 ? -1.305  0.349   -9.117  1.00 35.09 ? 96  G   B C4    1 
ATOM   836  P P     . G   B 1 20 ? 4.548   -0.279  -10.777 1.00 42.21 ? 97  G   B P     1 
ATOM   837  O OP1   . G   B 1 20 ? 5.419   0.642   -11.556 1.00 42.75 ? 97  G   B OP1   1 
ATOM   838  O OP2   . G   B 1 20 ? 5.128   -1.516  -10.226 1.00 47.35 ? 97  G   B OP2   1 
ATOM   839  O "O5'" . G   B 1 20 ? 3.916   0.607   -9.587  1.00 39.83 ? 97  G   B "O5'" 1 
ATOM   840  C "C5'" . G   B 1 20 ? 2.965   0.118   -8.563  1.00 45.77 ? 97  G   B "C5'" 1 
ATOM   841  C "C4'" . G   B 1 20 ? 2.426   1.315   -7.711  1.00 46.38 ? 97  G   B "C4'" 1 
ATOM   842  O "O4'" . G   B 1 20 ? 1.080   1.140   -7.173  1.00 45.51 ? 97  G   B "O4'" 1 
ATOM   843  C "C3'" . G   B 1 20 ? 3.122   1.882   -6.461  1.00 44.03 ? 97  G   B "C3'" 1 
ATOM   844  O "O3'" . G   B 1 20 ? 4.398   2.578   -6.341  1.00 41.83 ? 97  G   B "O3'" 1 
ATOM   845  C "C2'" . G   B 1 20 ? 2.137   2.969   -6.072  1.00 42.82 ? 97  G   B "C2'" 1 
ATOM   846  O "O2'" . G   B 1 20 ? 2.340   4.127   -6.850  1.00 40.02 ? 97  G   B "O2'" 1 
ATOM   847  C "C1'" . G   B 1 20 ? 0.790   2.299   -6.384  1.00 45.38 ? 97  G   B "C1'" 1 
ATOM   848  N N9    . G   B 1 20 ? 0.256   1.912   -5.093  1.00 38.67 ? 97  G   B N9    1 
ATOM   849  C C8    . G   B 1 20 ? -0.677  2.567   -4.319  1.00 35.92 ? 97  G   B C8    1 
ATOM   850  N N7    . G   B 1 20 ? -0.758  2.084   -3.112  1.00 27.06 ? 97  G   B N7    1 
ATOM   851  C C5    . G   B 1 20 ? 0.132   1.021   -3.130  1.00 31.05 ? 97  G   B C5    1 
ATOM   852  C C6    . G   B 1 20 ? 0.514   0.133   -2.116  1.00 25.63 ? 97  G   B C6    1 
ATOM   853  O O6    . G   B 1 20 ? 0.122   0.096   -0.927  1.00 27.02 ? 97  G   B O6    1 
ATOM   854  N N1    . G   B 1 20 ? 1.460   -0.785  -2.588  1.00 25.00 ? 97  G   B N1    1 
ATOM   855  C C2    . G   B 1 20 ? 1.943   -0.836  -3.867  1.00 22.24 ? 97  G   B C2    1 
ATOM   856  N N2    . G   B 1 20 ? 2.805   -1.810  -4.137  1.00 25.34 ? 97  G   B N2    1 
ATOM   857  N N3    . G   B 1 20 ? 1.600   -0.006  -4.805  1.00 24.36 ? 97  G   B N3    1 
ATOM   858  C C4    . G   B 1 20 ? 0.712   0.888   -4.371  1.00 27.20 ? 97  G   B C4    1 
HETATM 859  O O     . HOH C 2 .  ? 7.113   2.666   -0.263  1.00 39.83 ? 101 HOH A O     1 
HETATM 860  O O     . HOH C 2 .  ? 20.896  6.880   3.575   1.00 28.50 ? 102 HOH A O     1 
HETATM 861  O O     . HOH C 2 .  ? 11.250  4.311   0.428   1.00 13.73 ? 103 HOH A O     1 
HETATM 862  O O     . HOH C 2 .  ? 18.014  1.465   9.164   1.00 18.08 ? 104 HOH A O     1 
HETATM 863  O O     . HOH C 2 .  ? 12.376  2.755   2.441   1.00 23.77 ? 105 HOH A O     1 
HETATM 864  O O     . HOH C 2 .  ? 18.733  1.853   6.736   1.00 17.20 ? 106 HOH A O     1 
HETATM 865  O O     . HOH C 2 .  ? 11.934  7.333   7.383   1.00 19.07 ? 107 HOH A O     1 
HETATM 866  O O     . HOH C 2 .  ? 13.379  2.489   8.764   1.00 29.31 ? 110 HOH A O     1 
HETATM 867  O O     . HOH C 2 .  ? 15.115  10.921  11.158  1.00 19.81 ? 111 HOH A O     1 
HETATM 868  O O     . HOH C 2 .  ? 15.238  3.403   11.357  1.00 29.96 ? 112 HOH A O     1 
HETATM 869  O O     . HOH C 2 .  ? 12.645  12.492  11.956  1.00 22.43 ? 113 HOH A O     1 
HETATM 870  O O     . HOH C 2 .  ? -1.497  3.863   11.425  1.00 10.72 ? 114 HOH A O     1 
HETATM 871  O O     . HOH C 2 .  ? 2.453   4.255   15.654  1.00 20.18 ? 115 HOH A O     1 
HETATM 872  O O     . HOH C 2 .  ? 17.524  1.417   -8.887  1.00 21.42 ? 116 HOH A O     1 
HETATM 873  O O     . HOH C 2 .  ? 3.962   14.428  2.071   1.00 26.51 ? 117 HOH A O     1 
HETATM 874  O O     . HOH C 2 .  ? 13.099  -0.475  11.936  1.00 27.73 ? 118 HOH A O     1 
HETATM 875  O O     . HOH C 2 .  ? 17.787  9.519   -7.046  1.00 13.28 ? 119 HOH A O     1 
HETATM 876  O O     . HOH C 2 .  ? 16.242  22.012  5.198   1.00 45.00 ? 120 HOH A O     1 
HETATM 877  O O     . HOH C 2 .  ? 24.622  20.934  -2.882  1.00 6.93  ? 121 HOH A O     1 
HETATM 878  O O     . HOH C 2 .  ? 15.957  17.029  17.909  1.00 20.95 ? 122 HOH A O     1 
HETATM 879  O O     . HOH C 2 .  ? 4.523   10.265  6.003   1.00 33.17 ? 123 HOH A O     1 
HETATM 880  O O     . HOH C 2 .  ? 2.283   9.873   7.673   1.00 22.91 ? 124 HOH A O     1 
HETATM 881  O O     . HOH C 2 .  ? 16.998  -7.464  15.132  1.00 29.94 ? 125 HOH A O     1 
HETATM 882  O O     . HOH C 2 .  ? -7.159  10.361  6.835   1.00 30.31 ? 126 HOH A O     1 
HETATM 883  O O     . HOH C 2 .  ? 6.697   -9.927  14.902  1.00 19.01 ? 127 HOH A O     1 
HETATM 884  O O     . HOH C 2 .  ? 25.833  15.835  8.381   1.00 30.78 ? 128 HOH A O     1 
HETATM 885  O O     . HOH C 2 .  ? 22.470  -5.456  2.736   1.00 28.97 ? 129 HOH A O     1 
HETATM 886  O O     . HOH C 2 .  ? 1.143   15.494  5.512   1.00 42.85 ? 130 HOH A O     1 
HETATM 887  O O     . HOH C 2 .  ? 6.899   14.133  -6.124  1.00 41.17 ? 131 HOH A O     1 
HETATM 888  O O     . HOH C 2 .  ? 6.153   -6.174  5.617   1.00 24.61 ? 132 HOH A O     1 
HETATM 889  O O     . HOH C 2 .  ? 22.832  15.831  16.780  1.00 26.11 ? 134 HOH A O     1 
HETATM 890  O O     . HOH C 2 .  ? 10.510  -16.345 4.492   1.00 2.00  ? 136 HOH A O     1 
HETATM 891  O O     . HOH C 2 .  ? 5.791   -6.717  8.376   1.00 37.91 ? 137 HOH A O     1 
HETATM 892  O O     . HOH C 2 .  ? 13.171  17.354  -1.641  1.00 26.09 ? 138 HOH A O     1 
HETATM 893  O O     . HOH C 2 .  ? 28.480  9.213   -6.109  1.00 31.48 ? 139 HOH A O     1 
HETATM 894  O O     . HOH C 2 .  ? 17.161  -1.294  12.113  1.00 20.07 ? 140 HOH A O     1 
HETATM 895  O O     . HOH C 2 .  ? 19.613  -5.047  14.047  1.00 16.20 ? 141 HOH A O     1 
HETATM 896  O O     . HOH C 2 .  ? -1.459  11.722  13.634  1.00 22.84 ? 142 HOH A O     1 
HETATM 897  O O     . HOH C 2 .  ? -9.274  10.214  13.066  1.00 29.02 ? 143 HOH A O     1 
HETATM 898  O O     . HOH C 2 .  ? 5.940   -9.753  5.196   1.00 26.02 ? 144 HOH A O     1 
HETATM 899  O O     . HOH C 2 .  ? 18.883  17.455  19.077  1.00 5.82  ? 145 HOH A O     1 
HETATM 900  O O     . HOH C 2 .  ? -1.546  10.819  9.922   1.00 25.21 ? 146 HOH A O     1 
HETATM 901  O O     . HOH C 2 .  ? 8.191   -12.707 13.935  1.00 20.27 ? 147 HOH A O     1 
HETATM 902  O O     . HOH C 2 .  ? -5.871  12.155  11.407  1.00 20.21 ? 148 HOH A O     1 
HETATM 903  O O     . HOH C 2 .  ? 26.277  11.732  -8.786  1.00 11.47 ? 149 HOH A O     1 
HETATM 904  O O     . HOH C 2 .  ? 4.962   8.822   2.364   1.00 30.78 ? 150 HOH A O     1 
HETATM 905  O O     . HOH C 2 .  ? 7.650   -12.933 3.142   1.00 24.66 ? 151 HOH A O     1 
HETATM 906  O O     . HOH C 2 .  ? 1.612   20.591  7.222   1.00 21.65 ? 152 HOH A O     1 
HETATM 907  O O     . HOH C 2 .  ? -5.502  3.140   14.544  1.00 14.47 ? 155 HOH A O     1 
HETATM 908  O O     . HOH C 2 .  ? 19.767  15.016  16.612  1.00 25.77 ? 156 HOH A O     1 
HETATM 909  O O     . HOH C 2 .  ? 20.040  12.757  14.846  1.00 20.60 ? 157 HOH A O     1 
HETATM 910  O O     . HOH C 2 .  ? 11.503  18.504  3.422   1.00 27.21 ? 158 HOH A O     1 
HETATM 911  O O     . HOH C 2 .  ? 8.727   20.903  7.648   1.00 23.37 ? 159 HOH A O     1 
HETATM 912  O O     . HOH C 2 .  ? 2.131   19.079  1.662   1.00 21.75 ? 160 HOH A O     1 
HETATM 913  O O     . HOH C 2 .  ? 3.751   -11.597 6.119   1.00 31.53 ? 161 HOH A O     1 
HETATM 914  O O     . HOH C 2 .  ? 12.168  15.802  15.580  1.00 16.17 ? 163 HOH A O     1 
HETATM 915  O O     . HOH C 2 .  ? 5.202   -11.900 11.368  1.00 27.67 ? 164 HOH A O     1 
HETATM 916  O O     . HOH C 2 .  ? 7.873   11.315  12.445  1.00 10.01 ? 165 HOH A O     1 
HETATM 917  O O     . HOH C 2 .  ? 22.573  -1.768  1.209   1.00 27.10 ? 166 HOH A O     1 
HETATM 918  O O     . HOH C 2 .  ? 20.753  -1.554  11.688  1.00 18.96 ? 167 HOH A O     1 
HETATM 919  O O     . HOH C 2 .  ? 11.489  4.035   -11.369 1.00 27.60 ? 168 HOH A O     1 
HETATM 920  O O     . HOH C 2 .  ? 23.262  -3.949  6.511   1.00 23.63 ? 169 HOH A O     1 
HETATM 921  O O     . HOH C 2 .  ? 4.635   -15.063 4.211   1.00 36.77 ? 170 HOH A O     1 
HETATM 922  O O     . HOH C 2 .  ? 7.500   -8.105  9.814   1.00 27.84 ? 171 HOH A O     1 
HETATM 923  O O     . HOH C 2 .  ? 9.856   12.322  10.762  1.00 12.66 ? 172 HOH A O     1 
HETATM 924  O O     . HOH C 2 .  ? -9.684  8.580   8.346   1.00 47.12 ? 173 HOH A O     1 
HETATM 925  O O     . HOH C 2 .  ? 5.861   13.710  8.945   1.00 31.71 ? 174 HOH A O     1 
HETATM 926  O O     . HOH C 2 .  ? 20.653  -9.999  13.182  1.00 20.91 ? 175 HOH A O     1 
HETATM 927  O O     . HOH C 2 .  ? 6.675   -17.941 9.998   1.00 28.73 ? 176 HOH A O     1 
HETATM 928  O O     . HOH C 2 .  ? 16.367  1.986   -12.972 1.00 17.64 ? 177 HOH A O     1 
HETATM 929  O O     . HOH C 2 .  ? 14.038  1.356   -9.869  1.00 32.29 ? 178 HOH A O     1 
HETATM 930  O O     . HOH C 2 .  ? 15.829  5.885   -12.025 1.00 42.70 ? 179 HOH A O     1 
HETATM 931  O O     . HOH C 2 .  ? 20.875  20.954  17.552  1.00 44.87 ? 180 HOH A O     1 
HETATM 932  O O     . HOH C 2 .  ? 12.127  22.135  9.762   1.00 15.46 ? 181 HOH A O     1 
HETATM 933  O O     . HOH C 2 .  ? 4.075   16.836  0.251   1.00 32.70 ? 182 HOH A O     1 
HETATM 934  O O     . HOH C 2 .  ? 16.966  19.311  18.400  1.00 29.69 ? 183 HOH A O     1 
HETATM 935  O O     . HOH C 2 .  ? 12.997  6.477   -13.836 1.00 20.94 ? 184 HOH A O     1 
HETATM 936  O O     . HOH C 2 .  ? 4.305   7.701   -4.321  1.00 30.92 ? 185 HOH A O     1 
HETATM 937  O O     . HOH C 2 .  ? 17.645  -9.989  10.109  1.00 31.93 ? 186 HOH A O     1 
HETATM 938  O O     . HOH C 2 .  ? 17.729  -5.229  7.972   1.00 15.29 ? 187 HOH A O     1 
HETATM 939  O O     . HOH C 2 .  ? 11.740  25.136  12.865  1.00 35.29 ? 188 HOH A O     1 
HETATM 940  O O     . HOH C 2 .  ? -1.552  17.840  10.103  1.00 15.85 ? 189 HOH A O     1 
HETATM 941  O O     . HOH C 2 .  ? 18.049  -1.945  9.729   1.00 20.62 ? 190 HOH A O     1 
HETATM 942  O O     . HOH C 2 .  ? 12.458  4.703   4.540   1.00 35.86 ? 191 HOH A O     1 
HETATM 943  O O     . HOH C 2 .  ? 9.114   8.676   2.911   1.00 11.34 ? 192 HOH A O     1 
HETATM 944  O O     . HOH C 2 .  ? 8.903   -7.565  1.961   1.00 30.44 ? 193 HOH A O     1 
HETATM 945  O O     . HOH C 2 .  ? -1.046  -4.819  -1.076  1.00 17.08 ? 194 HOH A O     1 
HETATM 946  O O     . HOH C 2 .  ? 14.882  3.777   3.666   1.00 33.99 ? 195 HOH A O     1 
HETATM 947  O O     . HOH C 2 .  ? 21.696  10.573  -10.840 1.00 25.99 ? 196 HOH A O     1 
HETATM 948  O O     . HOH C 2 .  ? 14.343  10.328  -6.204  1.00 26.79 ? 197 HOH A O     1 
HETATM 949  O O     . HOH C 2 .  ? 18.221  21.276  11.809  1.00 31.10 ? 198 HOH A O     1 
HETATM 950  O O     . HOH C 2 .  ? 6.352   3.143   -10.534 1.00 10.02 ? 199 HOH A O     1 
HETATM 951  O O     . HOH C 2 .  ? 22.492  9.911   7.588   1.00 11.14 ? 200 HOH A O     1 
HETATM 952  O O     . HOH C 2 .  ? 15.160  8.146   -6.984  1.00 25.10 ? 201 HOH A O     1 
HETATM 953  O O     . HOH C 2 .  ? 8.833   5.371   3.343   1.00 18.53 ? 202 HOH A O     1 
HETATM 954  O O     . HOH C 2 .  ? 9.619   5.007   7.783   1.00 9.64  ? 203 HOH A O     1 
HETATM 955  O O     . HOH C 2 .  ? 1.520   2.206   2.081   1.00 12.08 ? 204 HOH A O     1 
HETATM 956  O O     . HOH C 2 .  ? 16.147  11.933  -1.921  1.00 19.41 ? 205 HOH A O     1 
HETATM 957  O O     . HOH C 2 .  ? 15.058  18.821  2.895   1.00 6.74  ? 206 HOH A O     1 
HETATM 958  O O     . HOH C 2 .  ? 1.534   17.355  11.541  1.00 36.95 ? 207 HOH A O     1 
HETATM 959  O O     . HOH C 2 .  ? 8.042   14.541  14.648  1.00 31.48 ? 208 HOH A O     1 
HETATM 960  O O     . HOH C 2 .  ? 7.938   -9.445  12.709  1.00 35.17 ? 209 HOH A O     1 
HETATM 961  O O     . HOH C 2 .  ? 3.007   -14.354 -2.040  1.00 27.76 ? 210 HOH A O     1 
HETATM 962  O O     . HOH C 2 .  ? 6.439   10.417  10.327  1.00 30.15 ? 211 HOH A O     1 
HETATM 963  O O     . HOH C 2 .  ? 21.999  20.561  10.840  1.00 13.17 ? 212 HOH A O     1 
HETATM 964  O O     . HOH C 2 .  ? 25.568  11.995  4.143   1.00 21.33 ? 213 HOH A O     1 
HETATM 965  O O     . HOH C 2 .  ? 23.057  16.083  1.833   1.00 23.55 ? 214 HOH A O     1 
HETATM 966  O O     . HOH C 2 .  ? 23.831  12.826  2.512   1.00 19.00 ? 215 HOH A O     1 
HETATM 967  O O     . HOH C 2 .  ? 15.759  26.007  5.299   1.00 22.78 ? 237 HOH A O     1 
HETATM 968  O O     . HOH C 2 .  ? 4.913   -8.700  16.068  1.00 9.72  ? 243 HOH A O     1 
HETATM 969  O O     . HOH C 2 .  ? 21.496  1.260   12.065  1.00 22.65 ? 246 HOH A O     1 
HETATM 970  O O     . HOH C 2 .  ? 16.091  24.083  2.883   1.00 25.04 ? 247 HOH A O     1 
HETATM 971  O O     . HOH C 2 .  ? -0.237  10.474  3.313   1.00 23.60 ? 250 HOH A O     1 
HETATM 972  O O     . HOH C 2 .  ? 15.296  1.347   13.296  1.00 12.34 ? 252 HOH A O     1 
HETATM 973  O O     . HOH C 2 .  ? 1.601   13.285  17.087  1.00 25.11 ? 258 HOH A O     1 
HETATM 974  O O     . HOH C 2 .  ? 14.642  29.041  12.093  1.00 25.90 ? 263 HOH A O     1 
HETATM 975  O O     . HOH C 2 .  ? 17.536  4.866   12.765  1.00 27.96 ? 279 HOH A O     1 
HETATM 976  O O     . HOH C 2 .  ? 10.604  -11.638 15.074  1.00 27.91 ? 283 HOH A O     1 
HETATM 977  O O     . HOH C 2 .  ? 8.574   26.288  11.472  1.00 25.15 ? 291 HOH A O     1 
HETATM 978  O O     . HOH C 2 .  ? 10.158  -8.591  14.517  1.00 33.93 ? 315 HOH A O     1 
HETATM 979  O O     . HOH D 2 .  ? -1.219  -0.111  1.888   1.00 8.04  ? 108 HOH B O     1 
HETATM 980  O O     . HOH D 2 .  ? -5.966  -1.479  4.603   1.00 23.53 ? 109 HOH B O     1 
HETATM 981  O O     . HOH D 2 .  ? -5.994  -12.487 8.680   1.00 23.10 ? 133 HOH B O     1 
HETATM 982  O O     . HOH D 2 .  ? -5.327  -7.174  4.981   1.00 24.56 ? 135 HOH B O     1 
HETATM 983  O O     . HOH D 2 .  ? -10.194 -0.268  10.114  1.00 18.94 ? 153 HOH B O     1 
HETATM 984  O O     . HOH D 2 .  ? -7.413  1.108   5.537   1.00 8.82  ? 154 HOH B O     1 
HETATM 985  O O     . HOH D 2 .  ? 2.082   4.466   -18.371 1.00 29.13 ? 162 HOH B O     1 
HETATM 986  O O     . HOH D 2 .  ? 0.133   -4.195  -4.844  1.00 35.50 ? 216 HOH B O     1 
HETATM 987  O O     . HOH D 2 .  ? -6.661  -3.356  -1.763  1.00 15.34 ? 217 HOH B O     1 
HETATM 988  O O     . HOH D 2 .  ? -9.416  -6.320  0.937   1.00 10.38 ? 218 HOH B O     1 
HETATM 989  O O     . HOH D 2 .  ? -9.943  -1.816  4.385   1.00 28.80 ? 219 HOH B O     1 
HETATM 990  O O     . HOH D 2 .  ? -10.483 0.908   4.894   1.00 17.50 ? 220 HOH B O     1 
HETATM 991  O O     . HOH D 2 .  ? -12.252 1.419   0.912   1.00 32.96 ? 221 HOH B O     1 
HETATM 992  O O     . HOH D 2 .  ? -18.234 5.911   -6.606  1.00 36.88 ? 222 HOH B O     1 
HETATM 993  O O     . HOH D 2 .  ? -17.025 0.613   -4.826  1.00 28.29 ? 223 HOH B O     1 
HETATM 994  O O     . HOH D 2 .  ? -18.565 4.270   -9.019  1.00 27.23 ? 224 HOH B O     1 
HETATM 995  O O     . HOH D 2 .  ? -19.833 -6.648  -7.022  1.00 35.10 ? 225 HOH B O     1 
HETATM 996  O O     . HOH D 2 .  ? -19.711 -9.240  -7.523  1.00 21.47 ? 226 HOH B O     1 
HETATM 997  O O     . HOH D 2 .  ? -5.272  2.374   -12.372 1.00 32.95 ? 227 HOH B O     1 
HETATM 998  O O     . HOH D 2 .  ? -2.410  -2.271  -13.052 1.00 13.34 ? 228 HOH B O     1 
HETATM 999  O O     . HOH D 2 .  ? -5.597  -1.085  -11.568 1.00 33.39 ? 229 HOH B O     1 
HETATM 1000 O O     . HOH D 2 .  ? -3.146  -8.382  -12.435 1.00 11.11 ? 230 HOH B O     1 
HETATM 1001 O O     . HOH D 2 .  ? -4.004  -7.362  -15.359 1.00 26.94 ? 231 HOH B O     1 
HETATM 1002 O O     . HOH D 2 .  ? -7.052  -10.391 -10.724 1.00 20.63 ? 232 HOH B O     1 
HETATM 1003 O O     . HOH D 2 .  ? -12.858 -16.055 -10.396 1.00 29.90 ? 233 HOH B O     1 
HETATM 1004 O O     . HOH D 2 .  ? -7.783  -16.659 -1.874  1.00 19.57 ? 234 HOH B O     1 
HETATM 1005 O O     . HOH D 2 .  ? -24.599 -16.279 0.609   1.00 28.02 ? 235 HOH B O     1 
HETATM 1006 O O     . HOH D 2 .  ? -26.710 -0.920  7.631   1.00 39.02 ? 236 HOH B O     1 
HETATM 1007 O O     . HOH D 2 .  ? -20.792 3.916   4.558   1.00 30.45 ? 238 HOH B O     1 
HETATM 1008 O O     . HOH D 2 .  ? -21.521 3.397   -3.732  1.00 23.98 ? 239 HOH B O     1 
HETATM 1009 O O     . HOH D 2 .  ? -16.140 -8.377  -15.934 1.00 14.99 ? 240 HOH B O     1 
HETATM 1010 O O     . HOH D 2 .  ? -15.515 5.417   -5.318  1.00 21.38 ? 241 HOH B O     1 
HETATM 1011 O O     . HOH D 2 .  ? -2.591  10.997  -2.204  1.00 6.72  ? 242 HOH B O     1 
HETATM 1012 O O     . HOH D 2 .  ? -24.289 10.303  -2.115  1.00 21.01 ? 244 HOH B O     1 
HETATM 1013 O O     . HOH D 2 .  ? -18.675 -16.014 6.138   1.00 19.09 ? 245 HOH B O     1 
HETATM 1014 O O     . HOH D 2 .  ? -18.767 -11.343 -12.695 1.00 16.97 ? 248 HOH B O     1 
HETATM 1015 O O     . HOH D 2 .  ? -15.842 -3.324  -14.207 1.00 22.92 ? 249 HOH B O     1 
HETATM 1016 O O     . HOH D 2 .  ? -21.681 8.082   2.025   1.00 25.27 ? 251 HOH B O     1 
HETATM 1017 O O     . HOH D 2 .  ? -26.222 -8.678  -2.449  1.00 24.30 ? 253 HOH B O     1 
HETATM 1018 O O     . HOH D 2 .  ? -16.001 -22.976 -3.516  1.00 7.96  ? 254 HOH B O     1 
HETATM 1019 O O     . HOH D 2 .  ? -14.670 -22.693 1.859   1.00 38.32 ? 255 HOH B O     1 
HETATM 1020 O O     . HOH D 2 .  ? -4.353  -19.083 3.086   1.00 19.40 ? 256 HOH B O     1 
HETATM 1021 O O     . HOH D 2 .  ? -3.157  -0.989  -17.689 1.00 23.39 ? 257 HOH B O     1 
HETATM 1022 O O     . HOH D 2 .  ? -19.408 -12.214 -18.729 1.00 24.23 ? 259 HOH B O     1 
HETATM 1023 O O     . HOH D 2 .  ? -17.254 5.108   3.765   1.00 30.76 ? 260 HOH B O     1 
HETATM 1024 O O     . HOH D 2 .  ? -18.539 5.422   7.204   1.00 21.15 ? 261 HOH B O     1 
HETATM 1025 O O     . HOH D 2 .  ? -27.298 -5.556  -4.659  1.00 25.14 ? 262 HOH B O     1 
HETATM 1026 O O     . HOH D 2 .  ? -17.684 -6.482  -20.559 1.00 18.16 ? 264 HOH B O     1 
HETATM 1027 O O     . HOH D 2 .  ? -14.719 1.352   9.793   1.00 13.52 ? 265 HOH B O     1 
HETATM 1028 O O     . HOH D 2 .  ? -9.205  1.670   -14.281 1.00 21.72 ? 266 HOH B O     1 
HETATM 1029 O O     . HOH D 2 .  ? -20.121 2.033   -13.051 1.00 27.16 ? 267 HOH B O     1 
HETATM 1030 O O     . HOH D 2 .  ? -23.094 -18.075 6.946   1.00 20.83 ? 268 HOH B O     1 
HETATM 1031 O O     . HOH D 2 .  ? -21.909 -21.424 4.004   1.00 20.95 ? 269 HOH B O     1 
HETATM 1032 O O     . HOH D 2 .  ? -23.605 -19.976 -1.021  1.00 15.98 ? 270 HOH B O     1 
HETATM 1033 O O     . HOH D 2 .  ? -20.297 -19.839 -5.301  1.00 19.03 ? 271 HOH B O     1 
HETATM 1034 O O     . HOH D 2 .  ? -19.205 -16.769 -15.130 1.00 30.60 ? 272 HOH B O     1 
HETATM 1035 O O     . HOH D 2 .  ? -21.108 -13.968 -15.714 1.00 18.00 ? 273 HOH B O     1 
HETATM 1036 O O     . HOH D 2 .  ? -21.335 9.360   4.403   1.00 19.08 ? 274 HOH B O     1 
HETATM 1037 O O     . HOH D 2 .  ? -12.226 5.543   4.304   1.00 25.59 ? 275 HOH B O     1 
HETATM 1038 O O     . HOH D 2 .  ? -13.792 6.609   2.449   1.00 16.05 ? 276 HOH B O     1 
HETATM 1039 O O     . HOH D 2 .  ? -6.700  -9.114  8.286   1.00 25.95 ? 277 HOH B O     1 
HETATM 1040 O O     . HOH D 2 .  ? -1.262  4.551   -15.789 1.00 30.63 ? 278 HOH B O     1 
HETATM 1041 O O     . HOH D 2 .  ? -13.257 -19.569 -2.647  1.00 18.12 ? 280 HOH B O     1 
HETATM 1042 O O     . HOH D 2 .  ? -10.102 -16.090 3.952   1.00 23.13 ? 281 HOH B O     1 
HETATM 1043 O O     . HOH D 2 .  ? -0.963  -17.115 -2.574  1.00 34.86 ? 282 HOH B O     1 
HETATM 1044 O O     . HOH D 2 .  ? -30.459 -1.801  2.337   1.00 10.86 ? 284 HOH B O     1 
HETATM 1045 O O     . HOH D 2 .  ? -26.492 -10.785 -5.394  1.00 25.78 ? 285 HOH B O     1 
HETATM 1046 O O     . HOH D 2 .  ? -22.193 -7.508  -6.781  1.00 28.98 ? 286 HOH B O     1 
HETATM 1047 O O     . HOH D 2 .  ? -5.987  10.659  -0.846  1.00 29.49 ? 287 HOH B O     1 
HETATM 1048 O O     . HOH D 2 .  ? 8.315   1.803   -13.412 1.00 14.27 ? 288 HOH B O     1 
HETATM 1049 O O     . HOH D 2 .  ? -3.065  -16.100 7.693   1.00 40.69 ? 289 HOH B O     1 
HETATM 1050 O O     . HOH D 2 .  ? -6.039  -24.271 4.319   1.00 45.84 ? 290 HOH B O     1 
HETATM 1051 O O     . HOH D 2 .  ? -11.010 -23.380 4.965   1.00 26.04 ? 292 HOH B O     1 
HETATM 1052 O O     . HOH D 2 .  ? 5.094   -1.723  -15.513 1.00 46.92 ? 293 HOH B O     1 
HETATM 1053 O O     . HOH D 2 .  ? -23.520 3.695   3.603   1.00 13.61 ? 294 HOH B O     1 
HETATM 1054 O O     . HOH D 2 .  ? -6.065  -3.593  -18.981 1.00 29.83 ? 295 HOH B O     1 
HETATM 1055 O O     . HOH D 2 .  ? -14.270 -5.264  -20.615 1.00 35.98 ? 296 HOH B O     1 
HETATM 1056 O O     . HOH D 2 .  ? -16.718 -15.120 -13.633 1.00 18.66 ? 297 HOH B O     1 
HETATM 1057 O O     . HOH D 2 .  ? -11.247 2.958   7.391   1.00 27.02 ? 298 HOH B O     1 
HETATM 1058 O O     . HOH D 2 .  ? -17.238 -1.575  -10.022 1.00 26.22 ? 299 HOH B O     1 
HETATM 1059 O O     . HOH D 2 .  ? -5.425  -2.200  0.627   1.00 24.53 ? 300 HOH B O     1 
HETATM 1060 O O     . HOH D 2 .  ? -13.858 -2.769  -15.980 1.00 31.08 ? 301 HOH B O     1 
HETATM 1061 O O     . HOH D 2 .  ? -23.105 4.272   6.373   1.00 27.15 ? 302 HOH B O     1 
HETATM 1062 O O     . HOH D 2 .  ? -9.720  -14.732 -6.005  1.00 17.37 ? 303 HOH B O     1 
HETATM 1063 O O     . HOH D 2 .  ? -16.762 -7.648  -6.370  1.00 37.12 ? 304 HOH B O     1 
HETATM 1064 O O     . HOH D 2 .  ? -12.641 9.278   -12.083 1.00 36.65 ? 305 HOH B O     1 
HETATM 1065 O O     . HOH D 2 .  ? -2.465  -2.921  -2.277  1.00 26.12 ? 306 HOH B O     1 
HETATM 1066 O O     . HOH D 2 .  ? -1.066  -11.103 0.108   1.00 17.46 ? 307 HOH B O     1 
HETATM 1067 O O     . HOH D 2 .  ? -29.563 -9.285  2.466   1.00 29.81 ? 308 HOH B O     1 
HETATM 1068 O O     . HOH D 2 .  ? -10.100 -4.985  9.215   1.00 27.07 ? 309 HOH B O     1 
HETATM 1069 O O     . HOH D 2 .  ? -26.079 -0.744  0.635   1.00 7.97  ? 310 HOH B O     1 
HETATM 1070 O O     . HOH D 2 .  ? -18.276 -5.902  -4.152  1.00 20.74 ? 311 HOH B O     1 
HETATM 1071 O O     . HOH D 2 .  ? -19.001 -8.006  -11.383 1.00 20.23 ? 312 HOH B O     1 
HETATM 1072 O O     . HOH D 2 .  ? 4.202   2.749   -2.692  1.00 16.50 ? 313 HOH B O     1 
HETATM 1073 O O     . HOH D 2 .  ? -18.368 7.640   3.962   1.00 24.42 ? 314 HOH B O     1 
HETATM 1074 O O     . HOH D 2 .  ? -26.567 -14.052 4.046   1.00 23.27 ? 316 HOH B O     1 
HETATM 1075 O O     . HOH D 2 .  ? -10.143 -1.082  6.973   1.00 14.63 ? 317 HOH B O     1 
HETATM 1076 O O     . HOH D 2 .  ? -4.959  -19.492 5.562   1.00 17.31 ? 318 HOH B O     1 
HETATM 1077 O O     . HOH D 2 .  ? -16.842 0.905   -12.488 1.00 31.57 ? 319 HOH B O     1 
HETATM 1078 O O     . HOH D 2 .  ? -2.161  -16.757 2.385   1.00 24.80 ? 320 HOH B O     1 
HETATM 1079 O O     . HOH D 2 .  ? 1.071   -11.937 -4.975  1.00 27.27 ? 321 HOH B O     1 
# 
